data_3BL8
#
_entry.id   3BL8
#
_cell.length_a   214.723
_cell.length_b   92.567
_cell.length_c   188.408
_cell.angle_alpha   90.000
_cell.angle_beta   98.360
_cell.angle_gamma   90.000
#
_symmetry.space_group_name_H-M   'C 1 2 1'
#
loop_
_entity.id
_entity.type
_entity.pdbx_description
1 polymer Neuroligin-2
2 branched alpha-D-mannopyranose-(1-4)-2-acetamido-2-deoxy-beta-D-glucopyranose-(1-4)-2-acetamido-2-deoxy-beta-D-glucopyranose
3 branched alpha-D-mannopyranose-(1-3)-[alpha-D-mannopyranose-(1-6)]alpha-D-mannopyranose-(1-3)-[alpha-D-mannopyranose-(1-6)]beta-D-mannopyranose-(1-4)-2-acetamido-2-deoxy-beta-D-glucopyranose-(1-4)-2-acetamido-2-deoxy-beta-D-glucopyranose
4 non-polymer 2-acetamido-2-deoxy-beta-D-glucopyranose
5 water water
#
_entity_poly.entity_id   1
_entity_poly.type   'polypeptide(L)'
_entity_poly.pdbx_seq_one_letter_code
;QKPVVNTAYGRVRGVRRELNNEILGPVVQFLGVPYATPPLGARRFQPPEAPASWPGVRNATTLPPACPQNLHGALPAIML
PVWFTDNLEAAATYVQNQSEDCLYLNLYVPTEDGPLTKKRDEATLNPPDTDIRDSGKKPVMLFLHGGSYMEGTGNMFDGS
VLAAYGNVIVVTLNYRLGVLGFLSTGDQAAKGNYGLLDQIQALRWLSENIAHFGGDPERITIFGSGAGASCVNLLILSHH
SEGLFQKAIAQSGTAISSWSVNYQPLKYTRLLAAKVGCDREDSTEAVECLRRKSSRELVDQDVQPARYHIAFGPVVDGDV
VPDDPEILMQQGEFLNYDMLIGVNQGEGLKFVEDSAESEDGVSASAFDFTVSNFVDNLYGYPEGKDVLRETIKFMYTDWA
DRDNGEMRRKTLLALFTDHQWVAPAVATAKLHADYQSPVYFYTFYHHCQAEGRPEWADAAHGDELPYVFGVPMVGATDLF
PCNFSKNDVMLSAVVMTYWTNFAKTGDPNQPVPQDTKFIHTKPNRFEEVVWSKFNSKEKQYLHIGLKPRVRDNYRANKVA
FWLELVPHLHNLHHHHHHHH
;
_entity_poly.pdbx_strand_id   A,B,C,D
#
loop_
_chem_comp.id
_chem_comp.type
_chem_comp.name
_chem_comp.formula
BMA D-saccharide, beta linking beta-D-mannopyranose 'C6 H12 O6'
MAN D-saccharide, alpha linking alpha-D-mannopyranose 'C6 H12 O6'
NAG D-saccharide, beta linking 2-acetamido-2-deoxy-beta-D-glucopyranose 'C8 H15 N O6'
#
# COMPACT_ATOMS: atom_id res chain seq x y z
N GLN A 1 2.88 -43.82 -69.40
CA GLN A 1 2.27 -42.67 -70.12
C GLN A 1 2.93 -41.35 -69.70
N LYS A 2 3.38 -40.60 -70.71
CA LYS A 2 3.95 -39.27 -70.49
C LYS A 2 3.44 -38.28 -71.55
N PRO A 3 2.30 -37.60 -71.27
CA PRO A 3 1.74 -36.58 -72.16
C PRO A 3 2.72 -35.47 -72.51
N VAL A 4 2.33 -34.67 -73.50
CA VAL A 4 3.17 -33.56 -74.01
C VAL A 4 2.34 -32.33 -74.37
N VAL A 5 1.75 -31.67 -73.37
CA VAL A 5 1.16 -30.34 -73.55
C VAL A 5 2.14 -29.43 -74.27
N ASN A 6 1.64 -28.74 -75.28
CA ASN A 6 2.46 -27.80 -76.03
C ASN A 6 2.20 -26.39 -75.53
N THR A 7 3.24 -25.80 -74.93
CA THR A 7 3.14 -24.48 -74.33
C THR A 7 3.53 -23.39 -75.33
N ALA A 8 3.59 -22.16 -74.84
CA ALA A 8 3.96 -21.00 -75.64
C ALA A 8 5.47 -20.76 -75.65
N TYR A 9 6.24 -21.71 -75.11
CA TYR A 9 7.70 -21.64 -75.08
C TYR A 9 8.33 -22.90 -75.62
N GLY A 10 7.55 -23.98 -75.61
CA GLY A 10 7.97 -25.25 -76.22
C GLY A 10 6.95 -26.34 -75.98
N ARG A 11 7.43 -27.59 -75.91
CA ARG A 11 6.57 -28.71 -75.54
C ARG A 11 7.12 -29.36 -74.29
N VAL A 12 6.25 -29.60 -73.31
CA VAL A 12 6.71 -30.20 -72.06
C VAL A 12 6.14 -31.61 -71.86
N ARG A 13 6.96 -32.50 -71.34
CA ARG A 13 6.61 -33.92 -71.22
C ARG A 13 6.61 -34.33 -69.76
N GLY A 14 5.45 -34.77 -69.28
CA GLY A 14 5.31 -35.10 -67.86
C GLY A 14 4.87 -36.51 -67.55
N VAL A 15 5.43 -37.08 -66.47
CA VAL A 15 5.07 -38.41 -65.98
C VAL A 15 3.65 -38.45 -65.40
N ARG A 16 2.95 -39.55 -65.68
CA ARG A 16 1.65 -39.83 -65.08
C ARG A 16 1.91 -40.62 -63.81
N ARG A 17 1.11 -40.38 -62.78
CA ARG A 17 1.33 -41.04 -61.51
C ARG A 17 0.03 -41.56 -60.93
N GLU A 18 0.05 -42.83 -60.52
CA GLU A 18 -1.10 -43.45 -59.90
C GLU A 18 -1.08 -43.10 -58.43
N LEU A 19 -2.18 -42.60 -57.91
CA LEU A 19 -2.20 -42.19 -56.52
C LEU A 19 -2.49 -43.32 -55.55
N ASN A 20 -1.96 -43.18 -54.34
CA ASN A 20 -2.10 -44.18 -53.30
C ASN A 20 -3.49 -44.16 -52.66
N ASN A 21 -4.50 -44.40 -53.49
CA ASN A 21 -5.88 -44.54 -53.02
C ASN A 21 -6.76 -45.20 -54.07
N GLU A 22 -7.72 -45.98 -53.61
CA GLU A 22 -8.71 -46.59 -54.49
C GLU A 22 -9.54 -45.53 -55.20
N ILE A 23 -10.11 -44.61 -54.42
CA ILE A 23 -11.07 -43.64 -54.96
C ILE A 23 -10.44 -42.47 -55.73
N LEU A 24 -9.12 -42.29 -55.62
CA LEU A 24 -8.45 -41.19 -56.31
C LEU A 24 -7.84 -41.62 -57.64
N GLY A 25 -8.15 -40.87 -58.68
CA GLY A 25 -7.67 -41.18 -60.02
C GLY A 25 -6.23 -40.74 -60.23
N PRO A 26 -5.62 -41.16 -61.35
CA PRO A 26 -4.24 -40.78 -61.67
C PRO A 26 -4.11 -39.28 -61.88
N VAL A 27 -2.88 -38.76 -61.89
CA VAL A 27 -2.65 -37.35 -62.22
C VAL A 27 -1.39 -37.19 -63.07
N VAL A 28 -1.49 -36.46 -64.17
CA VAL A 28 -0.32 -36.14 -64.99
C VAL A 28 0.47 -35.05 -64.25
N GLN A 29 1.77 -35.27 -64.11
CA GLN A 29 2.63 -34.29 -63.42
C GLN A 29 3.61 -33.59 -64.35
N PHE A 30 3.62 -32.26 -64.31
CA PHE A 30 4.60 -31.48 -65.05
C PHE A 30 5.59 -30.77 -64.13
N LEU A 31 6.68 -31.45 -63.83
CA LEU A 31 7.60 -30.97 -62.82
C LEU A 31 8.74 -30.10 -63.37
N GLY A 32 8.93 -28.94 -62.76
CA GLY A 32 10.07 -28.07 -63.08
C GLY A 32 10.00 -27.47 -64.47
N VAL A 33 8.81 -27.08 -64.90
CA VAL A 33 8.68 -26.23 -66.07
C VAL A 33 9.02 -24.77 -65.66
N PRO A 34 9.87 -24.09 -66.45
CA PRO A 34 10.38 -22.75 -66.20
C PRO A 34 9.37 -21.63 -66.47
N TYR A 35 9.26 -20.69 -65.54
CA TYR A 35 8.37 -19.54 -65.76
C TYR A 35 9.09 -18.22 -65.97
N ALA A 36 10.43 -18.25 -65.94
CA ALA A 36 11.24 -17.06 -66.19
C ALA A 36 12.62 -17.40 -66.70
N THR A 37 13.32 -16.40 -67.22
CA THR A 37 14.76 -16.50 -67.43
C THR A 37 15.40 -16.58 -66.03
N PRO A 38 16.42 -17.45 -65.87
CA PRO A 38 17.04 -17.62 -64.57
C PRO A 38 17.65 -16.29 -64.13
N PRO A 39 17.36 -15.84 -62.90
CA PRO A 39 17.76 -14.50 -62.47
C PRO A 39 19.26 -14.44 -62.08
N LEU A 40 20.13 -14.68 -63.07
CA LEU A 40 21.53 -15.04 -62.81
C LEU A 40 22.59 -13.94 -62.88
N GLY A 41 22.59 -13.15 -63.95
CA GLY A 41 23.68 -12.20 -64.18
C GLY A 41 23.50 -10.87 -63.48
N ALA A 42 23.56 -9.80 -64.27
CA ALA A 42 23.08 -8.52 -63.83
C ALA A 42 21.57 -8.65 -63.81
N ARG A 43 21.13 -9.88 -63.62
CA ARG A 43 19.73 -10.25 -63.52
C ARG A 43 19.32 -10.52 -62.07
N ARG A 44 20.31 -10.65 -61.19
CA ARG A 44 20.08 -10.67 -59.75
C ARG A 44 19.61 -9.29 -59.27
N PHE A 45 18.70 -9.28 -58.29
CA PHE A 45 18.04 -8.04 -57.85
C PHE A 45 17.45 -7.29 -59.05
N GLN A 46 16.67 -8.03 -59.84
CA GLN A 46 15.97 -7.50 -61.00
C GLN A 46 14.67 -8.26 -61.11
N PRO A 47 13.66 -7.66 -61.76
CA PRO A 47 12.42 -8.41 -61.88
C PRO A 47 12.64 -9.58 -62.84
N PRO A 48 11.83 -10.64 -62.73
CA PRO A 48 12.04 -11.78 -63.62
C PRO A 48 11.52 -11.45 -65.00
N GLU A 49 12.17 -11.99 -66.03
CA GLU A 49 11.72 -11.82 -67.42
C GLU A 49 11.21 -13.14 -68.03
N ALA A 50 10.41 -13.04 -69.09
CA ALA A 50 9.80 -14.21 -69.70
C ALA A 50 10.87 -15.25 -70.04
N PRO A 51 10.52 -16.56 -69.96
CA PRO A 51 11.54 -17.60 -70.18
C PRO A 51 11.92 -17.78 -71.65
N ALA A 52 13.06 -18.43 -71.88
CA ALA A 52 13.58 -18.62 -73.22
C ALA A 52 12.84 -19.72 -73.97
N SER A 53 12.44 -19.44 -75.21
CA SER A 53 11.67 -20.40 -76.01
C SER A 53 12.57 -21.47 -76.65
N TRP A 54 12.44 -22.72 -76.18
CA TRP A 54 13.24 -23.82 -76.69
C TRP A 54 12.59 -24.49 -77.90
N PRO A 55 13.42 -25.10 -78.78
CA PRO A 55 12.88 -25.69 -80.00
C PRO A 55 12.44 -27.14 -79.82
N GLY A 56 13.06 -27.85 -78.89
CA GLY A 56 12.81 -29.28 -78.70
C GLY A 56 11.61 -29.59 -77.83
N VAL A 57 11.64 -30.77 -77.23
CA VAL A 57 10.60 -31.21 -76.27
C VAL A 57 11.24 -31.26 -74.87
N ARG A 58 10.64 -30.55 -73.92
CA ARG A 58 11.24 -30.40 -72.60
C ARG A 58 10.77 -31.48 -71.63
N ASN A 59 11.62 -31.84 -70.67
CA ASN A 59 11.26 -32.89 -69.73
C ASN A 59 10.75 -32.42 -68.36
N ALA A 60 9.45 -32.11 -68.30
CA ALA A 60 8.79 -31.77 -67.05
C ALA A 60 8.57 -33.13 -66.39
N THR A 61 9.66 -33.73 -65.93
CA THR A 61 9.67 -35.12 -65.51
C THR A 61 10.17 -35.17 -64.06
N THR A 62 11.24 -34.44 -63.78
CA THR A 62 11.86 -34.42 -62.45
C THR A 62 11.63 -33.10 -61.71
N LEU A 63 11.75 -33.14 -60.38
CA LEU A 63 11.60 -31.93 -59.58
C LEU A 63 12.73 -30.94 -59.84
N PRO A 64 12.42 -29.63 -59.76
CA PRO A 64 13.42 -28.59 -59.92
C PRO A 64 14.29 -28.43 -58.70
N PRO A 65 15.41 -27.70 -58.82
CA PRO A 65 16.17 -27.25 -57.65
C PRO A 65 15.37 -26.27 -56.82
N ALA A 66 15.85 -26.02 -55.61
CA ALA A 66 15.24 -25.04 -54.72
C ALA A 66 16.12 -23.81 -54.65
N CYS A 67 15.49 -22.64 -54.55
CA CYS A 67 16.24 -21.38 -54.48
C CYS A 67 17.08 -21.33 -53.20
N PRO A 68 18.26 -20.69 -53.27
CA PRO A 68 19.26 -20.82 -52.22
C PRO A 68 18.81 -20.30 -50.87
N GLN A 69 18.92 -21.16 -49.86
CA GLN A 69 18.54 -20.82 -48.49
C GLN A 69 19.52 -21.52 -47.58
N ASN A 70 19.51 -21.17 -46.29
CA ASN A 70 20.33 -21.90 -45.31
C ASN A 70 19.53 -22.43 -44.12
N LEU A 71 19.13 -23.70 -44.24
CA LEU A 71 18.21 -24.36 -43.30
C LEU A 71 18.82 -24.66 -41.94
N HIS A 72 20.10 -24.36 -41.79
CA HIS A 72 20.77 -24.63 -40.54
C HIS A 72 21.43 -23.35 -40.03
N GLY A 73 20.60 -22.35 -39.76
CA GLY A 73 21.07 -21.07 -39.22
C GLY A 73 19.98 -20.06 -38.97
N ALA A 74 19.70 -19.24 -39.99
CA ALA A 74 18.69 -18.17 -39.92
C ALA A 74 17.42 -18.89 -39.39
N LEU A 75 17.05 -18.54 -38.17
CA LEU A 75 16.04 -19.29 -37.41
C LEU A 75 14.91 -18.35 -36.94
N PRO A 76 14.11 -17.79 -37.88
CA PRO A 76 12.89 -17.14 -37.44
C PRO A 76 11.84 -18.18 -37.01
N ALA A 77 12.30 -19.20 -36.28
CA ALA A 77 11.47 -20.29 -35.80
C ALA A 77 10.09 -19.87 -35.30
N ILE A 78 10.00 -18.69 -34.67
CA ILE A 78 8.73 -18.20 -34.14
C ILE A 78 7.67 -18.09 -35.23
N MET A 79 8.08 -17.69 -36.44
CA MET A 79 7.11 -17.50 -37.51
C MET A 79 7.01 -18.69 -38.48
N LEU A 80 7.90 -19.66 -38.30
CA LEU A 80 7.87 -20.88 -39.11
C LEU A 80 6.77 -21.79 -38.61
N PRO A 81 6.13 -22.54 -39.52
CA PRO A 81 5.06 -23.42 -39.08
C PRO A 81 5.64 -24.55 -38.26
N VAL A 82 4.93 -24.93 -37.19
CA VAL A 82 5.44 -25.87 -36.21
C VAL A 82 5.86 -27.20 -36.84
N TRP A 83 5.20 -27.60 -37.92
CA TRP A 83 5.58 -28.85 -38.59
C TRP A 83 6.99 -28.78 -39.19
N PHE A 84 7.37 -27.59 -39.64
CA PHE A 84 8.68 -27.35 -40.25
C PHE A 84 9.82 -27.49 -39.24
N THR A 85 9.85 -26.60 -38.23
CA THR A 85 10.90 -26.62 -37.22
C THR A 85 10.97 -27.96 -36.50
N ASP A 86 9.81 -28.59 -36.30
CA ASP A 86 9.71 -29.91 -35.69
C ASP A 86 10.41 -30.98 -36.52
N ASN A 87 10.47 -30.76 -37.82
CA ASN A 87 11.07 -31.72 -38.75
C ASN A 87 12.12 -31.11 -39.66
N LEU A 88 12.95 -30.24 -39.09
CA LEU A 88 14.05 -29.63 -39.81
C LEU A 88 14.78 -30.69 -40.62
N GLU A 89 15.09 -31.81 -39.97
CA GLU A 89 15.82 -32.92 -40.59
C GLU A 89 15.21 -33.32 -41.92
N ALA A 90 13.95 -33.74 -41.88
CA ALA A 90 13.22 -34.22 -43.06
C ALA A 90 12.93 -33.10 -44.05
N ALA A 91 12.64 -31.91 -43.53
CA ALA A 91 12.36 -30.75 -44.36
C ALA A 91 13.57 -30.32 -45.18
N ALA A 92 14.76 -30.47 -44.59
CA ALA A 92 16.02 -30.12 -45.26
C ALA A 92 16.22 -30.98 -46.50
N THR A 93 15.77 -32.23 -46.43
CA THR A 93 15.98 -33.18 -47.52
C THR A 93 15.39 -32.68 -48.83
N TYR A 94 14.47 -31.71 -48.71
CA TYR A 94 13.73 -31.17 -49.85
C TYR A 94 14.44 -30.01 -50.54
N VAL A 95 15.43 -29.43 -49.84
CA VAL A 95 16.22 -28.31 -50.38
C VAL A 95 17.69 -28.71 -50.52
N GLN A 96 17.91 -30.00 -50.72
CA GLN A 96 19.25 -30.57 -50.73
C GLN A 96 20.03 -30.12 -51.96
N ASN A 97 19.33 -29.85 -53.06
CA ASN A 97 19.99 -29.40 -54.28
C ASN A 97 19.50 -28.01 -54.65
N GLN A 98 20.29 -27.00 -54.33
CA GLN A 98 19.88 -25.61 -54.56
C GLN A 98 20.53 -25.02 -55.79
N SER A 99 20.00 -23.91 -56.28
CA SER A 99 20.61 -23.15 -57.37
C SER A 99 19.99 -21.76 -57.48
N GLU A 100 20.80 -20.76 -57.86
CA GLU A 100 20.26 -19.42 -58.07
C GLU A 100 19.27 -19.49 -59.22
N ASP A 101 19.55 -20.40 -60.15
CA ASP A 101 18.67 -20.78 -61.24
C ASP A 101 17.64 -21.77 -60.72
N CYS A 102 16.45 -21.29 -60.42
CA CYS A 102 15.46 -22.10 -59.70
C CYS A 102 14.02 -21.78 -60.04
N LEU A 103 13.84 -20.77 -60.88
CA LEU A 103 12.52 -20.20 -61.10
C LEU A 103 11.57 -21.10 -61.90
N TYR A 104 11.06 -22.15 -61.24
CA TYR A 104 10.13 -23.08 -61.85
C TYR A 104 8.90 -23.37 -60.99
N LEU A 105 7.77 -23.54 -61.66
CA LEU A 105 6.57 -24.12 -61.06
C LEU A 105 6.44 -25.60 -61.45
N ASN A 106 5.56 -26.30 -60.73
CA ASN A 106 5.21 -27.68 -61.01
C ASN A 106 3.71 -27.79 -61.15
N LEU A 107 3.27 -28.61 -62.09
CA LEU A 107 1.84 -28.81 -62.29
C LEU A 107 1.37 -30.18 -61.89
N TYR A 108 0.13 -30.22 -61.43
CA TYR A 108 -0.50 -31.42 -60.94
C TYR A 108 -1.87 -31.47 -61.60
N VAL A 109 -1.91 -32.06 -62.80
CA VAL A 109 -3.11 -32.09 -63.62
C VAL A 109 -3.85 -33.40 -63.34
N PRO A 110 -5.13 -33.33 -62.91
CA PRO A 110 -5.92 -34.54 -62.65
C PRO A 110 -6.37 -35.25 -63.93
N THR A 111 -7.11 -36.35 -63.77
CA THR A 111 -7.55 -37.17 -64.89
C THR A 111 -9.02 -37.54 -64.78
N GLU A 112 -9.62 -37.29 -63.61
CA GLU A 112 -11.01 -37.72 -63.34
C GLU A 112 -11.93 -36.55 -63.03
N ASP A 113 -13.12 -36.83 -62.50
CA ASP A 113 -14.02 -35.78 -62.02
C ASP A 113 -13.97 -35.66 -60.49
N GLY A 114 -12.89 -36.16 -59.90
CA GLY A 114 -12.77 -36.27 -58.45
C GLY A 114 -12.80 -37.73 -58.03
N PRO A 115 -13.24 -38.01 -56.78
CA PRO A 115 -13.37 -39.38 -56.28
C PRO A 115 -14.18 -40.24 -57.24
N LEU A 116 -14.03 -41.55 -57.14
CA LEU A 116 -14.71 -42.43 -58.07
C LEU A 116 -15.65 -43.43 -57.39
N THR A 117 -16.60 -43.95 -58.16
CA THR A 117 -17.21 -45.23 -57.88
C THR A 117 -16.12 -46.26 -58.22
N LYS A 118 -15.92 -47.25 -57.35
CA LYS A 118 -14.96 -48.33 -57.61
C LYS A 118 -15.11 -48.79 -59.08
N LYS A 119 -16.37 -48.86 -59.52
CA LYS A 119 -16.75 -49.14 -60.91
C LYS A 119 -15.89 -48.40 -61.93
N ASP A 134 -15.28 -31.91 -75.79
CA ASP A 134 -16.13 -31.98 -74.61
C ASP A 134 -15.39 -31.61 -73.32
N SER A 135 -14.07 -31.78 -73.31
CA SER A 135 -13.25 -31.60 -72.10
C SER A 135 -13.30 -30.18 -71.53
N GLY A 136 -13.89 -30.05 -70.34
CA GLY A 136 -13.97 -28.76 -69.64
C GLY A 136 -12.67 -28.19 -69.09
N LYS A 137 -12.67 -26.89 -68.82
CA LYS A 137 -11.48 -26.21 -68.30
C LYS A 137 -11.51 -26.13 -66.77
N LYS A 138 -10.35 -26.40 -66.17
CA LYS A 138 -10.25 -26.62 -64.74
C LYS A 138 -9.72 -25.40 -63.99
N PRO A 139 -10.26 -25.15 -62.79
CA PRO A 139 -9.62 -24.18 -61.93
C PRO A 139 -8.14 -24.50 -61.74
N VAL A 140 -7.32 -23.46 -61.59
CA VAL A 140 -5.92 -23.63 -61.22
C VAL A 140 -5.74 -23.07 -59.82
N MET A 141 -5.12 -23.85 -58.95
CA MET A 141 -4.80 -23.36 -57.62
C MET A 141 -3.29 -23.24 -57.42
N LEU A 142 -2.82 -21.99 -57.46
CA LEU A 142 -1.40 -21.72 -57.25
C LEU A 142 -1.11 -21.65 -55.76
N PHE A 143 -0.08 -22.39 -55.34
CA PHE A 143 0.28 -22.43 -53.94
C PHE A 143 1.55 -21.66 -53.63
N LEU A 144 1.37 -20.55 -52.91
CA LEU A 144 2.46 -19.73 -52.41
C LEU A 144 2.99 -20.30 -51.09
N HIS A 145 4.14 -20.96 -51.15
CA HIS A 145 4.76 -21.59 -49.98
C HIS A 145 5.65 -20.56 -49.29
N GLY A 146 6.10 -20.87 -48.07
CA GLY A 146 7.04 -19.98 -47.39
C GLY A 146 6.67 -19.65 -45.94
N GLY A 147 7.62 -19.88 -45.04
CA GLY A 147 7.44 -19.65 -43.61
C GLY A 147 7.93 -18.31 -43.09
N SER A 148 9.09 -17.86 -43.57
CA SER A 148 9.75 -16.60 -43.18
C SER A 148 10.30 -15.77 -44.36
N TYR A 149 9.98 -16.18 -45.60
CA TYR A 149 10.52 -15.57 -46.83
C TYR A 149 11.97 -16.01 -47.07
N MET A 150 12.44 -17.00 -46.32
CA MET A 150 13.87 -17.27 -46.29
C MET A 150 14.17 -18.73 -46.69
N GLU A 151 13.15 -19.57 -46.56
CA GLU A 151 13.28 -21.03 -46.67
C GLU A 151 12.22 -21.63 -47.58
N GLY A 152 12.27 -22.94 -47.73
CA GLY A 152 11.21 -23.68 -48.40
C GLY A 152 11.32 -23.91 -49.90
N THR A 153 10.41 -24.72 -50.41
CA THR A 153 10.29 -24.98 -51.83
C THR A 153 8.94 -25.62 -52.09
N GLY A 154 8.22 -25.11 -53.09
CA GLY A 154 6.92 -25.64 -53.48
C GLY A 154 7.02 -27.15 -53.63
N ASN A 155 8.25 -27.63 -53.82
CA ASN A 155 8.54 -29.05 -53.97
C ASN A 155 8.14 -29.89 -52.75
N MET A 156 7.93 -29.22 -51.62
CA MET A 156 7.53 -29.92 -50.39
C MET A 156 6.09 -30.38 -50.43
N PHE A 157 5.30 -29.79 -51.31
CA PHE A 157 3.90 -30.12 -51.34
C PHE A 157 3.51 -30.85 -52.63
N ASP A 158 3.23 -32.14 -52.46
CA ASP A 158 2.86 -32.99 -53.58
C ASP A 158 1.36 -32.82 -53.82
N GLY A 159 1.00 -31.80 -54.58
CA GLY A 159 -0.41 -31.44 -54.77
C GLY A 159 -1.23 -32.35 -55.66
N SER A 160 -0.84 -33.61 -55.76
CA SER A 160 -1.55 -34.58 -56.61
C SER A 160 -2.92 -34.93 -56.04
N VAL A 161 -2.97 -35.44 -54.80
CA VAL A 161 -4.25 -35.68 -54.13
C VAL A 161 -5.27 -34.55 -54.36
N LEU A 162 -4.96 -33.32 -53.90
CA LEU A 162 -5.87 -32.17 -54.05
C LEU A 162 -6.44 -32.12 -55.46
N ALA A 163 -5.54 -32.08 -56.44
CA ALA A 163 -5.91 -32.04 -57.85
C ALA A 163 -6.88 -33.16 -58.20
N ALA A 164 -6.57 -34.38 -57.76
CA ALA A 164 -7.35 -35.55 -58.14
C ALA A 164 -8.68 -35.64 -57.41
N TYR A 165 -8.72 -35.15 -56.18
CA TYR A 165 -9.92 -35.21 -55.38
C TYR A 165 -10.83 -34.07 -55.78
N GLY A 166 -10.29 -32.86 -55.87
CA GLY A 166 -11.09 -31.66 -56.14
C GLY A 166 -11.39 -31.35 -57.60
N ASN A 167 -10.70 -32.06 -58.50
CA ASN A 167 -10.74 -31.82 -59.94
C ASN A 167 -10.32 -30.40 -60.34
N VAL A 168 -9.18 -29.98 -59.80
CA VAL A 168 -8.55 -28.70 -60.11
C VAL A 168 -7.08 -28.96 -60.46
N ILE A 169 -6.44 -28.11 -61.26
CA ILE A 169 -5.00 -28.26 -61.45
C ILE A 169 -4.28 -27.54 -60.31
N VAL A 170 -3.63 -28.29 -59.43
CA VAL A 170 -2.92 -27.68 -58.31
C VAL A 170 -1.53 -27.38 -58.83
N VAL A 171 -1.06 -26.15 -58.68
CA VAL A 171 0.30 -25.82 -59.09
C VAL A 171 1.15 -25.15 -57.99
N THR A 172 2.35 -25.68 -57.77
CA THR A 172 3.33 -25.12 -56.82
C THR A 172 4.58 -24.61 -57.54
N LEU A 173 5.26 -23.64 -56.93
CA LEU A 173 6.40 -23.01 -57.58
C LEU A 173 7.53 -22.73 -56.59
N ASN A 174 8.66 -22.27 -57.13
CA ASN A 174 9.76 -21.69 -56.38
C ASN A 174 10.02 -20.27 -56.85
N TYR A 175 10.17 -19.36 -55.89
CA TYR A 175 10.45 -17.96 -56.14
C TYR A 175 11.58 -17.62 -55.20
N ARG A 176 12.38 -16.64 -55.58
CA ARG A 176 13.57 -16.25 -54.85
C ARG A 176 13.27 -15.92 -53.39
N LEU A 177 13.98 -16.58 -52.49
CA LEU A 177 13.88 -16.32 -51.05
C LEU A 177 14.95 -15.34 -50.57
N GLY A 178 14.79 -14.88 -49.33
CA GLY A 178 15.85 -14.24 -48.53
C GLY A 178 16.61 -13.10 -49.19
N VAL A 179 17.94 -13.10 -49.03
CA VAL A 179 18.77 -12.06 -49.61
C VAL A 179 18.46 -11.88 -51.09
N LEU A 180 18.53 -12.98 -51.84
CA LEU A 180 18.38 -12.95 -53.30
C LEU A 180 16.99 -12.54 -53.78
N GLY A 181 15.99 -12.81 -52.96
CA GLY A 181 14.62 -12.54 -53.33
C GLY A 181 14.12 -11.19 -52.86
N PHE A 182 14.76 -10.63 -51.83
CA PHE A 182 14.15 -9.52 -51.09
C PHE A 182 15.07 -8.38 -50.66
N LEU A 183 16.38 -8.52 -50.85
CA LEU A 183 17.31 -7.44 -50.54
C LEU A 183 16.88 -6.15 -51.22
N SER A 184 16.64 -5.12 -50.43
CA SER A 184 16.28 -3.81 -50.96
C SER A 184 17.11 -2.72 -50.33
N THR A 185 17.40 -1.68 -51.11
CA THR A 185 18.14 -0.54 -50.61
C THR A 185 17.21 0.63 -50.32
N GLY A 186 15.94 0.51 -50.69
CA GLY A 186 15.03 1.66 -50.74
C GLY A 186 15.41 2.67 -51.82
N ASP A 187 16.42 2.34 -52.62
CA ASP A 187 16.90 3.16 -53.73
C ASP A 187 16.43 2.58 -55.05
N GLN A 188 16.81 3.25 -56.14
CA GLN A 188 16.66 2.66 -57.48
C GLN A 188 17.64 1.52 -57.66
N ALA A 189 18.68 1.50 -56.82
CA ALA A 189 19.71 0.46 -56.78
C ALA A 189 19.13 -0.96 -56.59
N ALA A 190 18.10 -1.05 -55.76
CA ALA A 190 17.45 -2.31 -55.47
C ALA A 190 16.17 -2.03 -54.69
N LYS A 191 15.08 -1.86 -55.43
CA LYS A 191 13.75 -1.63 -54.85
C LYS A 191 13.27 -2.86 -54.11
N GLY A 192 13.75 -4.03 -54.55
CA GLY A 192 13.52 -5.30 -53.86
C GLY A 192 12.20 -5.93 -54.28
N ASN A 193 11.63 -6.72 -53.37
CA ASN A 193 10.36 -7.38 -53.67
C ASN A 193 10.38 -8.38 -54.84
N TYR A 194 11.56 -8.93 -55.16
CA TYR A 194 11.72 -9.81 -56.33
C TYR A 194 10.87 -11.08 -56.27
N GLY A 195 11.06 -11.90 -55.24
CA GLY A 195 10.13 -13.01 -54.95
C GLY A 195 8.67 -12.75 -55.31
N LEU A 196 8.12 -11.62 -54.87
CA LEU A 196 6.74 -11.30 -55.17
C LEU A 196 6.55 -11.18 -56.68
N LEU A 197 7.52 -10.54 -57.32
CA LEU A 197 7.49 -10.33 -58.76
C LEU A 197 7.56 -11.68 -59.48
N ASP A 198 8.38 -12.60 -58.94
CA ASP A 198 8.41 -13.99 -59.38
C ASP A 198 7.04 -14.64 -59.33
N GLN A 199 6.42 -14.68 -58.16
CA GLN A 199 5.06 -15.20 -58.05
C GLN A 199 4.17 -14.58 -59.14
N ILE A 200 4.37 -13.29 -59.40
CA ILE A 200 3.54 -12.60 -60.38
C ILE A 200 3.87 -13.05 -61.79
N GLN A 201 5.14 -13.36 -62.02
CA GLN A 201 5.62 -13.89 -63.31
C GLN A 201 5.10 -15.31 -63.54
N ALA A 202 5.02 -16.09 -62.47
CA ALA A 202 4.38 -17.40 -62.54
C ALA A 202 2.91 -17.17 -62.88
N LEU A 203 2.26 -16.28 -62.12
CA LEU A 203 0.89 -15.92 -62.42
C LEU A 203 0.72 -15.57 -63.89
N ARG A 204 1.57 -14.68 -64.41
CA ARG A 204 1.55 -14.38 -65.84
C ARG A 204 1.67 -15.62 -66.72
N TRP A 205 2.55 -16.55 -66.31
CA TRP A 205 2.81 -17.78 -67.08
C TRP A 205 1.60 -18.68 -67.09
N LEU A 206 1.06 -18.93 -65.91
CA LEU A 206 -0.17 -19.69 -65.77
C LEU A 206 -1.28 -19.06 -66.60
N SER A 207 -1.54 -17.78 -66.39
CA SER A 207 -2.60 -17.09 -67.10
C SER A 207 -2.50 -17.23 -68.63
N GLU A 208 -1.28 -17.38 -69.14
CA GLU A 208 -1.07 -17.42 -70.59
C GLU A 208 -1.06 -18.84 -71.17
N ASN A 209 -0.58 -19.78 -70.38
CA ASN A 209 -0.31 -21.12 -70.87
C ASN A 209 -1.17 -22.22 -70.26
N ILE A 210 -1.82 -21.93 -69.13
CA ILE A 210 -2.43 -23.00 -68.36
C ILE A 210 -3.53 -23.67 -69.14
N ALA A 211 -4.17 -22.91 -70.03
CA ALA A 211 -5.24 -23.43 -70.85
C ALA A 211 -4.78 -24.57 -71.76
N HIS A 212 -3.49 -24.56 -72.13
CA HIS A 212 -2.89 -25.65 -72.88
C HIS A 212 -2.96 -26.97 -72.10
N PHE A 213 -2.93 -26.87 -70.78
CA PHE A 213 -3.07 -28.04 -69.92
C PHE A 213 -4.55 -28.25 -69.58
N GLY A 214 -5.43 -27.46 -70.18
CA GLY A 214 -6.84 -27.57 -69.88
C GLY A 214 -7.19 -26.85 -68.59
N GLY A 215 -6.42 -25.83 -68.27
CA GLY A 215 -6.74 -24.94 -67.16
C GLY A 215 -7.65 -23.82 -67.62
N ASP A 216 -8.46 -23.34 -66.69
CA ASP A 216 -9.29 -22.17 -66.88
C ASP A 216 -8.54 -20.98 -66.31
N PRO A 217 -8.01 -20.11 -67.19
CA PRO A 217 -7.27 -18.94 -66.76
C PRO A 217 -8.15 -17.90 -66.07
N GLU A 218 -9.46 -18.01 -66.25
CA GLU A 218 -10.39 -17.13 -65.56
C GLU A 218 -10.68 -17.59 -64.14
N ARG A 219 -10.15 -18.75 -63.74
CA ARG A 219 -10.34 -19.25 -62.36
C ARG A 219 -9.08 -19.71 -61.64
N ILE A 220 -8.00 -18.92 -61.83
CA ILE A 220 -6.77 -19.03 -61.04
C ILE A 220 -6.98 -18.45 -59.63
N THR A 221 -6.60 -19.25 -58.65
CA THR A 221 -6.76 -18.93 -57.24
C THR A 221 -5.38 -19.09 -56.59
N ILE A 222 -4.92 -18.06 -55.90
CA ILE A 222 -3.68 -18.23 -55.14
C ILE A 222 -3.97 -18.55 -53.68
N PHE A 223 -3.19 -19.47 -53.12
CA PHE A 223 -3.41 -19.82 -51.72
C PHE A 223 -2.15 -20.09 -50.97
N GLY A 224 -2.03 -19.41 -49.82
CA GLY A 224 -0.82 -19.49 -49.04
C GLY A 224 -1.15 -19.88 -47.63
N SER A 225 -0.11 -19.95 -46.81
CA SER A 225 -0.24 -20.22 -45.39
C SER A 225 0.96 -19.57 -44.72
N GLY A 226 0.77 -19.01 -43.54
CA GLY A 226 1.84 -18.20 -42.93
C GLY A 226 2.38 -17.18 -43.92
N ALA A 227 3.71 -17.07 -43.98
CA ALA A 227 4.37 -16.09 -44.87
C ALA A 227 3.77 -16.04 -46.28
N GLY A 228 3.66 -17.21 -46.92
CA GLY A 228 2.99 -17.35 -48.23
C GLY A 228 1.61 -16.72 -48.28
N ALA A 229 0.85 -16.88 -47.19
CA ALA A 229 -0.43 -16.21 -47.04
C ALA A 229 -0.32 -14.68 -46.93
N SER A 230 0.86 -14.18 -46.54
CA SER A 230 1.12 -12.74 -46.62
C SER A 230 1.19 -12.35 -48.08
N CYS A 231 2.04 -13.05 -48.82
CA CYS A 231 2.16 -12.81 -50.24
C CYS A 231 0.79 -12.78 -50.93
N VAL A 232 -0.05 -13.78 -50.60
CA VAL A 232 -1.44 -13.82 -51.06
C VAL A 232 -2.06 -12.44 -50.87
N ASN A 233 -1.95 -11.93 -49.65
CA ASN A 233 -2.52 -10.64 -49.31
C ASN A 233 -1.81 -9.48 -49.99
N LEU A 234 -0.50 -9.57 -50.11
CA LEU A 234 0.28 -8.55 -50.79
C LEU A 234 -0.06 -8.50 -52.28
N LEU A 235 -0.18 -9.66 -52.90
CA LEU A 235 -0.55 -9.74 -54.30
C LEU A 235 -1.95 -9.18 -54.57
N ILE A 236 -2.90 -9.46 -53.68
CA ILE A 236 -4.21 -8.78 -53.71
C ILE A 236 -4.08 -7.25 -53.77
N LEU A 237 -3.08 -6.72 -53.04
CA LEU A 237 -2.84 -5.28 -52.96
C LEU A 237 -1.88 -4.66 -54.01
N SER A 238 -1.16 -5.50 -54.77
CA SER A 238 -0.11 -5.05 -55.70
C SER A 238 -0.55 -4.62 -57.08
N HIS A 239 -0.06 -3.46 -57.51
CA HIS A 239 -0.40 -2.89 -58.82
C HIS A 239 -0.15 -3.84 -59.98
N HIS A 240 0.76 -4.80 -59.77
CA HIS A 240 1.20 -5.70 -60.82
C HIS A 240 0.21 -6.83 -61.09
N SER A 241 -0.27 -7.48 -60.04
CA SER A 241 -1.34 -8.46 -60.19
C SER A 241 -2.55 -7.72 -60.71
N GLU A 242 -3.02 -8.06 -61.90
CA GLU A 242 -4.26 -7.45 -62.37
C GLU A 242 -5.22 -8.45 -62.99
N GLY A 243 -4.97 -8.81 -64.25
CA GLY A 243 -5.82 -9.75 -64.97
C GLY A 243 -5.31 -11.16 -64.77
N LEU A 244 -4.28 -11.34 -63.94
CA LEU A 244 -3.73 -12.67 -63.79
C LEU A 244 -4.64 -13.62 -63.00
N PHE A 245 -4.85 -13.34 -61.72
CA PHE A 245 -5.64 -14.20 -60.84
C PHE A 245 -6.82 -13.45 -60.28
N GLN A 246 -7.73 -14.16 -59.61
CA GLN A 246 -8.98 -13.54 -59.15
C GLN A 246 -9.63 -14.14 -57.89
N LYS A 247 -8.92 -15.01 -57.17
CA LYS A 247 -9.39 -15.51 -55.88
C LYS A 247 -8.19 -15.78 -55.01
N ALA A 248 -8.34 -15.51 -53.72
CA ALA A 248 -7.23 -15.60 -52.79
C ALA A 248 -7.67 -16.37 -51.56
N ILE A 249 -6.83 -17.29 -51.10
CA ILE A 249 -7.07 -17.97 -49.85
C ILE A 249 -5.91 -17.62 -48.93
N ALA A 250 -6.21 -16.93 -47.84
CA ALA A 250 -5.16 -16.56 -46.88
C ALA A 250 -5.27 -17.38 -45.60
N GLN A 251 -4.40 -18.37 -45.45
CA GLN A 251 -4.44 -19.21 -44.26
C GLN A 251 -3.32 -18.82 -43.28
N SER A 252 -3.72 -18.30 -42.10
CA SER A 252 -2.76 -17.93 -41.04
C SER A 252 -1.70 -16.94 -41.53
N GLY A 253 -2.12 -15.99 -42.36
CA GLY A 253 -1.18 -15.07 -42.98
C GLY A 253 -1.90 -13.80 -43.35
N THR A 254 -1.13 -12.72 -43.51
CA THR A 254 -1.67 -11.36 -43.51
C THR A 254 -0.60 -10.32 -43.91
N ALA A 255 -1.02 -9.23 -44.54
CA ALA A 255 -0.08 -8.20 -45.01
C ALA A 255 0.18 -7.09 -43.97
N ILE A 256 -0.22 -7.32 -42.73
CA ILE A 256 -0.20 -6.26 -41.71
C ILE A 256 0.33 -6.74 -40.35
N SER A 257 0.72 -8.01 -40.28
CA SER A 257 1.37 -8.56 -39.09
C SER A 257 2.74 -7.92 -38.89
N SER A 258 3.25 -8.02 -37.66
CA SER A 258 4.55 -7.45 -37.32
C SER A 258 5.69 -7.97 -38.19
N TRP A 259 5.41 -8.98 -39.01
CA TRP A 259 6.44 -9.65 -39.79
C TRP A 259 6.04 -9.90 -41.24
N SER A 260 4.96 -9.30 -41.70
CA SER A 260 4.61 -9.42 -43.11
C SER A 260 5.43 -8.52 -44.05
N VAL A 261 5.76 -7.31 -43.61
CA VAL A 261 6.57 -6.37 -44.42
C VAL A 261 7.72 -5.78 -43.60
N ASN A 262 8.85 -5.55 -44.27
CA ASN A 262 10.04 -4.98 -43.65
C ASN A 262 10.23 -3.50 -43.98
N TYR A 263 10.15 -2.68 -42.93
CA TYR A 263 10.28 -1.23 -43.10
C TYR A 263 11.68 -0.76 -42.74
N GLN A 264 12.65 -1.69 -42.72
CA GLN A 264 14.03 -1.36 -42.49
C GLN A 264 14.96 -2.12 -43.46
N PRO A 265 14.77 -1.94 -44.79
CA PRO A 265 15.53 -2.77 -45.71
C PRO A 265 17.03 -2.43 -45.73
N LEU A 266 17.34 -1.16 -45.98
CA LEU A 266 18.71 -0.69 -46.08
C LEU A 266 19.50 -1.13 -44.85
N LYS A 267 18.88 -0.98 -43.67
CA LYS A 267 19.51 -1.35 -42.41
C LYS A 267 20.15 -2.74 -42.45
N TYR A 268 19.39 -3.72 -42.97
CA TYR A 268 19.85 -5.09 -43.08
C TYR A 268 20.65 -5.37 -44.36
N THR A 269 20.39 -4.63 -45.42
CA THR A 269 21.20 -4.74 -46.63
C THR A 269 22.64 -4.31 -46.34
N ARG A 270 22.80 -3.25 -45.53
CA ARG A 270 24.11 -2.71 -45.17
C ARG A 270 24.89 -3.67 -44.29
N LEU A 271 24.17 -4.31 -43.37
CA LEU A 271 24.77 -5.27 -42.45
C LEU A 271 25.20 -6.51 -43.21
N LEU A 272 24.42 -6.89 -44.22
CA LEU A 272 24.77 -7.99 -45.11
C LEU A 272 25.96 -7.61 -45.99
N ALA A 273 25.88 -6.46 -46.67
CA ALA A 273 26.99 -6.01 -47.53
C ALA A 273 28.29 -5.93 -46.74
N ALA A 274 28.19 -5.38 -45.52
CA ALA A 274 29.29 -5.34 -44.57
C ALA A 274 29.94 -6.71 -44.37
N LYS A 275 29.11 -7.76 -44.38
CA LYS A 275 29.59 -9.11 -44.11
C LYS A 275 30.32 -9.72 -45.28
N VAL A 276 29.92 -9.38 -46.50
CA VAL A 276 30.63 -9.89 -47.67
C VAL A 276 31.64 -8.88 -48.28
N GLY A 277 31.81 -7.75 -47.60
CA GLY A 277 32.75 -6.71 -48.02
C GLY A 277 32.26 -5.94 -49.23
N CYS A 278 30.96 -5.69 -49.27
CA CYS A 278 30.33 -4.97 -50.36
C CYS A 278 29.72 -3.65 -49.93
N ASP A 279 29.87 -3.30 -48.65
CA ASP A 279 29.24 -2.10 -48.11
C ASP A 279 29.92 -0.83 -48.58
N ARG A 280 29.31 -0.17 -49.56
CA ARG A 280 29.78 1.12 -50.06
C ARG A 280 28.89 2.18 -49.45
N GLU A 281 29.26 3.45 -49.62
CA GLU A 281 28.38 4.55 -49.24
C GLU A 281 27.31 4.72 -50.32
N ASP A 282 27.75 4.80 -51.58
CA ASP A 282 26.85 4.82 -52.73
C ASP A 282 26.10 3.50 -52.81
N SER A 283 24.79 3.57 -52.97
CA SER A 283 23.94 2.38 -52.87
C SER A 283 23.92 1.53 -54.15
N THR A 284 24.10 2.16 -55.30
CA THR A 284 24.23 1.43 -56.56
C THR A 284 25.53 0.64 -56.52
N GLU A 285 26.59 1.34 -56.12
CA GLU A 285 27.93 0.77 -56.03
C GLU A 285 27.97 -0.45 -55.09
N ALA A 286 27.15 -0.42 -54.04
CA ALA A 286 27.08 -1.51 -53.06
C ALA A 286 26.36 -2.73 -53.61
N VAL A 287 25.24 -2.51 -54.30
CA VAL A 287 24.47 -3.62 -54.88
C VAL A 287 25.21 -4.27 -56.05
N GLU A 288 25.63 -3.45 -57.01
CA GLU A 288 26.42 -3.90 -58.15
C GLU A 288 27.68 -4.65 -57.70
N CYS A 289 28.06 -4.45 -56.44
CA CYS A 289 29.11 -5.24 -55.83
C CYS A 289 28.59 -6.64 -55.49
N LEU A 290 27.45 -6.70 -54.80
CA LEU A 290 26.86 -7.96 -54.34
C LEU A 290 26.60 -8.98 -55.47
N ARG A 291 26.36 -8.49 -56.68
CA ARG A 291 26.15 -9.33 -57.86
C ARG A 291 27.34 -10.25 -58.11
N ARG A 292 28.53 -9.77 -57.75
CA ARG A 292 29.79 -10.45 -57.99
C ARG A 292 30.05 -11.60 -57.00
N LYS A 293 29.13 -11.80 -56.07
CA LYS A 293 29.23 -12.85 -55.05
C LYS A 293 28.33 -14.07 -55.37
N SER A 294 28.76 -15.30 -55.01
CA SER A 294 27.99 -16.52 -55.27
C SER A 294 26.71 -16.55 -54.43
N SER A 295 25.68 -17.20 -55.00
CA SER A 295 24.39 -17.28 -54.30
C SER A 295 24.59 -17.90 -52.93
N ARG A 296 25.61 -18.75 -52.81
CA ARG A 296 25.91 -19.43 -51.56
C ARG A 296 26.50 -18.62 -50.42
N GLU A 297 27.54 -17.82 -50.70
CA GLU A 297 28.15 -16.89 -49.74
C GLU A 297 27.16 -15.79 -49.32
N LEU A 298 26.19 -15.51 -50.16
CA LEU A 298 25.27 -14.40 -49.92
C LEU A 298 24.11 -14.80 -49.01
N VAL A 299 23.71 -16.07 -49.04
CA VAL A 299 22.48 -16.46 -48.34
C VAL A 299 22.75 -17.02 -46.94
N ASP A 300 23.77 -17.87 -46.83
CA ASP A 300 24.11 -18.47 -45.54
C ASP A 300 25.02 -17.57 -44.68
N GLN A 301 24.50 -16.39 -44.35
CA GLN A 301 25.34 -15.31 -43.83
C GLN A 301 25.09 -14.76 -42.41
N ASP A 302 23.95 -15.09 -41.79
CA ASP A 302 23.63 -14.58 -40.45
C ASP A 302 23.54 -13.04 -40.34
N VAL A 303 22.39 -12.50 -40.74
CA VAL A 303 21.96 -11.16 -40.34
C VAL A 303 20.54 -11.28 -39.84
N GLN A 304 20.41 -11.39 -38.52
CA GLN A 304 19.11 -11.67 -37.87
C GLN A 304 18.32 -10.40 -37.62
N PRO A 305 16.99 -10.47 -37.76
CA PRO A 305 16.10 -9.32 -37.57
C PRO A 305 15.63 -9.07 -36.12
N ALA A 306 15.27 -7.82 -35.82
CA ALA A 306 14.58 -7.49 -34.57
C ALA A 306 13.47 -8.50 -34.30
N ARG A 307 13.22 -8.81 -33.03
CA ARG A 307 12.27 -9.88 -32.70
C ARG A 307 10.89 -9.61 -33.27
N TYR A 308 10.35 -10.65 -33.92
CA TYR A 308 9.05 -10.64 -34.60
C TYR A 308 9.06 -9.72 -35.84
N HIS A 309 10.24 -9.53 -36.44
CA HIS A 309 10.33 -8.80 -37.72
C HIS A 309 11.15 -9.59 -38.74
N ILE A 310 11.21 -9.11 -39.97
CA ILE A 310 11.98 -9.81 -41.02
C ILE A 310 13.16 -8.96 -41.48
N ALA A 311 14.33 -9.59 -41.67
CA ALA A 311 15.53 -8.86 -42.11
C ALA A 311 15.44 -8.64 -43.60
N PHE A 312 15.22 -9.74 -44.31
CA PHE A 312 14.91 -9.72 -45.73
C PHE A 312 13.50 -10.21 -45.95
N GLY A 313 12.70 -9.40 -46.62
CA GLY A 313 11.33 -9.78 -46.95
C GLY A 313 10.72 -8.82 -47.96
N PRO A 314 9.38 -8.82 -48.07
CA PRO A 314 8.70 -7.74 -48.79
C PRO A 314 8.93 -6.37 -48.17
N VAL A 315 8.80 -5.34 -49.00
CA VAL A 315 9.08 -3.96 -48.67
C VAL A 315 7.99 -3.11 -49.31
N VAL A 316 7.70 -1.94 -48.71
CA VAL A 316 6.84 -0.96 -49.37
C VAL A 316 7.74 -0.22 -50.33
N ASP A 317 7.41 -0.24 -51.61
CA ASP A 317 8.32 0.30 -52.64
C ASP A 317 7.63 1.21 -53.63
N GLY A 318 6.32 1.42 -53.42
CA GLY A 318 5.55 2.31 -54.27
C GLY A 318 5.33 1.70 -55.63
N ASP A 319 5.92 0.52 -55.84
CA ASP A 319 5.81 -0.18 -57.10
C ASP A 319 4.92 -1.40 -56.98
N VAL A 320 5.46 -2.52 -56.51
CA VAL A 320 4.62 -3.70 -56.36
C VAL A 320 3.91 -3.69 -55.01
N VAL A 321 4.34 -2.78 -54.14
CA VAL A 321 3.67 -2.55 -52.87
C VAL A 321 3.59 -1.03 -52.81
N PRO A 322 2.52 -0.47 -53.40
CA PRO A 322 2.37 0.97 -53.58
C PRO A 322 2.40 1.76 -52.26
N ASP A 323 1.88 1.19 -51.19
CA ASP A 323 1.90 1.88 -49.91
C ASP A 323 2.01 0.87 -48.79
N ASP A 324 1.86 1.33 -47.55
CA ASP A 324 1.77 0.44 -46.41
C ASP A 324 0.42 -0.25 -46.51
N PRO A 325 0.43 -1.59 -46.66
CA PRO A 325 -0.74 -2.44 -46.87
C PRO A 325 -1.98 -2.03 -46.06
N GLU A 326 -1.74 -1.57 -44.83
CA GLU A 326 -2.83 -1.16 -43.95
C GLU A 326 -3.53 0.10 -44.43
N ILE A 327 -2.77 0.99 -45.07
CA ILE A 327 -3.34 2.17 -45.69
C ILE A 327 -4.08 1.76 -46.97
N LEU A 328 -3.40 1.05 -47.87
CA LEU A 328 -3.99 0.58 -49.14
C LEU A 328 -5.35 -0.04 -48.89
N MET A 329 -5.46 -0.82 -47.82
CA MET A 329 -6.73 -1.41 -47.46
C MET A 329 -7.75 -0.40 -46.92
N GLN A 330 -7.36 0.40 -45.93
CA GLN A 330 -8.23 1.45 -45.39
C GLN A 330 -8.75 2.33 -46.52
N GLN A 331 -7.92 2.49 -47.55
CA GLN A 331 -8.19 3.43 -48.62
C GLN A 331 -9.10 2.81 -49.67
N GLY A 332 -9.17 1.48 -49.67
CA GLY A 332 -9.84 0.73 -50.72
C GLY A 332 -9.08 0.76 -52.03
N GLU A 333 -7.77 0.56 -51.93
CA GLU A 333 -6.88 0.66 -53.07
C GLU A 333 -6.53 -0.73 -53.55
N PHE A 334 -7.55 -1.52 -53.84
CA PHE A 334 -7.38 -2.90 -54.29
C PHE A 334 -8.60 -3.37 -55.04
N LEU A 335 -8.38 -4.20 -56.05
CA LEU A 335 -9.50 -4.75 -56.83
C LEU A 335 -10.24 -5.86 -56.07
N ASN A 336 -11.45 -6.14 -56.51
CA ASN A 336 -12.29 -7.13 -55.86
C ASN A 336 -11.92 -8.59 -56.15
N TYR A 337 -11.32 -9.25 -55.16
CA TYR A 337 -11.02 -10.68 -55.25
C TYR A 337 -11.86 -11.47 -54.27
N ASP A 338 -12.26 -12.68 -54.64
CA ASP A 338 -12.89 -13.59 -53.70
C ASP A 338 -11.87 -13.99 -52.63
N MET A 339 -12.35 -14.06 -51.40
CA MET A 339 -11.48 -14.24 -50.24
C MET A 339 -11.76 -15.52 -49.48
N LEU A 340 -10.73 -16.07 -48.89
CA LEU A 340 -10.89 -17.07 -47.86
C LEU A 340 -9.81 -16.80 -46.83
N ILE A 341 -10.21 -16.23 -45.70
CA ILE A 341 -9.26 -15.91 -44.64
C ILE A 341 -9.59 -16.71 -43.40
N GLY A 342 -8.55 -17.19 -42.72
CA GLY A 342 -8.73 -17.94 -41.49
C GLY A 342 -7.51 -18.05 -40.61
N VAL A 343 -7.76 -18.40 -39.35
CA VAL A 343 -6.71 -18.60 -38.35
C VAL A 343 -6.92 -19.95 -37.67
N ASN A 344 -5.86 -20.49 -37.06
CA ASN A 344 -5.95 -21.75 -36.33
C ASN A 344 -6.00 -21.50 -34.84
N GLN A 345 -6.87 -22.24 -34.15
CA GLN A 345 -7.14 -22.01 -32.72
C GLN A 345 -6.02 -21.53 -31.81
N GLY A 346 -4.84 -22.10 -32.03
CA GLY A 346 -3.71 -21.91 -31.14
C GLY A 346 -2.45 -21.77 -31.97
N GLU A 347 -2.42 -20.71 -32.77
CA GLU A 347 -1.33 -20.42 -33.67
C GLU A 347 0.02 -20.44 -32.95
N GLY A 348 0.28 -19.40 -32.17
CA GLY A 348 1.61 -19.17 -31.60
C GLY A 348 1.93 -20.10 -30.46
N LEU A 349 1.93 -21.39 -30.74
CA LEU A 349 2.33 -22.39 -29.75
C LEU A 349 3.79 -22.21 -29.39
N LYS A 350 4.58 -21.76 -30.36
CA LYS A 350 6.02 -21.60 -30.16
C LYS A 350 6.35 -20.45 -29.22
N PHE A 351 5.35 -19.59 -28.96
CA PHE A 351 5.51 -18.48 -28.05
C PHE A 351 5.80 -18.96 -26.64
N VAL A 352 4.97 -19.87 -26.12
CA VAL A 352 5.12 -20.34 -24.74
C VAL A 352 6.16 -21.44 -24.56
N GLU A 353 6.98 -21.65 -25.58
CA GLU A 353 7.97 -22.71 -25.57
C GLU A 353 9.03 -22.49 -24.49
N ASP A 354 9.48 -21.24 -24.34
CA ASP A 354 10.59 -20.90 -23.41
C ASP A 354 10.46 -21.56 -22.03
N SER A 355 9.23 -21.61 -21.53
CA SER A 355 8.86 -22.46 -20.41
C SER A 355 7.53 -23.14 -20.76
N ALA A 356 7.61 -24.16 -21.61
CA ALA A 356 6.46 -24.97 -21.94
C ALA A 356 6.14 -26.33 -21.34
N GLU A 357 7.18 -27.11 -21.06
CA GLU A 357 7.02 -28.47 -20.53
C GLU A 357 7.76 -28.36 -19.19
N SER A 358 7.15 -27.64 -18.25
CA SER A 358 7.65 -27.57 -16.87
C SER A 358 6.66 -28.27 -15.93
N GLU A 359 5.43 -28.41 -16.40
CA GLU A 359 4.36 -29.23 -15.77
C GLU A 359 3.80 -28.70 -14.45
N ASP A 360 3.75 -27.37 -14.35
CA ASP A 360 3.01 -26.66 -13.30
C ASP A 360 2.61 -25.28 -13.83
N GLY A 361 2.65 -25.13 -15.15
CA GLY A 361 2.25 -23.91 -15.84
C GLY A 361 3.38 -22.91 -16.05
N VAL A 362 3.04 -21.63 -16.11
CA VAL A 362 4.04 -20.57 -16.08
C VAL A 362 3.85 -19.70 -14.85
N SER A 363 4.97 -19.36 -14.21
CA SER A 363 4.94 -18.53 -13.02
C SER A 363 4.30 -17.18 -13.33
N ALA A 364 3.43 -16.72 -12.43
CA ALA A 364 2.88 -15.37 -12.49
C ALA A 364 4.04 -14.36 -12.59
N SER A 365 5.06 -14.60 -11.76
CA SER A 365 6.28 -13.80 -11.74
C SER A 365 7.06 -13.85 -13.06
N ALA A 366 6.79 -14.87 -13.87
CA ALA A 366 7.39 -15.00 -15.20
C ALA A 366 6.49 -14.41 -16.25
N PHE A 367 5.18 -14.46 -15.97
CA PHE A 367 4.14 -13.99 -16.89
C PHE A 367 4.29 -12.50 -17.17
N ASP A 368 4.28 -11.69 -16.11
CA ASP A 368 4.39 -10.23 -16.22
C ASP A 368 5.71 -9.81 -16.88
N PHE A 369 6.68 -10.71 -16.85
CA PHE A 369 7.95 -10.51 -17.53
C PHE A 369 7.82 -10.84 -19.02
N THR A 370 7.20 -11.98 -19.35
CA THR A 370 7.00 -12.35 -20.74
C THR A 370 6.03 -11.41 -21.47
N VAL A 371 5.25 -10.67 -20.68
CA VAL A 371 4.33 -9.67 -21.23
C VAL A 371 5.05 -8.34 -21.47
N SER A 372 6.03 -8.04 -20.61
CA SER A 372 6.79 -6.80 -20.72
C SER A 372 7.76 -6.84 -21.88
N ASN A 373 8.34 -8.00 -22.15
CA ASN A 373 9.17 -8.22 -23.36
C ASN A 373 8.33 -8.10 -24.62
N PHE A 374 7.06 -8.46 -24.50
CA PHE A 374 6.12 -8.34 -25.58
C PHE A 374 5.92 -6.89 -26.01
N VAL A 375 5.54 -6.02 -25.07
CA VAL A 375 5.32 -4.60 -25.38
C VAL A 375 6.62 -3.88 -25.66
N ASP A 376 7.74 -4.54 -25.42
CA ASP A 376 9.04 -3.97 -25.73
C ASP A 376 9.41 -4.24 -27.17
N ASN A 377 9.39 -5.52 -27.54
CA ASN A 377 9.62 -5.96 -28.91
C ASN A 377 8.65 -5.33 -29.91
N LEU A 378 7.38 -5.27 -29.54
CA LEU A 378 6.36 -4.86 -30.50
C LEU A 378 5.89 -3.42 -30.37
N TYR A 379 6.25 -2.76 -29.28
CA TYR A 379 5.71 -1.44 -28.97
C TYR A 379 6.80 -0.50 -28.45
N GLY A 380 7.56 -0.96 -27.47
CA GLY A 380 8.11 -0.09 -26.44
C GLY A 380 8.95 1.11 -26.81
N TYR A 381 8.47 2.30 -26.45
CA TYR A 381 8.73 3.51 -27.22
C TYR A 381 8.71 4.72 -26.29
N PRO A 382 8.78 4.46 -24.99
CA PRO A 382 7.91 3.49 -24.33
C PRO A 382 6.75 4.17 -23.60
N GLU A 383 6.80 5.48 -23.52
CA GLU A 383 6.21 6.21 -22.40
C GLU A 383 4.82 5.67 -22.07
N GLY A 384 3.99 5.53 -23.09
CA GLY A 384 2.68 4.90 -22.95
C GLY A 384 2.77 3.40 -22.82
N LYS A 385 3.98 2.87 -22.90
CA LYS A 385 4.24 1.45 -22.60
C LYS A 385 3.72 1.06 -21.21
N ASP A 386 4.03 1.88 -20.20
CA ASP A 386 3.53 1.71 -18.83
C ASP A 386 2.09 1.19 -18.80
N VAL A 387 1.16 2.03 -19.24
CA VAL A 387 -0.26 1.73 -19.22
C VAL A 387 -0.61 0.54 -20.10
N LEU A 388 -0.08 0.54 -21.32
CA LEU A 388 -0.35 -0.49 -22.33
C LEU A 388 -0.03 -1.88 -21.82
N ARG A 389 1.19 -2.07 -21.35
CA ARG A 389 1.61 -3.35 -20.79
C ARG A 389 0.70 -3.85 -19.65
N GLU A 390 0.50 -3.01 -18.63
CA GLU A 390 -0.35 -3.36 -17.48
C GLU A 390 -1.79 -3.69 -17.85
N THR A 391 -2.29 -3.05 -18.89
CA THR A 391 -3.64 -3.29 -19.35
C THR A 391 -3.74 -4.32 -20.51
N ILE A 392 -2.62 -4.94 -20.88
CA ILE A 392 -2.70 -6.17 -21.69
C ILE A 392 -2.46 -7.39 -20.80
N LYS A 393 -1.89 -7.15 -19.62
CA LYS A 393 -1.77 -8.16 -18.59
C LYS A 393 -3.16 -8.49 -18.07
N PHE A 394 -3.87 -7.47 -17.61
CA PHE A 394 -5.23 -7.60 -17.08
C PHE A 394 -6.15 -8.35 -18.04
N MET A 395 -6.01 -8.06 -19.33
CA MET A 395 -6.82 -8.69 -20.37
C MET A 395 -6.63 -10.19 -20.44
N TYR A 396 -5.37 -10.61 -20.38
CA TYR A 396 -5.04 -12.01 -20.56
C TYR A 396 -4.90 -12.81 -19.27
N THR A 397 -5.21 -12.18 -18.14
CA THR A 397 -5.32 -12.89 -16.88
C THR A 397 -6.78 -13.24 -16.66
N ASP A 398 -7.08 -14.54 -16.56
CA ASP A 398 -8.39 -14.96 -16.12
C ASP A 398 -8.52 -14.71 -14.62
N TRP A 399 -9.54 -13.94 -14.24
CA TRP A 399 -9.70 -13.57 -12.85
C TRP A 399 -10.61 -14.53 -12.10
N ALA A 400 -11.04 -15.59 -12.77
CA ALA A 400 -11.76 -16.68 -12.10
C ALA A 400 -10.78 -17.38 -11.15
N ASP A 401 -9.68 -17.88 -11.71
CA ASP A 401 -8.59 -18.44 -10.93
C ASP A 401 -7.25 -17.86 -11.39
N ARG A 402 -6.79 -16.87 -10.66
CA ARG A 402 -5.48 -16.26 -10.91
C ARG A 402 -4.36 -17.22 -10.45
N ASP A 403 -4.74 -18.45 -10.14
CA ASP A 403 -3.82 -19.47 -9.64
C ASP A 403 -3.09 -20.48 -10.54
N ASN A 404 -3.84 -21.27 -11.30
CA ASN A 404 -3.26 -22.40 -12.05
C ASN A 404 -2.50 -21.81 -13.25
N GLY A 405 -1.21 -22.11 -13.30
CA GLY A 405 -0.33 -21.65 -14.37
C GLY A 405 -0.73 -22.23 -15.72
N GLU A 406 -1.38 -23.39 -15.70
CA GLU A 406 -1.94 -23.98 -16.92
C GLU A 406 -2.84 -22.97 -17.66
N MET A 407 -3.55 -22.16 -16.89
CA MET A 407 -4.40 -21.11 -17.43
C MET A 407 -3.55 -19.99 -17.99
N ARG A 408 -2.56 -19.56 -17.20
CA ARG A 408 -1.66 -18.50 -17.62
C ARG A 408 -0.90 -18.86 -18.89
N ARG A 409 -0.50 -20.12 -19.00
CA ARG A 409 0.19 -20.60 -20.20
C ARG A 409 -0.76 -20.57 -21.40
N LYS A 410 -2.00 -21.04 -21.19
CA LYS A 410 -3.02 -21.05 -22.24
C LYS A 410 -3.31 -19.65 -22.77
N THR A 411 -3.36 -18.68 -21.85
CA THR A 411 -3.68 -17.29 -22.19
C THR A 411 -2.47 -16.52 -22.71
N LEU A 412 -1.27 -16.92 -22.30
CA LEU A 412 -0.04 -16.33 -22.84
C LEU A 412 0.10 -16.68 -24.31
N LEU A 413 -0.30 -17.91 -24.64
CA LEU A 413 -0.37 -18.38 -26.01
C LEU A 413 -1.41 -17.55 -26.74
N ALA A 414 -2.60 -17.50 -26.14
CA ALA A 414 -3.71 -16.71 -26.67
C ALA A 414 -3.34 -15.25 -26.95
N LEU A 415 -2.57 -14.64 -26.05
CA LEU A 415 -2.07 -13.28 -26.23
C LEU A 415 -1.35 -13.17 -27.56
N PHE A 416 -0.43 -14.09 -27.79
CA PHE A 416 0.38 -14.08 -28.99
C PHE A 416 -0.48 -14.43 -30.19
N THR A 417 -1.25 -15.50 -30.07
CA THR A 417 -2.19 -15.91 -31.11
C THR A 417 -3.04 -14.71 -31.56
N ASP A 418 -3.72 -14.06 -30.61
CA ASP A 418 -4.54 -12.88 -30.89
C ASP A 418 -3.78 -11.73 -31.56
N HIS A 419 -2.54 -11.50 -31.14
CA HIS A 419 -1.85 -10.28 -31.57
C HIS A 419 -1.25 -10.42 -32.96
N GLN A 420 -0.66 -11.59 -33.21
CA GLN A 420 0.09 -11.80 -34.44
C GLN A 420 -0.76 -12.33 -35.57
N TRP A 421 -1.75 -13.14 -35.22
CA TRP A 421 -2.52 -13.86 -36.22
C TRP A 421 -3.98 -13.47 -36.39
N VAL A 422 -4.76 -13.51 -35.31
CA VAL A 422 -6.19 -13.33 -35.47
C VAL A 422 -6.63 -11.88 -35.63
N ALA A 423 -6.15 -10.99 -34.76
CA ALA A 423 -6.49 -9.57 -34.83
C ALA A 423 -6.25 -8.96 -36.23
N PRO A 424 -5.05 -9.15 -36.80
CA PRO A 424 -4.86 -8.60 -38.15
C PRO A 424 -5.65 -9.35 -39.24
N ALA A 425 -5.95 -10.63 -39.01
CA ALA A 425 -6.76 -11.39 -39.95
C ALA A 425 -8.20 -10.86 -39.99
N VAL A 426 -8.77 -10.64 -38.80
CA VAL A 426 -10.14 -10.12 -38.65
C VAL A 426 -10.21 -8.69 -39.20
N ALA A 427 -9.06 -8.02 -39.15
CA ALA A 427 -8.98 -6.65 -39.59
C ALA A 427 -8.95 -6.57 -41.12
N THR A 428 -8.19 -7.49 -41.74
CA THR A 428 -8.14 -7.62 -43.20
C THR A 428 -9.48 -8.05 -43.73
N ALA A 429 -10.08 -9.05 -43.07
CA ALA A 429 -11.44 -9.49 -43.37
C ALA A 429 -12.43 -8.34 -43.45
N LYS A 430 -12.38 -7.47 -42.43
CA LYS A 430 -13.27 -6.31 -42.29
C LYS A 430 -13.10 -5.26 -43.38
N LEU A 431 -11.91 -5.15 -43.94
CA LEU A 431 -11.63 -4.13 -44.94
C LEU A 431 -12.04 -4.51 -46.36
N HIS A 432 -11.57 -5.68 -46.82
CA HIS A 432 -11.99 -6.23 -48.11
C HIS A 432 -13.51 -6.41 -48.18
N ALA A 433 -14.08 -6.89 -47.07
CA ALA A 433 -15.52 -7.05 -46.96
C ALA A 433 -16.22 -5.74 -47.22
N ASP A 434 -15.74 -4.67 -46.57
CA ASP A 434 -16.40 -3.37 -46.62
C ASP A 434 -16.24 -2.70 -47.96
N TYR A 435 -15.08 -2.88 -48.57
CA TYR A 435 -14.89 -2.49 -49.95
C TYR A 435 -15.54 -3.46 -50.95
N GLN A 436 -16.13 -4.53 -50.42
CA GLN A 436 -17.07 -5.41 -51.15
C GLN A 436 -16.53 -6.59 -51.99
N SER A 437 -15.33 -7.04 -51.68
CA SER A 437 -14.92 -8.36 -52.10
C SER A 437 -15.62 -9.34 -51.16
N PRO A 438 -16.15 -10.48 -51.67
CA PRO A 438 -16.77 -11.43 -50.76
C PRO A 438 -15.73 -12.23 -49.97
N VAL A 439 -15.93 -12.28 -48.66
CA VAL A 439 -14.96 -12.86 -47.74
C VAL A 439 -15.58 -14.06 -47.03
N TYR A 440 -14.89 -15.18 -47.07
CA TYR A 440 -15.30 -16.34 -46.28
C TYR A 440 -14.27 -16.52 -45.17
N PHE A 441 -14.73 -16.51 -43.93
CA PHE A 441 -13.81 -16.56 -42.79
C PHE A 441 -13.90 -17.91 -42.13
N TYR A 442 -12.75 -18.55 -41.97
CA TYR A 442 -12.69 -19.86 -41.32
C TYR A 442 -11.88 -19.79 -40.03
N THR A 443 -12.12 -20.74 -39.14
CA THR A 443 -11.36 -20.86 -37.90
C THR A 443 -11.05 -22.33 -37.76
N PHE A 444 -9.77 -22.67 -37.69
CA PHE A 444 -9.37 -24.08 -37.64
C PHE A 444 -9.11 -24.58 -36.22
N TYR A 445 -9.95 -25.50 -35.75
CA TYR A 445 -9.89 -25.99 -34.37
C TYR A 445 -9.65 -27.49 -34.28
N HIS A 446 -8.50 -27.93 -34.78
CA HIS A 446 -8.21 -29.36 -34.90
C HIS A 446 -6.80 -29.59 -35.43
N HIS A 447 -6.03 -30.38 -34.69
CA HIS A 447 -4.75 -30.83 -35.18
C HIS A 447 -4.71 -32.34 -35.12
N CYS A 448 -3.96 -32.94 -36.03
CA CYS A 448 -3.60 -34.34 -35.89
C CYS A 448 -2.51 -34.37 -34.83
N GLN A 449 -2.59 -35.33 -33.91
CA GLN A 449 -1.59 -35.42 -32.86
C GLN A 449 -0.28 -35.99 -33.40
N ALA A 450 0.68 -35.10 -33.66
CA ALA A 450 2.01 -35.50 -34.08
C ALA A 450 2.77 -35.98 -32.85
N GLU A 451 3.63 -36.98 -33.07
CA GLU A 451 4.52 -37.49 -32.04
C GLU A 451 5.31 -36.34 -31.42
N GLY A 452 5.46 -36.38 -30.10
CA GLY A 452 6.30 -35.43 -29.37
C GLY A 452 5.86 -33.97 -29.43
N ARG A 453 4.63 -33.72 -28.99
CA ARG A 453 4.20 -32.38 -28.63
C ARG A 453 3.08 -32.41 -27.59
N PRO A 454 2.83 -31.27 -26.97
CA PRO A 454 2.06 -31.22 -25.72
C PRO A 454 0.62 -31.68 -25.92
N GLU A 455 0.08 -32.38 -24.92
CA GLU A 455 -1.36 -32.46 -24.75
C GLU A 455 -1.90 -31.30 -23.92
N TRP A 456 -1.40 -30.10 -24.21
CA TRP A 456 -2.25 -28.92 -24.33
C TRP A 456 -2.17 -28.33 -25.74
N ALA A 457 -1.96 -29.19 -26.73
CA ALA A 457 -1.38 -28.76 -28.00
C ALA A 457 -2.72 -28.70 -28.72
N ASP A 458 -3.30 -27.51 -28.77
CA ASP A 458 -4.39 -27.23 -29.70
C ASP A 458 -3.69 -26.95 -31.01
N ALA A 459 -4.46 -26.77 -32.08
CA ALA A 459 -3.90 -26.68 -33.42
C ALA A 459 -2.97 -25.49 -33.56
N ALA A 460 -1.70 -25.76 -33.87
CA ALA A 460 -0.68 -24.71 -33.94
C ALA A 460 -0.60 -24.09 -35.33
N HIS A 461 0.33 -23.15 -35.50
CA HIS A 461 0.49 -22.43 -36.76
C HIS A 461 0.97 -23.36 -37.88
N GLY A 462 0.29 -23.32 -39.01
CA GLY A 462 0.62 -24.19 -40.13
C GLY A 462 0.09 -25.62 -40.06
N ASP A 463 -0.61 -25.94 -38.97
CA ASP A 463 -1.19 -27.27 -38.79
C ASP A 463 -2.37 -27.57 -39.73
N GLU A 464 -2.85 -26.56 -40.45
CA GLU A 464 -3.94 -26.76 -41.41
C GLU A 464 -3.47 -27.46 -42.71
N LEU A 465 -2.22 -27.23 -43.09
CA LEU A 465 -1.69 -27.72 -44.37
C LEU A 465 -2.02 -29.19 -44.65
N PRO A 466 -1.66 -30.10 -43.73
CA PRO A 466 -1.86 -31.50 -44.09
C PRO A 466 -3.28 -31.73 -44.63
N TYR A 467 -4.27 -31.13 -43.96
CA TYR A 467 -5.66 -31.32 -44.36
C TYR A 467 -5.95 -30.75 -45.73
N VAL A 468 -5.54 -29.50 -45.97
CA VAL A 468 -5.72 -28.84 -47.26
C VAL A 468 -5.16 -29.65 -48.44
N PHE A 469 -3.98 -30.25 -48.26
CA PHE A 469 -3.36 -31.07 -49.29
C PHE A 469 -3.79 -32.56 -49.29
N GLY A 470 -4.65 -32.94 -48.35
CA GLY A 470 -5.19 -34.29 -48.32
C GLY A 470 -4.13 -35.34 -48.03
N VAL A 471 -3.22 -35.01 -47.14
CA VAL A 471 -2.20 -35.94 -46.66
C VAL A 471 -2.88 -37.16 -46.05
N PRO A 472 -3.89 -36.95 -45.17
CA PRO A 472 -4.49 -38.10 -44.48
C PRO A 472 -5.12 -39.13 -45.42
N MET A 473 -5.22 -38.78 -46.70
CA MET A 473 -5.85 -39.65 -47.69
C MET A 473 -4.91 -40.68 -48.29
N VAL A 474 -3.64 -40.33 -48.42
CA VAL A 474 -2.66 -41.25 -48.97
C VAL A 474 -1.58 -41.64 -47.94
N GLY A 475 -1.88 -41.43 -46.67
CA GLY A 475 -0.99 -41.84 -45.58
C GLY A 475 -0.01 -40.75 -45.17
N ALA A 476 0.53 -40.90 -43.96
CA ALA A 476 1.47 -39.94 -43.39
C ALA A 476 2.74 -39.83 -44.23
N THR A 477 3.32 -38.63 -44.26
CA THR A 477 4.59 -38.42 -44.95
C THR A 477 5.68 -38.10 -43.95
N ASP A 478 6.83 -37.68 -44.45
CA ASP A 478 8.03 -37.48 -43.63
C ASP A 478 8.09 -36.14 -42.87
N LEU A 479 7.38 -35.12 -43.35
CA LEU A 479 7.20 -33.92 -42.53
C LEU A 479 5.80 -33.80 -41.91
N PHE A 480 4.89 -34.65 -42.36
CA PHE A 480 3.57 -34.76 -41.74
C PHE A 480 3.39 -36.19 -41.22
N PRO A 481 4.10 -36.51 -40.12
CA PRO A 481 4.32 -37.87 -39.70
C PRO A 481 3.47 -38.32 -38.51
N CYS A 482 2.18 -38.00 -38.52
CA CYS A 482 1.34 -38.43 -37.41
C CYS A 482 0.31 -39.48 -37.82
N ASN A 483 -0.29 -40.16 -36.85
CA ASN A 483 -1.37 -41.10 -37.12
C ASN A 483 -2.61 -40.37 -37.59
N PHE A 484 -3.00 -40.60 -38.84
CA PHE A 484 -4.21 -40.02 -39.37
C PHE A 484 -5.37 -40.99 -39.22
N SER A 485 -6.34 -40.59 -38.40
CA SER A 485 -7.50 -41.41 -38.08
C SER A 485 -8.52 -41.33 -39.20
N LYS A 486 -9.44 -42.30 -39.22
CA LYS A 486 -10.60 -42.26 -40.11
C LYS A 486 -11.28 -40.90 -39.99
N ASN A 487 -11.16 -40.32 -38.81
CA ASN A 487 -11.68 -39.01 -38.48
C ASN A 487 -10.87 -37.89 -39.14
N ASP A 488 -9.55 -38.07 -39.21
CA ASP A 488 -8.66 -37.09 -39.84
C ASP A 488 -8.78 -37.11 -41.36
N VAL A 489 -9.21 -38.25 -41.89
CA VAL A 489 -9.41 -38.41 -43.33
C VAL A 489 -10.63 -37.61 -43.78
N MET A 490 -11.75 -37.83 -43.10
CA MET A 490 -13.00 -37.10 -43.34
C MET A 490 -12.80 -35.60 -43.35
N LEU A 491 -12.30 -35.06 -42.25
CA LEU A 491 -12.09 -33.62 -42.12
C LEU A 491 -11.25 -33.03 -43.25
N SER A 492 -10.31 -33.80 -43.80
CA SER A 492 -9.52 -33.33 -44.94
C SER A 492 -10.38 -33.27 -46.19
N ALA A 493 -11.15 -34.33 -46.40
CA ALA A 493 -12.09 -34.39 -47.51
C ALA A 493 -13.01 -33.19 -47.45
N VAL A 494 -13.42 -32.84 -46.24
CA VAL A 494 -14.24 -31.66 -46.00
C VAL A 494 -13.51 -30.35 -46.34
N VAL A 495 -12.28 -30.15 -45.86
CA VAL A 495 -11.56 -28.89 -46.12
C VAL A 495 -11.19 -28.75 -47.60
N MET A 496 -10.83 -29.88 -48.21
CA MET A 496 -10.50 -29.86 -49.63
C MET A 496 -11.75 -29.59 -50.44
N THR A 497 -12.84 -30.25 -50.09
CA THR A 497 -14.07 -30.04 -50.86
C THR A 497 -14.72 -28.70 -50.51
N TYR A 498 -14.18 -27.97 -49.53
CA TYR A 498 -14.53 -26.56 -49.34
C TYR A 498 -13.66 -25.70 -50.25
N TRP A 499 -12.35 -25.75 -50.03
CA TRP A 499 -11.37 -25.00 -50.79
C TRP A 499 -11.60 -25.08 -52.31
N THR A 500 -11.68 -26.31 -52.84
CA THR A 500 -11.92 -26.56 -54.27
C THR A 500 -13.25 -25.98 -54.76
N ASN A 501 -14.30 -26.22 -53.98
CA ASN A 501 -15.59 -25.58 -54.23
C ASN A 501 -15.50 -24.05 -54.20
N PHE A 502 -14.36 -23.53 -53.76
CA PHE A 502 -14.12 -22.11 -53.74
C PHE A 502 -13.40 -21.67 -55.03
N ALA A 503 -12.31 -22.33 -55.37
CA ALA A 503 -11.61 -22.05 -56.65
C ALA A 503 -12.53 -22.31 -57.84
N LYS A 504 -13.53 -23.15 -57.62
CA LYS A 504 -14.54 -23.37 -58.62
C LYS A 504 -15.52 -22.19 -58.69
N THR A 505 -16.20 -21.88 -57.58
CA THR A 505 -17.27 -20.88 -57.65
C THR A 505 -17.18 -19.69 -56.69
N GLY A 506 -16.02 -19.49 -56.07
CA GLY A 506 -15.83 -18.40 -55.14
C GLY A 506 -16.74 -18.46 -53.92
N ASP A 507 -17.22 -19.67 -53.62
CA ASP A 507 -18.21 -19.89 -52.58
C ASP A 507 -18.13 -21.34 -52.13
N PRO A 508 -17.44 -21.59 -51.00
CA PRO A 508 -17.00 -22.96 -50.66
C PRO A 508 -18.12 -24.05 -50.64
N ASN A 509 -19.38 -23.67 -50.56
CA ASN A 509 -20.47 -24.66 -50.61
C ASN A 509 -21.11 -24.86 -52.00
N GLN A 510 -20.32 -24.62 -53.04
CA GLN A 510 -20.81 -24.75 -54.40
C GLN A 510 -20.04 -25.86 -55.18
N PRO A 511 -20.49 -26.22 -56.41
CA PRO A 511 -20.87 -27.49 -56.97
C PRO A 511 -20.95 -28.68 -56.01
N VAL A 512 -19.86 -29.45 -55.92
CA VAL A 512 -19.82 -30.72 -55.17
C VAL A 512 -20.23 -30.58 -53.70
N PRO A 513 -21.21 -31.39 -53.27
CA PRO A 513 -21.74 -31.40 -51.90
C PRO A 513 -20.74 -31.94 -50.90
N GLN A 514 -21.04 -31.83 -49.61
CA GLN A 514 -20.21 -32.46 -48.61
C GLN A 514 -20.60 -33.93 -48.45
N ASP A 515 -19.65 -34.81 -48.76
CA ASP A 515 -19.91 -36.26 -48.74
C ASP A 515 -18.66 -37.07 -48.43
N THR A 516 -18.66 -37.70 -47.25
CA THR A 516 -17.59 -38.62 -46.87
C THR A 516 -18.14 -40.03 -46.65
N LYS A 517 -19.08 -40.42 -47.50
CA LYS A 517 -19.66 -41.77 -47.43
C LYS A 517 -18.76 -42.79 -48.14
N PHE A 518 -17.55 -42.35 -48.51
CA PHE A 518 -16.47 -43.24 -48.95
C PHE A 518 -15.60 -43.66 -47.74
N ILE A 519 -15.91 -43.05 -46.59
CA ILE A 519 -15.54 -43.58 -45.27
C ILE A 519 -16.88 -43.84 -44.56
N HIS A 520 -16.90 -44.78 -43.62
CA HIS A 520 -18.13 -45.30 -43.00
C HIS A 520 -19.15 -44.22 -42.55
N THR A 521 -20.41 -44.64 -42.41
CA THR A 521 -21.50 -43.71 -42.17
C THR A 521 -21.56 -43.14 -40.74
N LYS A 522 -20.52 -42.38 -40.39
CA LYS A 522 -20.60 -41.41 -39.30
C LYS A 522 -21.23 -40.18 -39.95
N PRO A 523 -22.42 -39.75 -39.47
CA PRO A 523 -23.11 -38.62 -40.10
C PRO A 523 -22.14 -37.50 -40.47
N ASN A 524 -22.22 -37.01 -41.71
CA ASN A 524 -21.34 -35.94 -42.15
C ASN A 524 -21.74 -34.64 -41.48
N ARG A 525 -20.91 -34.22 -40.53
CA ARG A 525 -21.18 -33.07 -39.66
C ARG A 525 -21.44 -31.79 -40.45
N PHE A 526 -20.70 -31.66 -41.55
CA PHE A 526 -20.64 -30.43 -42.31
C PHE A 526 -21.79 -30.24 -43.30
N GLU A 527 -22.54 -31.31 -43.56
CA GLU A 527 -23.65 -31.25 -44.52
C GLU A 527 -24.83 -30.45 -43.96
N GLU A 528 -24.86 -30.30 -42.64
CA GLU A 528 -25.81 -29.42 -41.96
C GLU A 528 -25.48 -27.96 -42.25
N VAL A 529 -24.19 -27.63 -42.31
CA VAL A 529 -23.73 -26.24 -42.22
C VAL A 529 -23.59 -25.51 -43.56
N VAL A 530 -24.29 -24.38 -43.65
CA VAL A 530 -24.12 -23.43 -44.74
C VAL A 530 -23.18 -22.32 -44.26
N TRP A 531 -22.14 -22.08 -45.02
CA TRP A 531 -21.06 -21.21 -44.62
C TRP A 531 -21.29 -19.81 -45.17
N SER A 532 -21.72 -18.91 -44.30
CA SER A 532 -22.04 -17.53 -44.67
C SER A 532 -20.81 -16.67 -44.94
N LYS A 533 -20.92 -15.77 -45.91
CA LYS A 533 -19.90 -14.74 -46.15
C LYS A 533 -19.71 -13.90 -44.90
N PHE A 534 -18.56 -13.26 -44.79
CA PHE A 534 -18.19 -12.47 -43.63
C PHE A 534 -18.38 -11.01 -43.97
N ASN A 535 -19.30 -10.35 -43.28
CA ASN A 535 -19.40 -8.89 -43.38
C ASN A 535 -18.88 -8.23 -42.11
N SER A 536 -18.50 -6.96 -42.20
CA SER A 536 -17.81 -6.30 -41.08
C SER A 536 -18.70 -6.08 -39.85
N LYS A 537 -20.01 -6.07 -40.04
CA LYS A 537 -20.90 -5.83 -38.92
C LYS A 537 -21.18 -7.09 -38.12
N GLU A 538 -21.91 -8.04 -38.71
CA GLU A 538 -22.13 -9.36 -38.10
C GLU A 538 -21.06 -10.36 -38.58
N LYS A 539 -19.96 -10.45 -37.86
CA LYS A 539 -18.75 -11.14 -38.36
C LYS A 539 -18.85 -12.68 -38.38
N GLN A 540 -19.62 -13.21 -39.32
CA GLN A 540 -19.90 -14.65 -39.44
C GLN A 540 -18.73 -15.48 -40.02
N TYR A 541 -18.35 -16.52 -39.29
CA TYR A 541 -17.25 -17.38 -39.69
C TYR A 541 -17.61 -18.85 -39.51
N LEU A 542 -17.14 -19.71 -40.41
CA LEU A 542 -17.30 -21.15 -40.22
C LEU A 542 -16.23 -21.68 -39.26
N HIS A 543 -16.66 -22.41 -38.24
CA HIS A 543 -15.75 -22.96 -37.25
C HIS A 543 -15.34 -24.39 -37.63
N ILE A 544 -14.29 -24.50 -38.44
CA ILE A 544 -13.84 -25.80 -38.95
C ILE A 544 -13.19 -26.64 -37.85
N GLY A 545 -13.79 -27.79 -37.59
CA GLY A 545 -13.27 -28.72 -36.61
C GLY A 545 -14.12 -29.98 -36.58
N LEU A 546 -13.99 -30.75 -35.51
CA LEU A 546 -14.75 -32.00 -35.37
C LEU A 546 -16.24 -31.76 -35.20
N LYS A 547 -16.62 -30.82 -34.34
CA LYS A 547 -18.00 -30.37 -34.29
C LYS A 547 -18.06 -28.99 -34.93
N PRO A 548 -18.36 -28.92 -36.25
CA PRO A 548 -18.43 -27.59 -36.84
C PRO A 548 -19.74 -26.90 -36.45
N ARG A 549 -19.72 -25.57 -36.52
CA ARG A 549 -20.94 -24.75 -36.53
C ARG A 549 -20.57 -23.36 -37.02
N VAL A 550 -21.57 -22.58 -37.41
CA VAL A 550 -21.32 -21.22 -37.87
C VAL A 550 -21.59 -20.24 -36.74
N ARG A 551 -20.53 -19.60 -36.26
CA ARG A 551 -20.68 -18.59 -35.23
C ARG A 551 -20.44 -17.21 -35.83
N ASP A 552 -20.54 -16.18 -34.99
CA ASP A 552 -20.28 -14.81 -35.40
C ASP A 552 -19.42 -14.15 -34.34
N ASN A 553 -18.53 -13.26 -34.78
CA ASN A 553 -17.62 -12.52 -33.90
C ASN A 553 -16.65 -13.39 -33.09
N TYR A 554 -15.68 -13.95 -33.79
CA TYR A 554 -14.67 -14.79 -33.16
C TYR A 554 -13.82 -13.92 -32.27
N ARG A 555 -13.77 -14.28 -30.98
CA ARG A 555 -12.94 -13.59 -29.98
C ARG A 555 -13.31 -12.10 -29.90
N ALA A 556 -14.61 -11.83 -29.87
CA ALA A 556 -15.17 -10.48 -29.80
C ALA A 556 -14.32 -9.49 -28.99
N ASN A 557 -14.24 -9.74 -27.67
CA ASN A 557 -13.43 -8.93 -26.76
C ASN A 557 -12.02 -8.71 -27.24
N LYS A 558 -11.22 -9.77 -27.21
CA LYS A 558 -9.79 -9.69 -27.47
C LYS A 558 -9.50 -9.03 -28.80
N VAL A 559 -10.38 -9.24 -29.78
CA VAL A 559 -10.20 -8.62 -31.09
C VAL A 559 -10.40 -7.11 -30.96
N ALA A 560 -11.56 -6.73 -30.44
CA ALA A 560 -11.85 -5.32 -30.18
C ALA A 560 -10.80 -4.67 -29.28
N PHE A 561 -10.23 -5.43 -28.34
CA PHE A 561 -9.20 -4.90 -27.46
C PHE A 561 -8.01 -4.39 -28.25
N TRP A 562 -7.54 -5.19 -29.21
CA TRP A 562 -6.36 -4.85 -29.98
C TRP A 562 -6.67 -3.85 -31.07
N LEU A 563 -7.93 -3.80 -31.50
CA LEU A 563 -8.33 -3.02 -32.68
C LEU A 563 -9.01 -1.70 -32.35
N GLU A 564 -9.83 -1.69 -31.30
CA GLU A 564 -10.46 -0.47 -30.80
C GLU A 564 -9.61 0.17 -29.71
N LEU A 565 -9.46 -0.52 -28.58
CA LEU A 565 -8.87 0.09 -27.39
C LEU A 565 -7.38 0.43 -27.49
N VAL A 566 -6.59 -0.45 -28.11
CA VAL A 566 -5.12 -0.32 -28.07
C VAL A 566 -4.55 0.86 -28.86
N PRO A 567 -5.10 1.18 -30.06
CA PRO A 567 -4.71 2.46 -30.65
C PRO A 567 -4.91 3.66 -29.71
N HIS A 568 -5.97 3.61 -28.91
CA HIS A 568 -6.29 4.66 -27.94
C HIS A 568 -5.43 4.64 -26.69
N LEU A 569 -4.57 3.63 -26.54
CA LEU A 569 -3.77 3.50 -25.33
C LEU A 569 -2.30 3.86 -25.54
N HIS A 570 -2.00 4.44 -26.70
CA HIS A 570 -0.66 4.94 -27.01
C HIS A 570 -0.65 5.76 -28.30
N GLN B 1 4.08 46.40 -26.85
CA GLN B 1 4.17 47.71 -26.14
C GLN B 1 5.46 47.86 -25.32
N LYS B 2 6.04 49.07 -25.35
CA LYS B 2 7.22 49.42 -24.54
C LYS B 2 6.92 50.66 -23.69
N PRO B 3 6.28 50.45 -22.52
CA PRO B 3 5.77 51.57 -21.77
C PRO B 3 6.83 52.16 -20.88
N VAL B 4 6.78 53.48 -20.73
CA VAL B 4 7.72 54.22 -19.91
C VAL B 4 6.97 54.77 -18.70
N VAL B 5 7.54 54.62 -17.50
CA VAL B 5 7.01 55.33 -16.34
C VAL B 5 8.04 56.25 -15.70
N ASN B 6 7.52 57.28 -15.02
CA ASN B 6 8.34 58.31 -14.39
C ASN B 6 8.66 57.93 -12.94
N THR B 7 9.94 57.93 -12.58
CA THR B 7 10.37 57.74 -11.19
C THR B 7 11.04 59.01 -10.68
N ALA B 8 11.21 59.12 -9.37
CA ALA B 8 11.89 60.26 -8.75
C ALA B 8 13.19 60.60 -9.47
N TYR B 9 13.95 59.58 -9.84
CA TYR B 9 15.27 59.77 -10.42
C TYR B 9 15.23 59.99 -11.93
N GLY B 10 14.08 59.68 -12.54
CA GLY B 10 13.89 59.90 -13.97
C GLY B 10 12.91 58.91 -14.55
N ARG B 11 12.74 58.92 -15.87
CA ARG B 11 11.81 58.01 -16.53
C ARG B 11 12.52 56.73 -16.96
N VAL B 12 11.87 55.58 -16.80
CA VAL B 12 12.39 54.29 -17.28
C VAL B 12 11.45 53.60 -18.25
N ARG B 13 12.02 52.92 -19.24
CA ARG B 13 11.26 52.20 -20.26
C ARG B 13 11.43 50.70 -20.05
N GLY B 14 10.31 49.97 -19.97
CA GLY B 14 10.34 48.51 -19.75
C GLY B 14 9.92 47.71 -20.98
N VAL B 15 9.69 46.41 -20.78
CA VAL B 15 9.17 45.55 -21.85
C VAL B 15 7.93 44.81 -21.39
N ARG B 16 6.96 44.66 -22.28
CA ARG B 16 5.79 43.80 -22.04
C ARG B 16 6.09 42.44 -22.65
N ARG B 17 5.98 41.40 -21.83
CA ARG B 17 6.19 40.02 -22.29
C ARG B 17 4.96 39.17 -22.03
N GLU B 18 4.64 38.31 -23.00
CA GLU B 18 3.56 37.34 -22.84
C GLU B 18 4.05 36.15 -22.02
N LEU B 19 3.15 35.53 -21.27
CA LEU B 19 3.49 34.31 -20.54
C LEU B 19 2.81 33.09 -21.13
N ASN B 20 3.46 31.93 -20.99
CA ASN B 20 3.03 30.68 -21.62
C ASN B 20 1.63 30.17 -21.24
N ASN B 21 1.38 30.01 -19.94
CA ASN B 21 0.10 29.50 -19.47
C ASN B 21 -1.07 30.34 -19.92
N GLU B 22 -2.11 29.68 -20.43
CA GLU B 22 -3.23 30.35 -21.07
C GLU B 22 -3.97 31.34 -20.16
N ILE B 23 -4.19 30.96 -18.91
CA ILE B 23 -5.07 31.72 -18.02
C ILE B 23 -4.44 32.99 -17.41
N LEU B 24 -3.14 32.96 -17.11
CA LEU B 24 -2.43 34.17 -16.66
C LEU B 24 -1.98 35.08 -17.82
N GLY B 25 -2.00 36.39 -17.56
CA GLY B 25 -1.79 37.40 -18.60
C GLY B 25 -0.36 37.87 -18.76
N PRO B 26 -0.17 39.06 -19.37
CA PRO B 26 1.18 39.59 -19.59
C PRO B 26 1.64 40.51 -18.46
N VAL B 27 2.92 40.80 -18.43
CA VAL B 27 3.51 41.73 -17.46
C VAL B 27 4.51 42.65 -18.15
N VAL B 28 4.60 43.89 -17.67
CA VAL B 28 5.70 44.76 -18.06
C VAL B 28 6.81 44.54 -17.06
N GLN B 29 8.02 44.40 -17.57
CA GLN B 29 9.14 44.11 -16.70
C GLN B 29 10.26 45.11 -16.87
N PHE B 30 10.51 45.87 -15.81
CA PHE B 30 11.56 46.88 -15.83
C PHE B 30 12.81 46.20 -15.32
N LEU B 31 13.79 46.06 -16.22
CA LEU B 31 14.99 45.29 -15.94
C LEU B 31 16.23 46.15 -15.72
N GLY B 32 16.83 46.04 -14.54
CA GLY B 32 18.08 46.73 -14.24
C GLY B 32 17.91 48.22 -14.00
N VAL B 33 16.88 48.56 -13.24
CA VAL B 33 16.70 49.94 -12.82
C VAL B 33 17.66 50.23 -11.66
N PRO B 34 18.37 51.37 -11.70
CA PRO B 34 19.37 51.65 -10.68
C PRO B 34 18.74 52.12 -9.38
N TYR B 35 19.18 51.52 -8.27
CA TYR B 35 18.62 51.88 -6.96
C TYR B 35 19.62 52.56 -6.01
N ALA B 36 20.84 52.76 -6.48
CA ALA B 36 21.92 53.34 -5.68
C ALA B 36 23.06 53.70 -6.61
N THR B 37 23.79 54.76 -6.29
CA THR B 37 25.00 55.14 -7.04
C THR B 37 26.05 54.03 -6.96
N PRO B 38 26.57 53.59 -8.12
CA PRO B 38 27.52 52.48 -8.23
C PRO B 38 28.65 52.55 -7.21
N PRO B 39 28.89 51.45 -6.50
CA PRO B 39 29.88 51.44 -5.42
C PRO B 39 31.29 51.15 -5.96
N LEU B 40 31.93 52.17 -6.50
CA LEU B 40 32.92 51.97 -7.56
C LEU B 40 34.32 52.29 -7.08
N GLY B 41 34.49 53.44 -6.45
CA GLY B 41 35.80 54.03 -6.28
C GLY B 41 36.26 54.01 -4.83
N ALA B 42 36.14 55.14 -4.16
CA ALA B 42 36.20 55.18 -2.70
C ALA B 42 34.93 54.61 -2.07
N ARG B 43 33.95 54.31 -2.91
CA ARG B 43 32.67 53.78 -2.44
C ARG B 43 32.71 52.29 -2.16
N ARG B 44 33.85 51.65 -2.46
CA ARG B 44 34.05 50.25 -2.11
C ARG B 44 34.16 50.14 -0.59
N PHE B 45 33.42 49.19 -0.03
CA PHE B 45 33.29 49.01 1.42
C PHE B 45 32.68 50.26 2.08
N GLN B 46 31.67 50.83 1.45
CA GLN B 46 31.01 52.04 1.95
C GLN B 46 29.51 51.94 1.71
N PRO B 47 28.69 52.30 2.73
CA PRO B 47 27.23 52.24 2.59
C PRO B 47 26.75 52.89 1.30
N PRO B 48 25.81 52.25 0.61
CA PRO B 48 25.31 52.73 -0.67
C PRO B 48 24.44 53.98 -0.54
N GLU B 49 24.74 54.99 -1.34
CA GLU B 49 23.97 56.22 -1.38
C GLU B 49 22.97 56.19 -2.52
N ALA B 50 21.97 57.06 -2.47
CA ALA B 50 20.92 57.17 -3.49
C ALA B 50 21.46 57.22 -4.94
N PRO B 51 20.66 56.75 -5.91
CA PRO B 51 21.10 56.69 -7.31
C PRO B 51 21.20 58.05 -8.01
N ALA B 52 22.04 58.10 -9.04
CA ALA B 52 22.19 59.29 -9.86
C ALA B 52 20.94 59.52 -10.71
N SER B 53 20.48 60.76 -10.74
CA SER B 53 19.33 61.15 -11.55
C SER B 53 19.69 61.39 -13.03
N TRP B 54 18.70 61.35 -13.92
CA TRP B 54 18.93 61.44 -15.36
C TRP B 54 17.82 62.15 -16.12
N PRO B 55 18.16 62.85 -17.23
CA PRO B 55 17.16 63.37 -18.16
C PRO B 55 16.76 62.30 -19.16
N GLY B 56 15.72 62.58 -19.96
CA GLY B 56 15.24 61.65 -21.00
C GLY B 56 14.71 60.37 -20.39
N VAL B 57 14.71 59.30 -21.19
CA VAL B 57 14.25 57.98 -20.72
C VAL B 57 15.41 57.00 -20.65
N ARG B 58 15.47 56.26 -19.55
CA ARG B 58 16.51 55.26 -19.35
C ARG B 58 15.98 53.91 -19.78
N ASN B 59 16.78 53.18 -20.54
CA ASN B 59 16.40 51.86 -21.00
C ASN B 59 16.55 50.84 -19.88
N ALA B 60 15.44 50.18 -19.55
CA ALA B 60 15.45 49.12 -18.56
C ALA B 60 14.78 47.90 -19.17
N THR B 61 15.24 47.54 -20.37
CA THR B 61 14.70 46.43 -21.12
C THR B 61 15.79 45.41 -21.35
N THR B 62 16.50 45.06 -20.29
CA THR B 62 17.72 44.26 -20.39
C THR B 62 18.11 43.95 -18.93
N LEU B 63 18.77 42.82 -18.73
CA LEU B 63 19.07 42.36 -17.38
C LEU B 63 20.39 43.02 -17.02
N PRO B 64 20.52 43.46 -15.74
CA PRO B 64 21.74 44.07 -15.16
C PRO B 64 22.90 43.09 -15.08
N PRO B 65 24.12 43.58 -14.76
CA PRO B 65 25.23 42.65 -14.52
C PRO B 65 25.22 42.05 -13.12
N ALA B 66 25.70 40.82 -12.99
CA ALA B 66 25.77 40.16 -11.68
C ALA B 66 27.01 40.62 -10.90
N CYS B 67 26.88 40.68 -9.59
CA CYS B 67 27.95 41.16 -8.71
C CYS B 67 29.10 40.18 -8.65
N PRO B 68 30.36 40.69 -8.58
CA PRO B 68 31.54 39.84 -8.73
C PRO B 68 31.56 38.62 -7.80
N GLN B 69 31.69 37.45 -8.40
CA GLN B 69 31.60 36.17 -7.69
C GLN B 69 32.35 35.07 -8.46
N ASN B 70 33.12 34.26 -7.75
CA ASN B 70 33.80 33.11 -8.34
C ASN B 70 32.86 31.92 -8.33
N LEU B 71 32.62 31.32 -9.50
CA LEU B 71 31.69 30.20 -9.60
C LEU B 71 32.31 28.81 -9.74
N HIS B 72 33.45 28.73 -10.41
CA HIS B 72 34.17 27.45 -10.55
C HIS B 72 35.44 27.40 -9.69
N GLY B 73 35.27 27.66 -8.40
CA GLY B 73 36.39 27.68 -7.44
C GLY B 73 35.99 27.31 -6.01
N ALA B 74 36.57 28.01 -5.03
CA ALA B 74 36.31 27.75 -3.61
C ALA B 74 34.85 28.04 -3.25
N LEU B 75 34.14 27.00 -2.81
CA LEU B 75 32.67 27.06 -2.70
C LEU B 75 32.11 26.21 -1.56
N PRO B 76 31.43 26.88 -0.60
CA PRO B 76 30.70 26.16 0.45
C PRO B 76 29.40 25.57 -0.11
N ALA B 77 29.51 24.46 -0.82
CA ALA B 77 28.38 23.80 -1.47
C ALA B 77 27.55 22.94 -0.51
N ILE B 78 28.02 22.82 0.73
CA ILE B 78 27.27 22.16 1.80
C ILE B 78 26.09 23.05 2.21
N MET B 79 26.09 24.27 1.67
CA MET B 79 25.14 25.32 2.04
C MET B 79 24.34 25.81 0.82
N LEU B 80 24.84 25.52 -0.37
CA LEU B 80 24.16 25.86 -1.61
C LEU B 80 22.91 25.03 -1.84
N PRO B 81 21.81 25.68 -2.28
CA PRO B 81 20.60 24.96 -2.63
C PRO B 81 20.90 23.88 -3.66
N VAL B 82 20.27 22.72 -3.51
CA VAL B 82 20.55 21.53 -4.31
C VAL B 82 20.60 21.78 -5.83
N TRP B 83 19.60 22.51 -6.35
CA TRP B 83 19.51 22.79 -7.78
C TRP B 83 20.71 23.58 -8.31
N PHE B 84 21.16 24.55 -7.52
CA PHE B 84 22.25 25.46 -7.89
C PHE B 84 23.56 24.70 -8.10
N THR B 85 23.87 23.82 -7.15
CA THR B 85 25.10 23.04 -7.19
C THR B 85 25.03 21.92 -8.23
N ASP B 86 23.81 21.53 -8.59
CA ASP B 86 23.58 20.55 -9.65
C ASP B 86 23.87 21.12 -11.02
N ASN B 87 23.43 22.35 -11.26
CA ASN B 87 23.43 22.93 -12.59
C ASN B 87 24.33 24.15 -12.74
N LEU B 88 25.53 24.10 -12.15
CA LEU B 88 26.52 25.16 -12.27
C LEU B 88 26.77 25.54 -13.72
N GLU B 89 26.49 24.60 -14.62
CA GLU B 89 26.56 24.82 -16.05
C GLU B 89 25.55 25.88 -16.47
N ALA B 90 24.29 25.66 -16.11
CA ALA B 90 23.21 26.60 -16.43
C ALA B 90 23.22 27.82 -15.50
N ALA B 91 23.79 27.67 -14.31
CA ALA B 91 23.87 28.75 -13.34
C ALA B 91 24.87 29.80 -13.79
N ALA B 92 26.04 29.34 -14.23
CA ALA B 92 27.09 30.21 -14.75
C ALA B 92 26.60 31.10 -15.89
N THR B 93 25.66 30.60 -16.68
CA THR B 93 25.05 31.35 -17.79
C THR B 93 24.50 32.69 -17.31
N TYR B 94 24.07 32.72 -16.04
CA TYR B 94 23.45 33.89 -15.43
C TYR B 94 24.46 34.92 -14.90
N VAL B 95 25.61 34.44 -14.45
CA VAL B 95 26.66 35.32 -13.94
C VAL B 95 27.71 35.58 -15.03
N GLN B 96 27.28 35.41 -16.28
CA GLN B 96 28.13 35.59 -17.45
C GLN B 96 28.78 36.98 -17.47
N ASN B 97 27.96 38.01 -17.27
CA ASN B 97 28.42 39.41 -17.25
C ASN B 97 28.56 39.93 -15.82
N GLN B 98 29.79 40.05 -15.36
CA GLN B 98 30.08 40.60 -14.04
C GLN B 98 30.52 42.05 -14.14
N SER B 99 30.34 42.78 -13.04
CA SER B 99 30.74 44.17 -12.90
C SER B 99 30.48 44.62 -11.47
N GLU B 100 31.45 45.27 -10.84
CA GLU B 100 31.28 45.79 -9.48
C GLU B 100 30.18 46.85 -9.43
N ASP B 101 29.84 47.38 -10.60
CA ASP B 101 28.71 48.28 -10.79
C ASP B 101 27.47 47.42 -11.02
N CYS B 102 26.88 46.93 -9.93
CA CYS B 102 25.77 45.98 -10.04
C CYS B 102 24.56 46.29 -9.15
N LEU B 103 24.54 47.47 -8.51
CA LEU B 103 23.40 47.82 -7.66
C LEU B 103 22.15 48.24 -8.44
N TYR B 104 21.51 47.25 -9.07
CA TYR B 104 20.31 47.45 -9.88
C TYR B 104 19.24 46.44 -9.49
N LEU B 105 17.99 46.75 -9.79
CA LEU B 105 16.88 45.88 -9.41
C LEU B 105 15.86 45.72 -10.55
N ASN B 106 15.13 44.59 -10.54
CA ASN B 106 14.19 44.25 -11.60
C ASN B 106 12.73 44.25 -11.16
N LEU B 107 11.88 45.02 -11.83
CA LEU B 107 10.45 45.00 -11.52
C LEU B 107 9.70 44.15 -12.51
N TYR B 108 8.88 43.24 -11.99
CA TYR B 108 7.95 42.46 -12.79
C TYR B 108 6.52 42.87 -12.43
N VAL B 109 5.98 43.83 -13.19
CA VAL B 109 4.68 44.43 -12.89
C VAL B 109 3.58 43.78 -13.73
N PRO B 110 2.55 43.22 -13.08
CA PRO B 110 1.41 42.57 -13.75
C PRO B 110 0.41 43.52 -14.41
N THR B 111 -0.35 42.99 -15.36
CA THR B 111 -1.44 43.71 -16.03
C THR B 111 -2.77 43.16 -15.49
N SER B 135 -9.97 50.91 -6.10
CA SER B 135 -9.02 51.08 -7.19
C SER B 135 -7.94 49.98 -7.20
N GLY B 136 -7.28 49.79 -6.06
CA GLY B 136 -6.24 48.76 -5.89
C GLY B 136 -4.82 49.25 -6.15
N LYS B 137 -3.98 49.16 -5.12
CA LYS B 137 -2.53 49.37 -5.27
C LYS B 137 -1.86 48.05 -4.97
N LYS B 138 -1.07 47.54 -5.92
CA LYS B 138 -0.52 46.19 -5.80
C LYS B 138 0.59 46.09 -4.77
N PRO B 139 0.51 45.11 -3.84
CA PRO B 139 1.57 44.80 -2.89
C PRO B 139 2.88 44.43 -3.58
N VAL B 140 3.98 44.52 -2.84
CA VAL B 140 5.31 44.31 -3.45
C VAL B 140 6.06 43.17 -2.75
N MET B 141 6.58 42.23 -3.56
CA MET B 141 7.40 41.13 -3.05
C MET B 141 8.83 41.16 -3.59
N LEU B 142 9.77 41.50 -2.70
CA LEU B 142 11.20 41.55 -3.04
C LEU B 142 11.87 40.24 -2.69
N PHE B 143 12.51 39.63 -3.69
CA PHE B 143 13.25 38.38 -3.48
C PHE B 143 14.75 38.58 -3.25
N LEU B 144 15.21 38.07 -2.12
CA LEU B 144 16.61 38.10 -1.74
C LEU B 144 17.24 36.73 -1.97
N HIS B 145 18.07 36.65 -3.02
CA HIS B 145 18.63 35.37 -3.47
C HIS B 145 19.78 34.86 -2.60
N GLY B 146 20.58 33.94 -3.14
CA GLY B 146 21.83 33.50 -2.51
C GLY B 146 21.76 32.29 -1.58
N GLY B 147 22.66 31.34 -1.81
CA GLY B 147 22.79 30.16 -0.96
C GLY B 147 23.85 30.36 0.13
N SER B 148 25.04 30.79 -0.29
CA SER B 148 26.04 31.37 0.62
C SER B 148 25.93 32.88 0.44
N TYR B 149 26.90 33.64 0.95
CA TYR B 149 26.92 35.09 0.68
C TYR B 149 27.87 35.44 -0.44
N MET B 150 28.55 34.42 -0.95
CA MET B 150 29.55 34.58 -2.00
C MET B 150 28.95 34.64 -3.39
N GLU B 151 27.80 33.99 -3.56
CA GLU B 151 27.20 33.82 -4.89
C GLU B 151 25.80 34.37 -5.00
N GLY B 152 25.25 34.29 -6.21
CA GLY B 152 23.85 34.59 -6.48
C GLY B 152 23.62 35.75 -7.44
N THR B 153 22.37 35.90 -7.84
CA THR B 153 21.88 37.07 -8.61
C THR B 153 20.38 36.93 -8.79
N GLY B 154 19.66 38.05 -8.75
CA GLY B 154 18.20 38.03 -8.95
C GLY B 154 17.82 37.71 -10.39
N ASN B 155 18.84 37.51 -11.22
CA ASN B 155 18.69 37.24 -12.64
C ASN B 155 18.15 35.85 -12.94
N MET B 156 18.44 34.89 -12.06
CA MET B 156 18.02 33.51 -12.23
C MET B 156 16.53 33.37 -11.96
N PHE B 157 15.97 34.36 -11.25
CA PHE B 157 14.59 34.31 -10.81
C PHE B 157 13.71 35.29 -11.60
N ASP B 158 12.71 34.74 -12.28
CA ASP B 158 11.85 35.50 -13.19
C ASP B 158 10.48 35.76 -12.58
N GLY B 159 10.30 36.98 -12.08
CA GLY B 159 9.06 37.37 -11.42
C GLY B 159 7.77 37.22 -12.21
N SER B 160 7.88 37.30 -13.53
CA SER B 160 6.72 37.24 -14.44
C SER B 160 5.55 36.36 -13.99
N VAL B 161 5.85 35.11 -13.61
CA VAL B 161 4.79 34.14 -13.32
C VAL B 161 4.09 34.48 -12.01
N LEU B 162 4.89 34.59 -10.95
CA LEU B 162 4.40 34.94 -9.61
C LEU B 162 3.66 36.27 -9.59
N ALA B 163 4.08 37.19 -10.45
CA ALA B 163 3.51 38.53 -10.53
C ALA B 163 2.10 38.50 -11.15
N ALA B 164 2.00 37.88 -12.33
CA ALA B 164 0.76 37.84 -13.10
C ALA B 164 -0.33 37.10 -12.33
N TYR B 165 -0.06 35.85 -11.98
CA TYR B 165 -0.91 35.09 -11.06
C TYR B 165 -0.70 35.66 -9.66
N GLY B 166 -1.78 35.72 -8.87
CA GLY B 166 -1.69 36.27 -7.52
C GLY B 166 -1.66 37.80 -7.44
N ASN B 167 -1.26 38.46 -8.53
CA ASN B 167 -1.38 39.90 -8.68
C ASN B 167 -0.61 40.75 -7.66
N VAL B 168 0.72 40.71 -7.76
CA VAL B 168 1.59 41.57 -6.96
C VAL B 168 2.82 41.96 -7.78
N ILE B 169 3.44 43.07 -7.41
CA ILE B 169 4.71 43.47 -8.03
C ILE B 169 5.84 42.66 -7.39
N VAL B 170 6.47 41.83 -8.21
CA VAL B 170 7.61 41.04 -7.77
C VAL B 170 8.86 41.79 -8.15
N VAL B 171 9.81 41.85 -7.22
CA VAL B 171 11.11 42.45 -7.52
C VAL B 171 12.23 41.50 -7.18
N THR B 172 13.22 41.44 -8.05
CA THR B 172 14.48 40.79 -7.74
C THR B 172 15.57 41.84 -7.81
N LEU B 173 16.61 41.70 -6.98
CA LEU B 173 17.74 42.63 -7.00
C LEU B 173 19.03 41.85 -7.04
N ASN B 174 20.11 42.50 -7.47
CA ASN B 174 21.45 42.09 -7.03
C ASN B 174 22.04 43.07 -6.03
N TYR B 175 22.71 42.52 -5.03
CA TYR B 175 23.34 43.29 -3.98
C TYR B 175 24.80 42.89 -3.92
N ARG B 176 25.66 43.85 -3.55
CA ARG B 176 27.08 43.60 -3.40
C ARG B 176 27.33 42.32 -2.60
N LEU B 177 28.17 41.45 -3.14
CA LEU B 177 28.36 40.11 -2.59
C LEU B 177 29.65 39.91 -1.80
N GLY B 178 29.68 38.82 -1.04
CA GLY B 178 30.82 38.38 -0.25
C GLY B 178 31.96 39.35 -0.06
N VAL B 179 33.04 39.12 -0.82
CA VAL B 179 34.27 39.88 -0.68
C VAL B 179 34.06 41.40 -0.61
N LEU B 180 33.17 41.93 -1.46
CA LEU B 180 33.01 43.37 -1.62
C LEU B 180 31.89 43.96 -0.78
N GLY B 181 30.94 43.14 -0.39
CA GLY B 181 29.75 43.64 0.29
C GLY B 181 29.61 43.23 1.75
N PHE B 182 30.61 42.53 2.28
CA PHE B 182 30.50 41.97 3.63
C PHE B 182 31.77 42.03 4.47
N LEU B 183 32.87 42.46 3.84
CA LEU B 183 34.17 42.55 4.50
C LEU B 183 34.18 43.53 5.67
N SER B 184 34.68 43.07 6.81
CA SER B 184 34.69 43.88 8.03
C SER B 184 36.06 43.90 8.70
N THR B 185 36.33 45.00 9.39
CA THR B 185 37.53 45.11 10.23
C THR B 185 37.19 44.74 11.67
N GLY B 186 35.93 44.99 12.04
CA GLY B 186 35.51 44.99 13.44
C GLY B 186 35.83 46.35 14.02
N ASP B 187 36.20 47.28 13.15
CA ASP B 187 36.55 48.65 13.50
C ASP B 187 35.61 49.63 12.83
N GLN B 188 35.74 50.90 13.19
CA GLN B 188 35.03 51.98 12.49
C GLN B 188 35.69 52.24 11.14
N ALA B 189 36.55 51.30 10.71
CA ALA B 189 37.22 51.38 9.41
C ALA B 189 36.33 50.81 8.32
N ALA B 190 35.92 49.56 8.50
CA ALA B 190 34.96 48.91 7.60
C ALA B 190 33.96 48.09 8.42
N LYS B 191 32.78 48.65 8.61
CA LYS B 191 31.76 48.07 9.51
C LYS B 191 31.26 46.70 9.06
N GLY B 192 31.19 46.52 7.74
CA GLY B 192 30.63 45.31 7.13
C GLY B 192 29.20 45.54 6.71
N ASN B 193 28.44 44.45 6.55
CA ASN B 193 27.00 44.52 6.28
C ASN B 193 26.60 45.32 5.02
N TYR B 194 27.57 45.67 4.18
CA TYR B 194 27.34 46.48 2.98
C TYR B 194 26.27 45.85 2.09
N GLY B 195 26.31 44.53 1.97
CA GLY B 195 25.33 43.75 1.22
C GLY B 195 23.92 43.90 1.77
N LEU B 196 23.78 43.82 3.09
CA LEU B 196 22.51 44.07 3.77
C LEU B 196 22.10 45.54 3.61
N LEU B 197 23.09 46.42 3.50
CA LEU B 197 22.85 47.84 3.29
C LEU B 197 22.39 48.15 1.87
N ASP B 198 22.82 47.32 0.91
CA ASP B 198 22.35 47.42 -0.46
C ASP B 198 20.90 46.97 -0.52
N GLN B 199 20.55 45.99 0.31
CA GLN B 199 19.19 45.45 0.34
C GLN B 199 18.18 46.42 0.93
N ILE B 200 18.57 47.12 2.00
CA ILE B 200 17.71 48.13 2.61
C ILE B 200 17.55 49.29 1.64
N GLN B 201 18.62 49.60 0.90
CA GLN B 201 18.60 50.67 -0.07
C GLN B 201 17.61 50.47 -1.21
N ALA B 202 17.55 49.24 -1.73
CA ALA B 202 16.58 48.88 -2.75
C ALA B 202 15.18 48.99 -2.18
N LEU B 203 15.03 48.57 -0.91
CA LEU B 203 13.81 48.75 -0.15
C LEU B 203 13.44 50.24 0.03
N ARG B 204 14.43 51.08 0.31
CA ARG B 204 14.19 52.51 0.39
C ARG B 204 13.76 53.06 -0.97
N TRP B 205 14.38 52.54 -2.04
CA TRP B 205 14.02 52.90 -3.42
C TRP B 205 12.60 52.47 -3.70
N LEU B 206 12.32 51.21 -3.39
CA LEU B 206 10.99 50.63 -3.58
C LEU B 206 9.95 51.43 -2.85
N SER B 207 10.26 51.83 -1.62
CA SER B 207 9.34 52.59 -0.81
C SER B 207 8.89 53.86 -1.53
N GLU B 208 9.87 54.63 -2.01
CA GLU B 208 9.60 55.93 -2.60
C GLU B 208 9.06 55.83 -4.03
N ASN B 209 9.44 54.78 -4.74
CA ASN B 209 9.21 54.75 -6.18
C ASN B 209 8.17 53.77 -6.70
N ILE B 210 7.81 52.77 -5.89
CA ILE B 210 6.99 51.67 -6.40
C ILE B 210 5.57 52.11 -6.76
N ALA B 211 5.09 53.18 -6.14
CA ALA B 211 3.75 53.69 -6.41
C ALA B 211 3.59 54.22 -7.84
N HIS B 212 4.71 54.59 -8.48
CA HIS B 212 4.68 55.02 -9.88
C HIS B 212 4.33 53.87 -10.82
N PHE B 213 4.68 52.64 -10.42
CA PHE B 213 4.38 51.45 -11.21
C PHE B 213 3.05 50.84 -10.75
N GLY B 214 2.31 51.57 -9.92
CA GLY B 214 1.08 51.07 -9.36
C GLY B 214 1.32 50.23 -8.11
N GLY B 215 2.43 50.49 -7.43
CA GLY B 215 2.78 49.79 -6.19
C GLY B 215 2.18 50.35 -4.92
N ASP B 216 2.27 49.57 -3.84
CA ASP B 216 1.78 49.99 -2.54
C ASP B 216 2.89 49.86 -1.51
N PRO B 217 3.61 50.96 -1.23
CA PRO B 217 4.70 51.02 -0.25
C PRO B 217 4.22 50.74 1.18
N GLU B 218 2.91 50.82 1.38
CA GLU B 218 2.28 50.42 2.63
C GLU B 218 2.22 48.89 2.80
N ARG B 219 2.48 48.14 1.71
CA ARG B 219 2.38 46.68 1.72
C ARG B 219 3.53 45.92 1.04
N ILE B 220 4.76 46.39 1.21
CA ILE B 220 5.91 45.68 0.65
C ILE B 220 6.29 44.48 1.54
N THR B 221 6.40 43.32 0.90
CA THR B 221 6.85 42.10 1.56
C THR B 221 8.21 41.68 1.01
N ILE B 222 8.99 41.02 1.87
CA ILE B 222 10.36 40.66 1.57
C ILE B 222 10.49 39.17 1.80
N PHE B 223 10.87 38.43 0.76
CA PHE B 223 10.95 36.97 0.85
C PHE B 223 12.27 36.43 0.31
N GLY B 224 12.74 35.32 0.89
CA GLY B 224 14.03 34.76 0.51
C GLY B 224 14.30 33.36 1.03
N SER B 225 15.17 32.63 0.34
CA SER B 225 15.53 31.25 0.69
C SER B 225 17.03 31.02 0.63
N GLY B 226 17.50 30.06 1.42
CA GLY B 226 18.92 29.82 1.61
C GLY B 226 19.50 30.91 2.50
N ALA B 227 20.64 31.47 2.11
CA ALA B 227 21.22 32.61 2.82
C ALA B 227 20.27 33.80 2.82
N GLY B 228 19.53 33.95 1.72
CA GLY B 228 18.52 35.01 1.58
C GLY B 228 17.49 35.00 2.70
N ALA B 229 17.18 33.81 3.19
CA ALA B 229 16.29 33.66 4.32
C ALA B 229 16.93 34.16 5.62
N SER B 230 18.26 34.10 5.69
CA SER B 230 18.97 34.70 6.81
C SER B 230 18.80 36.21 6.76
N CYS B 231 19.10 36.81 5.61
CA CYS B 231 18.97 38.25 5.42
C CYS B 231 17.56 38.73 5.77
N VAL B 232 16.55 38.03 5.26
CA VAL B 232 15.17 38.35 5.57
C VAL B 232 15.06 38.46 7.09
N ASN B 233 15.50 37.41 7.77
CA ASN B 233 15.49 37.36 9.22
C ASN B 233 16.29 38.48 9.89
N LEU B 234 17.46 38.79 9.33
CA LEU B 234 18.35 39.83 9.88
C LEU B 234 17.70 41.21 9.83
N LEU B 235 17.31 41.61 8.63
CA LEU B 235 16.65 42.90 8.39
C LEU B 235 15.52 43.21 9.38
N ILE B 236 14.74 42.18 9.72
CA ILE B 236 13.67 42.33 10.71
C ILE B 236 14.20 42.93 12.01
N LEU B 237 15.32 42.38 12.49
CA LEU B 237 15.89 42.75 13.78
C LEU B 237 16.71 44.05 13.72
N SER B 238 16.82 44.63 12.53
CA SER B 238 17.58 45.86 12.31
C SER B 238 16.68 47.08 12.32
N HIS B 239 17.26 48.22 12.70
CA HIS B 239 16.59 49.52 12.67
C HIS B 239 16.39 49.93 11.23
N HIS B 240 17.50 50.06 10.51
CA HIS B 240 17.56 50.53 9.12
C HIS B 240 16.30 50.27 8.28
N SER B 241 15.71 49.09 8.46
CA SER B 241 14.53 48.70 7.73
C SER B 241 13.24 49.16 8.41
N GLU B 242 13.31 50.28 9.12
CA GLU B 242 12.22 50.77 9.96
C GLU B 242 10.78 50.90 9.48
N GLY B 243 10.58 51.68 8.43
CA GLY B 243 9.25 51.94 7.91
C GLY B 243 9.31 51.61 6.45
N LEU B 244 10.21 50.68 6.10
CA LEU B 244 10.44 50.28 4.72
C LEU B 244 9.58 49.10 4.31
N PHE B 245 9.59 48.03 5.11
CA PHE B 245 8.70 46.88 4.90
C PHE B 245 7.85 46.53 6.12
N GLN B 246 6.87 45.65 5.92
CA GLN B 246 5.97 45.24 7.01
C GLN B 246 5.87 43.72 7.20
N LYS B 247 5.93 42.96 6.11
CA LYS B 247 5.80 41.49 6.19
C LYS B 247 7.05 40.80 5.69
N ALA B 248 7.32 39.59 6.18
CA ALA B 248 8.50 38.84 5.77
C ALA B 248 8.27 37.33 5.66
N ILE B 249 8.80 36.75 4.58
CA ILE B 249 8.75 35.30 4.35
C ILE B 249 10.18 34.73 4.35
N ALA B 250 10.48 33.87 5.31
CA ALA B 250 11.80 33.27 5.42
C ALA B 250 11.77 31.77 5.08
N GLN B 251 12.41 31.40 3.98
CA GLN B 251 12.35 30.01 3.49
C GLN B 251 13.65 29.25 3.71
N SER B 252 13.60 28.26 4.60
CA SER B 252 14.76 27.42 4.91
C SER B 252 15.97 28.27 5.25
N GLY B 253 15.80 29.15 6.23
CA GLY B 253 16.87 30.04 6.66
C GLY B 253 16.48 30.93 7.82
N THR B 254 17.44 31.16 8.70
CA THR B 254 17.21 31.91 9.93
C THR B 254 18.38 32.86 10.23
N ALA B 255 18.31 33.56 11.36
CA ALA B 255 19.38 34.49 11.76
C ALA B 255 20.36 33.86 12.77
N ILE B 256 20.06 32.63 13.19
CA ILE B 256 20.87 31.94 14.19
C ILE B 256 21.39 30.58 13.71
N SER B 257 21.55 30.44 12.38
CA SER B 257 22.16 29.25 11.79
C SER B 257 23.67 29.33 12.01
N SER B 258 24.32 28.18 12.08
CA SER B 258 25.78 28.13 12.20
C SER B 258 26.49 28.79 10.99
N TRP B 259 25.71 29.25 10.03
CA TRP B 259 26.25 29.95 8.85
C TRP B 259 25.46 31.22 8.51
N SER B 260 24.66 31.70 9.45
CA SER B 260 23.90 32.94 9.26
C SER B 260 24.82 34.15 9.27
N VAL B 261 25.71 34.18 10.26
CA VAL B 261 26.47 35.39 10.58
C VAL B 261 27.89 35.06 11.03
N ASN B 262 28.85 35.87 10.58
CA ASN B 262 30.28 35.68 10.87
C ASN B 262 30.78 36.45 12.09
N TYR B 263 31.07 35.73 13.17
CA TYR B 263 31.48 36.34 14.43
C TYR B 263 33.00 36.53 14.54
N GLN B 264 33.73 36.16 13.50
CA GLN B 264 35.16 36.43 13.40
C GLN B 264 35.52 36.99 12.02
N PRO B 265 35.13 38.24 11.73
CA PRO B 265 35.45 38.85 10.44
C PRO B 265 36.94 39.20 10.33
N LEU B 266 37.50 39.77 11.38
CA LEU B 266 38.90 40.18 11.43
C LEU B 266 39.82 39.06 10.97
N LYS B 267 39.47 37.83 11.37
CA LYS B 267 40.27 36.63 11.10
C LYS B 267 40.36 36.30 9.61
N TYR B 268 39.20 36.19 8.96
CA TYR B 268 39.15 35.86 7.54
C TYR B 268 39.61 37.02 6.65
N THR B 269 39.47 38.24 7.16
CA THR B 269 39.88 39.44 6.43
C THR B 269 41.40 39.55 6.38
N ARG B 270 42.04 39.31 7.51
CA ARG B 270 43.50 39.27 7.60
C ARG B 270 44.08 38.29 6.59
N LEU B 271 43.47 37.10 6.52
CA LEU B 271 43.86 36.06 5.58
C LEU B 271 43.66 36.52 4.13
N LEU B 272 42.56 37.23 3.87
CA LEU B 272 42.28 37.81 2.56
C LEU B 272 43.38 38.79 2.17
N ALA B 273 43.67 39.72 3.09
CA ALA B 273 44.63 40.80 2.85
C ALA B 273 46.02 40.30 2.48
N ALA B 274 46.50 39.28 3.19
CA ALA B 274 47.80 38.68 2.93
C ALA B 274 47.83 37.88 1.62
N LYS B 275 46.66 37.40 1.20
CA LYS B 275 46.54 36.66 -0.06
C LYS B 275 46.63 37.55 -1.28
N VAL B 276 46.21 38.81 -1.15
CA VAL B 276 46.32 39.81 -2.23
C VAL B 276 47.55 40.69 -2.04
N GLY B 277 48.04 40.79 -0.81
CA GLY B 277 49.13 41.70 -0.46
C GLY B 277 48.59 43.02 0.07
N CYS B 278 47.97 42.97 1.23
CA CYS B 278 47.42 44.16 1.89
C CYS B 278 47.48 44.06 3.42
N ASP B 279 48.53 43.38 3.90
CA ASP B 279 48.77 43.21 5.33
C ASP B 279 49.29 44.51 5.95
N ARG B 280 48.35 45.32 6.46
CA ARG B 280 48.70 46.54 7.18
C ARG B 280 48.15 46.50 8.60
N GLU B 281 49.00 46.85 9.57
CA GLU B 281 48.64 46.75 10.98
C GLU B 281 47.74 47.88 11.50
N ASP B 282 47.41 48.83 10.62
CA ASP B 282 46.41 49.84 10.95
C ASP B 282 45.14 49.59 10.16
N SER B 283 44.00 49.68 10.84
CA SER B 283 42.69 49.44 10.22
C SER B 283 42.42 50.35 9.03
N THR B 284 42.16 51.63 9.30
CA THR B 284 41.75 52.59 8.27
C THR B 284 42.70 52.65 7.06
N GLU B 285 43.99 52.44 7.30
CA GLU B 285 44.98 52.39 6.22
C GLU B 285 44.90 51.10 5.41
N ALA B 286 44.68 49.98 6.11
CA ALA B 286 44.60 48.66 5.48
C ALA B 286 43.43 48.55 4.52
N VAL B 287 42.28 49.10 4.91
CA VAL B 287 41.08 49.06 4.07
C VAL B 287 41.34 49.82 2.77
N GLU B 288 42.06 50.95 2.89
CA GLU B 288 42.44 51.75 1.72
C GLU B 288 43.36 50.99 0.77
N CYS B 289 44.06 49.99 1.29
CA CYS B 289 44.91 49.10 0.49
C CYS B 289 44.04 48.22 -0.42
N LEU B 290 42.96 47.68 0.15
CA LEU B 290 42.03 46.85 -0.59
C LEU B 290 41.26 47.64 -1.64
N ARG B 291 41.04 48.92 -1.34
CA ARG B 291 40.26 49.83 -2.18
C ARG B 291 41.03 50.21 -3.45
N ARG B 292 42.06 49.43 -3.79
CA ARG B 292 42.88 49.66 -4.97
C ARG B 292 43.12 48.36 -5.74
N LYS B 293 42.27 47.37 -5.48
CA LYS B 293 42.37 46.07 -6.15
C LYS B 293 41.10 45.79 -6.94
N SER B 294 41.25 45.34 -8.21
CA SER B 294 40.12 45.22 -9.11
C SER B 294 39.17 44.12 -8.66
N SER B 295 37.96 44.15 -9.24
CA SER B 295 36.91 43.15 -9.05
C SER B 295 37.44 41.71 -9.08
N ARG B 296 38.06 41.35 -10.19
CA ARG B 296 38.59 40.00 -10.40
C ARG B 296 39.58 39.61 -9.31
N GLU B 297 40.52 40.51 -9.01
CA GLU B 297 41.64 40.21 -8.10
C GLU B 297 41.23 39.81 -6.69
N LEU B 298 40.30 40.55 -6.09
CA LEU B 298 39.91 40.29 -4.69
C LEU B 298 38.81 39.23 -4.48
N VAL B 299 37.93 39.06 -5.47
CA VAL B 299 36.80 38.14 -5.33
C VAL B 299 37.19 36.65 -5.37
N ASP B 300 37.72 36.21 -6.49
CA ASP B 300 38.17 34.82 -6.65
C ASP B 300 39.48 34.59 -5.90
N GLN B 301 39.37 34.24 -4.62
CA GLN B 301 40.52 34.29 -3.73
C GLN B 301 40.97 32.95 -3.14
N ASP B 302 40.07 31.96 -3.09
CA ASP B 302 40.36 30.64 -2.51
C ASP B 302 40.56 30.70 -1.00
N VAL B 303 39.60 31.32 -0.30
CA VAL B 303 39.63 31.39 1.15
C VAL B 303 38.48 30.54 1.73
N GLN B 304 38.74 29.24 1.89
CA GLN B 304 37.74 28.29 2.41
C GLN B 304 37.26 28.68 3.80
N PRO B 305 35.95 28.49 4.08
CA PRO B 305 35.44 28.70 5.42
C PRO B 305 35.74 27.51 6.34
N ALA B 306 35.83 27.76 7.65
CA ALA B 306 35.91 26.67 8.62
C ALA B 306 34.52 26.10 8.32
N ARG B 307 34.48 24.77 8.17
CA ARG B 307 33.32 24.01 7.64
C ARG B 307 32.05 24.27 8.46
N TYR B 308 30.93 24.40 7.74
CA TYR B 308 29.59 24.66 8.31
C TYR B 308 29.39 26.10 8.82
N HIS B 309 30.40 26.95 8.63
CA HIS B 309 30.32 28.38 8.94
C HIS B 309 30.62 29.21 7.68
N ILE B 310 30.61 30.54 7.80
CA ILE B 310 30.92 31.42 6.67
C ILE B 310 32.23 32.17 6.87
N ALA B 311 32.84 32.58 5.76
CA ALA B 311 34.06 33.39 5.80
C ALA B 311 33.71 34.86 5.68
N PHE B 312 33.01 35.22 4.61
CA PHE B 312 32.57 36.58 4.38
C PHE B 312 31.06 36.65 4.32
N GLY B 313 30.49 37.52 5.15
CA GLY B 313 29.04 37.63 5.29
C GLY B 313 28.65 38.72 6.27
N PRO B 314 27.41 38.67 6.77
CA PRO B 314 26.93 39.67 7.71
C PRO B 314 27.67 39.56 9.04
N VAL B 315 27.99 40.71 9.62
CA VAL B 315 28.75 40.76 10.86
C VAL B 315 28.00 41.62 11.88
N VAL B 316 28.11 41.23 13.15
CA VAL B 316 27.54 42.00 14.26
C VAL B 316 28.37 43.26 14.50
N ASP B 317 27.97 44.34 13.83
CA ASP B 317 28.48 45.67 14.11
C ASP B 317 27.32 46.58 14.48
N GLY B 318 27.33 46.99 15.75
CA GLY B 318 26.25 47.76 16.39
C GLY B 318 25.80 48.99 15.64
N ASP B 319 25.21 48.76 14.47
CA ASP B 319 24.73 49.79 13.57
C ASP B 319 23.51 49.25 12.87
N VAL B 320 23.73 48.22 12.04
CA VAL B 320 22.65 47.53 11.34
C VAL B 320 22.45 46.16 11.96
N VAL B 321 23.50 45.64 12.60
CA VAL B 321 23.41 44.40 13.38
C VAL B 321 23.85 44.71 14.82
N PRO B 322 22.89 45.15 15.66
CA PRO B 322 23.18 45.81 16.93
C PRO B 322 23.82 44.90 17.98
N ASP B 323 23.50 43.60 17.91
CA ASP B 323 23.91 42.66 18.94
C ASP B 323 23.90 41.25 18.34
N ASP B 324 24.32 40.25 19.11
CA ASP B 324 24.18 38.85 18.70
C ASP B 324 22.70 38.59 18.42
N PRO B 325 22.34 38.27 17.16
CA PRO B 325 20.94 38.22 16.72
C PRO B 325 20.04 37.35 17.60
N GLU B 326 20.64 36.44 18.37
CA GLU B 326 19.86 35.58 19.27
C GLU B 326 19.32 36.39 20.45
N ILE B 327 20.12 37.34 20.91
CA ILE B 327 19.80 38.17 22.06
C ILE B 327 18.77 39.24 21.69
N LEU B 328 18.81 39.67 20.43
CA LEU B 328 17.90 40.71 19.95
C LEU B 328 16.45 40.24 19.92
N MET B 329 16.28 38.94 19.69
CA MET B 329 14.96 38.32 19.69
C MET B 329 14.40 38.24 21.12
N GLN B 330 15.26 37.79 22.04
CA GLN B 330 14.88 37.65 23.44
C GLN B 330 14.69 39.00 24.10
N GLN B 331 15.62 39.92 23.87
CA GLN B 331 15.49 41.29 24.35
C GLN B 331 14.56 42.07 23.42
N GLY B 332 13.73 41.32 22.70
CA GLY B 332 12.66 41.83 21.85
C GLY B 332 12.86 43.16 21.16
N GLU B 333 14.12 43.48 20.82
CA GLU B 333 14.42 44.75 20.17
C GLU B 333 14.20 44.65 18.65
N PHE B 334 12.95 44.34 18.27
CA PHE B 334 12.51 44.33 16.88
C PHE B 334 11.04 44.73 16.79
N LEU B 335 10.66 45.36 15.69
CA LEU B 335 9.26 45.76 15.47
C LEU B 335 8.51 44.57 14.93
N ASN B 336 7.51 44.09 15.68
CA ASN B 336 6.87 42.81 15.39
C ASN B 336 6.13 42.69 14.04
N TYR B 337 6.87 42.22 13.03
CA TYR B 337 6.40 42.08 11.64
C TYR B 337 5.65 40.78 11.40
N ASP B 338 4.69 40.82 10.48
CA ASP B 338 4.03 39.61 9.98
C ASP B 338 5.08 38.67 9.42
N MET B 339 4.98 37.39 9.75
CA MET B 339 6.03 36.44 9.45
C MET B 339 5.54 35.10 8.93
N LEU B 340 6.32 34.53 8.02
CA LEU B 340 6.00 33.24 7.43
C LEU B 340 7.30 32.44 7.31
N ILE B 341 7.62 31.67 8.34
CA ILE B 341 8.86 30.89 8.36
C ILE B 341 8.56 29.44 8.07
N GLY B 342 9.51 28.75 7.43
CA GLY B 342 9.38 27.33 7.16
C GLY B 342 10.63 26.58 6.77
N VAL B 343 10.47 25.27 6.59
CA VAL B 343 11.53 24.33 6.25
C VAL B 343 11.02 23.23 5.33
N ASN B 344 11.91 22.65 4.54
CA ASN B 344 11.59 21.46 3.75
C ASN B 344 11.93 20.21 4.55
N GLN B 345 11.52 19.04 4.06
CA GLN B 345 11.80 17.79 4.77
C GLN B 345 13.14 17.06 4.79
N GLY B 346 13.77 16.94 3.62
CA GLY B 346 15.02 16.19 3.49
C GLY B 346 16.02 17.25 3.05
N GLU B 347 16.13 18.32 3.84
CA GLU B 347 16.97 19.47 3.49
C GLU B 347 18.46 19.13 3.37
N GLY B 348 18.99 18.46 4.39
CA GLY B 348 20.41 18.13 4.45
C GLY B 348 20.86 17.00 3.53
N LEU B 349 20.28 16.94 2.34
CA LEU B 349 20.64 15.93 1.35
C LEU B 349 22.11 16.00 0.97
N LYS B 350 22.64 17.22 0.92
CA LYS B 350 24.03 17.45 0.55
C LYS B 350 25.00 16.90 1.60
N PHE B 351 24.57 16.92 2.87
CA PHE B 351 25.40 16.45 3.98
C PHE B 351 25.78 14.98 3.88
N VAL B 352 24.91 14.18 3.27
CA VAL B 352 25.13 12.74 3.16
C VAL B 352 25.55 12.30 1.75
N GLU B 353 25.97 13.26 0.94
CA GLU B 353 26.44 12.98 -0.41
C GLU B 353 27.84 12.38 -0.45
N ASP B 354 28.37 11.99 0.70
CA ASP B 354 29.60 11.22 0.79
C ASP B 354 29.37 9.82 0.23
N SER B 355 28.19 9.27 0.54
CA SER B 355 27.76 7.98 0.04
C SER B 355 26.33 8.07 -0.50
N ALA B 356 26.18 8.70 -1.67
CA ALA B 356 24.90 8.79 -2.36
C ALA B 356 24.64 7.55 -3.20
N GLU B 357 25.67 7.12 -3.93
CA GLU B 357 25.62 5.88 -4.71
C GLU B 357 26.75 4.92 -4.36
N SER B 358 27.16 4.92 -3.10
CA SER B 358 28.31 4.15 -2.63
C SER B 358 27.70 2.97 -1.85
N GLU B 359 27.38 1.91 -2.59
CA GLU B 359 26.70 0.70 -2.07
C GLU B 359 25.41 0.97 -1.28
N ASP B 360 25.29 0.42 -0.08
CA ASP B 360 24.05 0.46 0.70
C ASP B 360 23.78 1.81 1.39
N GLY B 361 23.67 1.79 2.71
CA GLY B 361 23.66 3.01 3.50
C GLY B 361 24.64 2.97 4.65
N VAL B 362 25.78 2.32 4.43
CA VAL B 362 27.02 2.68 5.11
C VAL B 362 27.14 2.46 6.61
N SER B 363 26.95 1.21 7.04
CA SER B 363 27.01 0.87 8.45
C SER B 363 28.21 1.41 9.23
N ALA B 364 27.97 2.42 10.06
CA ALA B 364 28.60 2.52 11.37
C ALA B 364 30.08 2.84 11.25
N SER B 365 30.81 1.99 10.52
CA SER B 365 32.17 2.30 10.13
C SER B 365 32.26 3.63 9.39
N ALA B 366 31.25 3.90 8.55
CA ALA B 366 31.16 5.16 7.84
C ALA B 366 30.14 6.11 8.48
N PHE B 367 29.39 5.60 9.46
CA PHE B 367 28.39 6.38 10.19
C PHE B 367 29.02 7.19 11.33
N ASP B 368 29.79 6.50 12.18
CA ASP B 368 30.44 7.14 13.33
C ASP B 368 31.63 8.01 12.93
N PHE B 369 32.07 7.90 11.69
CA PHE B 369 33.18 8.72 11.17
C PHE B 369 32.69 10.03 10.52
N THR B 370 31.37 10.18 10.36
CA THR B 370 30.79 11.45 9.88
C THR B 370 29.86 12.09 10.92
N VAL B 371 29.69 11.42 12.05
CA VAL B 371 28.85 11.94 13.14
C VAL B 371 29.70 12.40 14.33
N SER B 372 30.90 11.83 14.45
CA SER B 372 31.80 12.16 15.57
C SER B 372 32.54 13.46 15.31
N ASN B 373 33.10 13.61 14.11
CA ASN B 373 33.74 14.86 13.73
C ASN B 373 32.72 15.95 13.39
N PHE B 374 31.46 15.54 13.20
CA PHE B 374 30.34 16.48 13.11
C PHE B 374 30.30 17.32 14.39
N VAL B 375 30.42 16.64 15.53
CA VAL B 375 30.44 17.31 16.84
C VAL B 375 31.65 18.23 16.93
N ASP B 376 32.82 17.72 16.55
CA ASP B 376 34.07 18.49 16.52
C ASP B 376 33.94 19.80 15.73
N ASN B 377 33.11 19.77 14.69
CA ASN B 377 32.94 20.90 13.78
C ASN B 377 32.02 22.01 14.30
N LEU B 378 31.38 21.78 15.44
CA LEU B 378 30.40 22.73 15.96
C LEU B 378 30.65 23.13 17.41
N TYR B 379 30.88 22.13 18.26
CA TYR B 379 31.04 22.35 19.69
C TYR B 379 32.48 22.12 20.14
N GLY B 380 32.85 20.86 20.37
CA GLY B 380 34.22 20.48 20.71
C GLY B 380 34.70 20.91 22.09
N TYR B 381 33.78 21.38 22.93
CA TYR B 381 34.10 21.77 24.31
C TYR B 381 34.33 20.51 25.12
N PRO B 382 35.51 20.40 25.76
CA PRO B 382 35.88 19.25 26.61
C PRO B 382 34.84 18.88 27.68
N GLU B 383 33.85 19.74 27.91
CA GLU B 383 32.70 19.44 28.75
C GLU B 383 31.79 18.43 28.05
N GLY B 384 31.48 18.69 26.79
CA GLY B 384 30.76 17.74 25.93
C GLY B 384 31.66 17.19 24.84
N LYS B 385 32.70 16.46 25.25
CA LYS B 385 33.68 15.88 24.33
C LYS B 385 33.25 14.47 23.92
N ASP B 386 33.40 13.53 24.85
CA ASP B 386 32.93 12.16 24.66
C ASP B 386 31.42 12.10 24.93
N VAL B 387 30.99 12.80 25.97
CA VAL B 387 29.62 12.75 26.48
C VAL B 387 28.58 13.27 25.48
N LEU B 388 28.88 14.40 24.84
CA LEU B 388 27.97 14.98 23.85
C LEU B 388 28.00 14.22 22.52
N ARG B 389 29.04 13.39 22.34
CA ARG B 389 29.25 12.69 21.08
C ARG B 389 28.40 11.43 20.94
N GLU B 390 28.33 10.64 22.01
CA GLU B 390 27.63 9.35 21.98
C GLU B 390 26.12 9.48 22.17
N THR B 391 25.68 10.60 22.75
CA THR B 391 24.26 10.81 23.02
C THR B 391 23.45 11.08 21.74
N ILE B 392 24.02 11.87 20.82
CA ILE B 392 23.33 12.17 19.56
C ILE B 392 23.34 10.95 18.63
N LYS B 393 24.36 10.11 18.79
CA LYS B 393 24.46 8.85 18.09
C LYS B 393 23.25 7.99 18.40
N PHE B 394 22.90 7.94 19.69
CA PHE B 394 21.74 7.21 20.17
C PHE B 394 20.42 7.82 19.68
N MET B 395 20.35 9.15 19.67
CA MET B 395 19.11 9.89 19.34
C MET B 395 18.68 9.73 17.89
N TYR B 396 19.65 9.76 16.97
CA TYR B 396 19.36 9.63 15.56
C TYR B 396 19.67 8.23 15.01
N THR B 397 19.18 7.23 15.72
CA THR B 397 19.10 5.86 15.24
C THR B 397 17.90 5.18 15.90
N ASP B 398 16.82 5.03 15.14
CA ASP B 398 15.63 4.35 15.65
C ASP B 398 15.97 2.88 15.91
N TRP B 399 15.57 2.40 17.08
CA TRP B 399 15.96 1.07 17.53
C TRP B 399 14.93 0.01 17.17
N ALA B 400 13.88 0.43 16.45
CA ALA B 400 12.92 -0.47 15.85
C ALA B 400 13.63 -1.53 15.02
N ASP B 401 14.61 -1.08 14.23
CA ASP B 401 15.49 -1.96 13.48
C ASP B 401 16.78 -1.21 13.16
N ARG B 402 17.86 -1.55 13.84
CA ARG B 402 19.14 -0.82 13.71
C ARG B 402 20.11 -1.43 12.71
N ASP B 403 20.04 -2.76 12.55
CA ASP B 403 20.88 -3.47 11.60
C ASP B 403 20.22 -3.35 10.21
N ASN B 404 20.23 -2.13 9.67
CA ASN B 404 19.37 -1.81 8.54
C ASN B 404 20.01 -1.31 7.25
N GLY B 405 20.93 -0.36 7.35
CA GLY B 405 21.64 0.13 6.16
C GLY B 405 20.98 1.34 5.53
N GLU B 406 20.04 1.09 4.60
CA GLU B 406 19.37 2.17 3.85
C GLU B 406 18.96 3.34 4.74
N MET B 407 18.17 3.05 5.76
CA MET B 407 17.65 4.05 6.68
C MET B 407 18.71 4.60 7.66
N ARG B 408 19.98 4.42 7.32
CA ARG B 408 21.09 5.01 8.08
C ARG B 408 21.42 6.37 7.48
N ARG B 409 21.17 6.50 6.17
CA ARG B 409 21.30 7.78 5.48
C ARG B 409 20.23 8.76 5.95
N LYS B 410 18.98 8.32 5.93
CA LYS B 410 17.84 9.15 6.28
C LYS B 410 17.97 9.80 7.67
N THR B 411 18.45 9.03 8.65
CA THR B 411 18.68 9.55 10.00
C THR B 411 19.86 10.52 10.07
N LEU B 412 20.93 10.23 9.34
CA LEU B 412 22.05 11.16 9.19
C LEU B 412 21.61 12.46 8.51
N LEU B 413 20.78 12.32 7.48
CA LEU B 413 20.20 13.45 6.76
C LEU B 413 19.38 14.33 7.68
N ALA B 414 18.50 13.69 8.44
CA ALA B 414 17.61 14.40 9.35
C ALA B 414 18.38 15.10 10.46
N LEU B 415 19.32 14.39 11.09
CA LEU B 415 20.17 14.96 12.15
C LEU B 415 20.71 16.34 11.74
N PHE B 416 21.32 16.39 10.57
CA PHE B 416 21.84 17.63 10.02
C PHE B 416 20.69 18.61 9.75
N THR B 417 19.62 18.11 9.12
CA THR B 417 18.42 18.89 8.82
C THR B 417 17.88 19.56 10.07
N ASP B 418 17.65 18.76 11.11
CA ASP B 418 17.17 19.24 12.39
C ASP B 418 18.10 20.30 12.96
N HIS B 419 19.40 20.03 12.90
CA HIS B 419 20.42 20.89 13.50
C HIS B 419 20.71 22.17 12.71
N GLN B 420 20.34 22.20 11.43
CA GLN B 420 20.70 23.34 10.60
C GLN B 420 19.53 24.20 10.17
N TRP B 421 18.33 23.61 10.10
CA TRP B 421 17.15 24.34 9.64
C TRP B 421 15.96 24.30 10.60
N VAL B 422 15.52 23.10 10.98
CA VAL B 422 14.25 22.95 11.70
C VAL B 422 14.25 23.58 13.10
N ALA B 423 15.20 23.17 13.93
CA ALA B 423 15.35 23.72 15.27
C ALA B 423 15.71 25.21 15.24
N PRO B 424 16.72 25.56 14.42
CA PRO B 424 16.96 26.99 14.20
C PRO B 424 15.69 27.75 13.82
N ALA B 425 14.81 27.11 13.06
CA ALA B 425 13.59 27.77 12.58
C ALA B 425 12.50 27.84 13.66
N VAL B 426 12.23 26.72 14.33
CA VAL B 426 11.14 26.70 15.30
C VAL B 426 11.45 27.58 16.53
N ALA B 427 12.73 27.71 16.85
CA ALA B 427 13.17 28.54 17.97
C ALA B 427 12.96 30.00 17.61
N THR B 428 13.48 30.40 16.45
CA THR B 428 13.30 31.76 15.95
C THR B 428 11.83 32.05 15.62
N ALA B 429 11.03 31.00 15.44
CA ALA B 429 9.59 31.14 15.22
C ALA B 429 8.88 31.48 16.53
N LYS B 430 9.22 30.75 17.60
CA LYS B 430 8.64 30.95 18.93
C LYS B 430 8.94 32.34 19.49
N LEU B 431 10.12 32.88 19.14
CA LEU B 431 10.57 34.16 19.67
C LEU B 431 9.78 35.34 19.12
N HIS B 432 9.48 35.31 17.83
CA HIS B 432 8.60 36.32 17.23
C HIS B 432 7.13 36.05 17.65
N ALA B 433 6.79 34.78 17.81
CA ALA B 433 5.43 34.37 18.22
C ALA B 433 5.10 34.75 19.68
N ASP B 434 6.14 34.94 20.49
CA ASP B 434 5.98 35.38 21.89
C ASP B 434 5.80 36.89 21.99
N TYR B 435 6.27 37.62 20.98
CA TYR B 435 6.25 39.09 21.02
C TYR B 435 5.20 39.72 20.10
N GLN B 436 4.04 39.07 19.98
CA GLN B 436 2.84 39.64 19.33
C GLN B 436 2.82 39.74 17.81
N SER B 437 3.93 39.43 17.16
CA SER B 437 3.96 39.40 15.70
C SER B 437 3.26 38.11 15.29
N PRO B 438 2.29 38.21 14.37
CA PRO B 438 1.63 37.01 13.87
C PRO B 438 2.62 36.20 13.05
N VAL B 439 2.77 34.93 13.40
CA VAL B 439 3.72 34.04 12.73
C VAL B 439 2.98 32.81 12.24
N TYR B 440 3.24 32.43 10.98
CA TYR B 440 2.65 31.24 10.38
C TYR B 440 3.74 30.26 9.97
N PHE B 441 3.68 29.03 10.51
CA PHE B 441 4.71 28.03 10.24
C PHE B 441 4.34 27.07 9.11
N TYR B 442 5.31 26.79 8.23
CA TYR B 442 5.11 25.83 7.13
C TYR B 442 6.16 24.73 7.08
N THR B 443 5.80 23.60 6.47
CA THR B 443 6.74 22.51 6.22
C THR B 443 6.52 21.92 4.84
N PHE B 444 7.44 22.24 3.92
CA PHE B 444 7.34 21.81 2.52
C PHE B 444 7.71 20.34 2.37
N TYR B 445 6.70 19.50 2.22
CA TYR B 445 6.87 18.05 2.09
C TYR B 445 6.61 17.59 0.67
N HIS B 446 7.47 18.03 -0.24
CA HIS B 446 7.36 17.68 -1.66
C HIS B 446 8.56 18.22 -2.43
N HIS B 447 9.05 17.43 -3.38
CA HIS B 447 10.05 17.89 -4.34
C HIS B 447 9.79 17.24 -5.69
N CYS B 448 10.18 17.93 -6.74
CA CYS B 448 10.00 17.39 -8.08
C CYS B 448 10.97 16.24 -8.32
N GLN B 449 10.53 15.28 -9.13
CA GLN B 449 11.36 14.15 -9.52
C GLN B 449 12.54 14.62 -10.36
N ALA B 450 13.64 14.95 -9.69
CA ALA B 450 14.84 15.48 -10.35
C ALA B 450 15.82 14.37 -10.75
N GLU B 451 16.61 14.62 -11.78
CA GLU B 451 17.54 13.63 -12.31
C GLU B 451 18.79 13.52 -11.44
N GLY B 452 19.11 14.53 -10.69
CA GLY B 452 20.27 14.53 -9.81
C GLY B 452 20.14 13.64 -8.57
N ARG B 453 18.94 13.60 -8.00
CA ARG B 453 18.67 12.83 -6.79
C ARG B 453 18.10 11.43 -7.05
N PRO B 454 18.42 10.47 -6.17
CA PRO B 454 17.81 9.13 -6.20
C PRO B 454 16.35 9.14 -5.72
N GLU B 455 15.77 7.94 -5.58
CA GLU B 455 14.34 7.78 -5.25
C GLU B 455 13.98 8.13 -3.80
N TRP B 456 14.79 7.67 -2.86
CA TRP B 456 14.54 7.85 -1.42
C TRP B 456 14.61 9.30 -0.95
N ALA B 457 15.21 10.17 -1.77
CA ALA B 457 15.39 11.59 -1.43
C ALA B 457 14.05 12.31 -1.23
N ASP B 458 13.99 13.12 -0.16
CA ASP B 458 12.80 13.93 0.09
C ASP B 458 13.06 15.38 -0.33
N ALA B 459 12.15 16.28 0.03
CA ALA B 459 12.30 17.70 -0.26
C ALA B 459 13.63 18.25 0.25
N ALA B 460 14.56 18.47 -0.67
CA ALA B 460 15.91 18.94 -0.37
C ALA B 460 15.97 20.47 -0.26
N HIS B 461 17.14 21.01 0.10
CA HIS B 461 17.28 22.45 0.27
C HIS B 461 17.12 23.20 -1.05
N GLY B 462 16.27 24.21 -1.02
CA GLY B 462 15.99 25.03 -2.19
C GLY B 462 14.88 24.47 -3.06
N ASP B 463 14.59 23.18 -2.92
CA ASP B 463 13.57 22.51 -3.75
C ASP B 463 12.18 23.13 -3.64
N GLU B 464 12.05 24.15 -2.79
CA GLU B 464 10.77 24.85 -2.65
C GLU B 464 10.65 26.06 -3.59
N LEU B 465 11.77 26.53 -4.14
CA LEU B 465 11.78 27.74 -4.99
C LEU B 465 10.88 27.69 -6.25
N PRO B 466 11.02 26.63 -7.08
CA PRO B 466 10.24 26.58 -8.32
C PRO B 466 8.73 26.65 -8.08
N TYR B 467 8.29 26.06 -6.96
CA TYR B 467 6.88 26.11 -6.57
C TYR B 467 6.47 27.52 -6.15
N VAL B 468 7.37 28.26 -5.49
CA VAL B 468 7.11 29.65 -5.13
C VAL B 468 7.03 30.54 -6.38
N PHE B 469 7.96 30.35 -7.33
CA PHE B 469 8.04 31.22 -8.51
C PHE B 469 7.13 30.84 -9.68
N GLY B 470 6.23 29.88 -9.44
CA GLY B 470 5.27 29.43 -10.44
C GLY B 470 5.95 28.86 -11.67
N VAL B 471 7.11 28.25 -11.44
CA VAL B 471 7.91 27.68 -12.52
C VAL B 471 7.26 26.46 -13.19
N PRO B 472 6.60 25.57 -12.41
CA PRO B 472 5.90 24.47 -13.06
C PRO B 472 4.73 24.96 -13.91
N MET B 473 4.25 26.16 -13.62
CA MET B 473 3.07 26.69 -14.27
C MET B 473 3.36 27.36 -15.61
N VAL B 474 4.64 27.48 -15.95
CA VAL B 474 5.04 28.18 -17.17
C VAL B 474 5.79 27.25 -18.12
N GLY B 475 6.63 26.39 -17.54
CA GLY B 475 7.42 25.47 -18.34
C GLY B 475 8.69 25.01 -17.62
N ALA B 476 9.04 23.75 -17.81
CA ALA B 476 10.36 23.26 -17.42
C ALA B 476 11.47 24.15 -17.99
N THR B 477 12.21 24.80 -17.11
CA THR B 477 13.13 25.86 -17.50
C THR B 477 14.59 25.42 -17.34
N ASP B 478 15.51 26.33 -17.64
CA ASP B 478 16.93 26.01 -17.63
C ASP B 478 17.30 25.19 -16.40
N LEU B 479 17.25 25.82 -15.24
CA LEU B 479 18.18 25.51 -14.15
C LEU B 479 17.45 24.95 -12.94
N PHE B 480 16.16 24.65 -13.12
CA PHE B 480 15.56 23.45 -12.54
C PHE B 480 15.03 22.52 -13.63
N PRO B 481 15.91 21.68 -14.15
CA PRO B 481 15.55 20.76 -15.23
C PRO B 481 14.72 19.58 -14.72
N CYS B 482 13.40 19.76 -14.66
CA CYS B 482 12.53 18.79 -14.01
C CYS B 482 11.22 18.57 -14.76
N ASN B 483 10.89 17.30 -14.98
CA ASN B 483 9.63 16.91 -15.59
C ASN B 483 8.49 17.20 -14.63
N PHE B 484 7.88 18.37 -14.77
CA PHE B 484 6.81 18.79 -13.86
C PHE B 484 5.50 18.11 -14.20
N SER B 485 4.91 17.50 -13.17
CA SER B 485 3.65 16.78 -13.31
C SER B 485 2.46 17.72 -13.07
N LYS B 486 1.26 17.18 -13.24
CA LYS B 486 0.03 17.95 -13.06
C LYS B 486 -0.17 18.42 -11.62
N ASN B 487 0.36 17.64 -10.66
CA ASN B 487 0.30 17.99 -9.24
C ASN B 487 1.26 19.12 -8.89
N ASP B 488 2.45 19.07 -9.50
CA ASP B 488 3.45 20.11 -9.35
C ASP B 488 2.89 21.48 -9.70
N VAL B 489 1.88 21.51 -10.58
CA VAL B 489 1.22 22.75 -10.95
C VAL B 489 0.26 23.20 -9.83
N MET B 490 -0.70 22.33 -9.47
CA MET B 490 -1.64 22.60 -8.37
C MET B 490 -0.91 23.16 -7.15
N LEU B 491 0.12 22.45 -6.71
CA LEU B 491 0.89 22.80 -5.53
C LEU B 491 1.53 24.17 -5.67
N SER B 492 2.03 24.48 -6.87
CA SER B 492 2.62 25.77 -7.15
C SER B 492 1.57 26.87 -6.97
N ALA B 493 0.43 26.69 -7.63
CA ALA B 493 -0.69 27.63 -7.49
C ALA B 493 -1.05 27.82 -6.02
N VAL B 494 -1.22 26.70 -5.33
CA VAL B 494 -1.57 26.69 -3.91
C VAL B 494 -0.58 27.53 -3.09
N VAL B 495 0.72 27.28 -3.24
CA VAL B 495 1.73 28.03 -2.46
C VAL B 495 1.79 29.50 -2.88
N MET B 496 1.39 29.80 -4.11
CA MET B 496 1.41 31.18 -4.57
C MET B 496 0.27 31.99 -3.97
N THR B 497 -0.96 31.51 -4.10
CA THR B 497 -2.08 32.21 -3.47
C THR B 497 -2.08 32.05 -1.94
N TYR B 498 -1.09 31.33 -1.41
CA TYR B 498 -0.77 31.40 0.02
C TYR B 498 0.20 32.55 0.21
N TRP B 499 1.36 32.45 -0.44
CA TRP B 499 2.40 33.47 -0.39
C TRP B 499 1.79 34.85 -0.63
N THR B 500 1.21 35.05 -1.81
CA THR B 500 0.63 36.35 -2.21
C THR B 500 -0.46 36.83 -1.24
N ASN B 501 -1.27 35.89 -0.74
CA ASN B 501 -2.27 36.23 0.27
C ASN B 501 -1.63 36.81 1.52
N PHE B 502 -0.47 36.26 1.90
CA PHE B 502 0.29 36.75 3.02
C PHE B 502 0.89 38.11 2.69
N ALA B 503 1.30 38.29 1.43
CA ALA B 503 1.83 39.57 0.96
C ALA B 503 0.76 40.64 0.97
N LYS B 504 -0.50 40.21 1.02
CA LYS B 504 -1.65 41.10 0.93
C LYS B 504 -2.15 41.58 2.30
N THR B 505 -2.40 40.64 3.21
CA THR B 505 -3.03 40.95 4.50
C THR B 505 -2.41 40.19 5.67
N GLY B 506 -1.10 39.97 5.60
CA GLY B 506 -0.36 39.24 6.64
C GLY B 506 -1.00 37.93 7.04
N ASP B 507 -1.78 37.37 6.12
CA ASP B 507 -2.57 36.17 6.37
C ASP B 507 -2.54 35.28 5.13
N PRO B 508 -1.96 34.07 5.27
CA PRO B 508 -1.73 33.10 4.20
C PRO B 508 -3.00 32.68 3.47
N ASN B 509 -4.15 32.83 4.13
CA ASN B 509 -5.43 32.52 3.52
C ASN B 509 -6.41 33.69 3.63
N GLN B 510 -6.01 34.84 3.09
CA GLN B 510 -6.91 35.97 2.95
C GLN B 510 -6.37 36.99 1.95
N PRO B 511 -7.06 37.16 0.84
CA PRO B 511 -8.50 36.86 0.77
C PRO B 511 -8.81 35.78 -0.25
N VAL B 512 -7.95 35.64 -1.25
CA VAL B 512 -8.10 34.60 -2.26
C VAL B 512 -8.26 33.23 -1.61
N PRO B 513 -9.39 32.59 -1.86
CA PRO B 513 -9.64 31.24 -1.34
C PRO B 513 -8.68 30.21 -1.93
N GLN B 514 -8.32 29.21 -1.13
CA GLN B 514 -7.60 28.05 -1.64
C GLN B 514 -8.54 27.16 -2.44
N ASP B 515 -9.30 27.80 -3.33
CA ASP B 515 -10.29 27.19 -4.21
C ASP B 515 -9.60 26.37 -5.30
N THR B 516 -10.37 25.75 -6.19
CA THR B 516 -9.81 25.03 -7.33
C THR B 516 -9.09 26.02 -8.26
N LYS B 517 -7.94 26.50 -7.78
CA LYS B 517 -7.17 27.56 -8.41
C LYS B 517 -6.49 27.11 -9.71
N PHE B 518 -6.40 25.80 -9.89
CA PHE B 518 -6.01 25.27 -11.20
C PHE B 518 -7.17 24.55 -11.91
N ILE B 519 -7.03 24.44 -13.23
CA ILE B 519 -8.12 24.12 -14.16
C ILE B 519 -8.70 22.69 -14.08
N HIS B 520 -7.99 21.76 -13.42
CA HIS B 520 -8.52 20.41 -13.17
C HIS B 520 -7.95 19.77 -11.91
N THR B 521 -8.81 19.63 -10.90
CA THR B 521 -8.43 19.03 -9.61
C THR B 521 -9.66 18.52 -8.83
N LYS B 522 -9.63 17.22 -8.52
CA LYS B 522 -10.61 16.54 -7.64
C LYS B 522 -10.56 17.20 -6.24
N PRO B 523 -11.50 16.84 -5.32
CA PRO B 523 -11.52 17.49 -4.00
C PRO B 523 -10.20 18.18 -3.61
N ASN B 524 -10.14 19.49 -3.85
CA ASN B 524 -8.92 20.28 -3.62
C ASN B 524 -8.52 20.34 -2.15
N ARG B 525 -7.64 19.41 -1.77
CA ARG B 525 -7.35 19.07 -0.36
C ARG B 525 -6.89 20.26 0.50
N PHE B 526 -6.58 21.39 -0.13
CA PHE B 526 -6.15 22.59 0.60
C PHE B 526 -7.30 23.48 1.08
N GLU B 527 -8.41 23.46 0.36
CA GLU B 527 -9.63 24.17 0.76
C GLU B 527 -10.13 23.66 2.11
N GLU B 528 -9.81 22.41 2.45
CA GLU B 528 -10.19 21.80 3.72
C GLU B 528 -9.19 22.10 4.84
N VAL B 529 -8.26 23.00 4.57
CA VAL B 529 -7.24 23.38 5.55
C VAL B 529 -7.22 24.88 5.74
N VAL B 530 -7.40 25.31 6.99
CA VAL B 530 -7.19 26.70 7.39
C VAL B 530 -5.86 26.80 8.15
N TRP B 531 -4.88 27.43 7.51
CA TRP B 531 -3.54 27.57 8.05
C TRP B 531 -3.54 28.54 9.23
N SER B 532 -3.25 28.01 10.42
CA SER B 532 -3.34 28.78 11.67
C SER B 532 -2.04 29.44 12.10
N LYS B 533 -2.16 30.44 12.97
CA LYS B 533 -1.01 31.10 13.57
C LYS B 533 -0.22 30.14 14.44
N PHE B 534 1.09 30.12 14.25
CA PHE B 534 2.00 29.41 15.14
C PHE B 534 2.15 30.24 16.40
N ASN B 535 1.63 29.75 17.52
CA ASN B 535 1.86 30.39 18.80
C ASN B 535 2.91 29.64 19.60
N SER B 536 3.46 30.29 20.62
CA SER B 536 4.56 29.73 21.40
C SER B 536 4.23 28.40 22.09
N LYS B 537 3.01 28.29 22.62
CA LYS B 537 2.57 27.07 23.32
C LYS B 537 2.27 25.91 22.36
N GLU B 538 1.20 26.04 21.56
CA GLU B 538 0.85 25.02 20.58
C GLU B 538 1.62 25.30 19.30
N LYS B 539 2.57 24.42 19.00
CA LYS B 539 3.54 24.67 17.92
C LYS B 539 2.95 24.43 16.52
N GLN B 540 1.82 25.06 16.22
CA GLN B 540 1.03 24.77 15.02
C GLN B 540 1.73 25.11 13.71
N TYR B 541 1.89 24.09 12.86
CA TYR B 541 2.49 24.27 11.54
C TYR B 541 1.58 23.79 10.40
N LEU B 542 1.84 24.27 9.19
CA LEU B 542 1.13 23.81 8.00
C LEU B 542 1.98 22.84 7.19
N HIS B 543 1.51 21.60 7.11
CA HIS B 543 2.17 20.54 6.36
C HIS B 543 1.82 20.69 4.89
N ILE B 544 2.65 21.43 4.15
CA ILE B 544 2.43 21.66 2.73
C ILE B 544 2.93 20.48 1.92
N GLY B 545 2.00 19.79 1.27
CA GLY B 545 2.33 18.63 0.46
C GLY B 545 1.10 18.11 -0.26
N LEU B 546 1.17 16.85 -0.66
CA LEU B 546 0.10 16.21 -1.41
C LEU B 546 -1.14 16.01 -0.53
N LYS B 547 -0.90 15.67 0.74
CA LYS B 547 -1.97 15.52 1.72
C LYS B 547 -1.80 16.51 2.88
N PRO B 548 -2.14 17.80 2.66
CA PRO B 548 -1.90 18.84 3.65
C PRO B 548 -2.70 18.65 4.94
N ARG B 549 -2.11 19.07 6.06
CA ARG B 549 -2.76 18.97 7.36
C ARG B 549 -2.26 20.04 8.33
N VAL B 550 -3.17 20.57 9.13
CA VAL B 550 -2.81 21.50 10.21
C VAL B 550 -2.38 20.72 11.45
N ARG B 551 -1.06 20.56 11.59
CA ARG B 551 -0.50 19.82 12.74
C ARG B 551 0.17 20.76 13.75
N ASP B 552 0.25 20.33 15.02
CA ASP B 552 0.58 21.23 16.14
C ASP B 552 1.92 21.01 16.86
N ASN B 553 2.73 20.08 16.38
CA ASN B 553 4.10 19.89 16.89
C ASN B 553 5.01 19.14 15.93
N TYR B 554 5.91 19.88 15.29
CA TYR B 554 6.79 19.30 14.28
C TYR B 554 8.08 18.77 14.88
N ARG B 555 8.29 17.47 14.71
CA ARG B 555 9.52 16.78 15.13
C ARG B 555 9.91 17.10 16.58
N ALA B 556 8.90 17.38 17.40
CA ALA B 556 9.10 17.90 18.76
C ALA B 556 10.22 17.23 19.54
N ASN B 557 10.19 15.90 19.60
CA ASN B 557 11.20 15.10 20.30
C ASN B 557 12.62 15.46 19.87
N LYS B 558 12.89 15.36 18.57
CA LYS B 558 14.21 15.61 18.02
C LYS B 558 14.55 17.12 18.03
N VAL B 559 13.52 17.96 17.96
CA VAL B 559 13.68 19.41 18.04
C VAL B 559 14.08 19.84 19.45
N ALA B 560 13.32 19.34 20.43
CA ALA B 560 13.56 19.66 21.83
C ALA B 560 14.81 18.96 22.38
N PHE B 561 15.44 18.13 21.56
CA PHE B 561 16.74 17.57 21.91
C PHE B 561 17.84 18.62 21.75
N TRP B 562 17.70 19.42 20.69
CA TRP B 562 18.72 20.40 20.31
C TRP B 562 18.58 21.73 21.04
N LEU B 563 17.35 22.11 21.35
CA LEU B 563 17.09 23.37 22.02
C LEU B 563 17.08 23.23 23.54
N GLU B 564 16.66 22.07 24.04
CA GLU B 564 16.45 21.87 25.47
C GLU B 564 17.61 21.16 26.18
N LEU B 565 18.02 20.01 25.66
CA LEU B 565 18.97 19.14 26.36
C LEU B 565 20.45 19.46 26.10
N VAL B 566 20.77 19.87 24.89
CA VAL B 566 22.16 20.17 24.50
C VAL B 566 22.81 21.32 25.30
N PRO B 567 22.04 22.39 25.64
CA PRO B 567 22.56 23.40 26.57
C PRO B 567 22.87 22.90 27.99
N HIS B 568 22.39 21.70 28.32
CA HIS B 568 22.72 21.05 29.60
C HIS B 568 23.96 20.16 29.44
N LEU B 569 24.56 20.19 28.25
CA LEU B 569 25.81 19.47 27.99
C LEU B 569 26.88 20.43 27.45
N LYS C 2 -49.47 -5.28 28.81
CA LYS C 2 -48.65 -4.03 28.89
C LYS C 2 -47.64 -4.05 30.07
N PRO C 3 -46.57 -4.87 29.97
CA PRO C 3 -45.68 -5.08 31.11
C PRO C 3 -44.66 -3.97 31.31
N VAL C 4 -44.23 -3.81 32.56
CA VAL C 4 -43.18 -2.86 32.90
C VAL C 4 -41.87 -3.64 33.08
N VAL C 5 -40.73 -2.96 32.99
CA VAL C 5 -39.43 -3.62 33.05
C VAL C 5 -38.36 -2.69 33.63
N ASN C 6 -37.46 -3.24 34.44
CA ASN C 6 -36.46 -2.46 35.15
C ASN C 6 -35.19 -2.17 34.35
N THR C 7 -35.00 -0.88 34.05
CA THR C 7 -33.78 -0.37 33.41
C THR C 7 -33.00 0.46 34.43
N ALA C 8 -31.70 0.65 34.19
CA ALA C 8 -30.82 1.34 35.14
C ALA C 8 -31.09 2.85 35.31
N TYR C 9 -32.11 3.36 34.63
CA TYR C 9 -32.53 4.75 34.77
C TYR C 9 -34.01 4.88 35.17
N GLY C 10 -34.71 3.75 35.18
CA GLY C 10 -36.11 3.68 35.60
C GLY C 10 -36.88 2.54 34.95
N ARG C 11 -38.19 2.67 34.86
CA ARG C 11 -39.06 1.62 34.33
C ARG C 11 -39.91 2.07 33.15
N VAL C 12 -40.17 1.16 32.21
CA VAL C 12 -40.93 1.47 30.99
C VAL C 12 -42.05 0.47 30.69
N ARG C 13 -43.12 0.96 30.05
CA ARG C 13 -44.30 0.15 29.71
C ARG C 13 -44.31 -0.17 28.22
N GLY C 14 -44.89 -1.31 27.86
CA GLY C 14 -44.96 -1.75 26.46
C GLY C 14 -46.35 -2.12 26.00
N VAL C 15 -46.43 -2.74 24.82
CA VAL C 15 -47.68 -3.28 24.26
C VAL C 15 -47.50 -4.69 23.68
N ARG C 16 -48.17 -5.67 24.28
CA ARG C 16 -48.33 -6.98 23.66
C ARG C 16 -49.31 -6.84 22.50
N ARG C 17 -48.89 -7.28 21.32
CA ARG C 17 -49.77 -7.26 20.17
C ARG C 17 -49.68 -8.58 19.42
N GLU C 18 -50.82 -9.25 19.31
CA GLU C 18 -50.94 -10.51 18.59
C GLU C 18 -50.82 -10.26 17.09
N LEU C 19 -50.04 -11.09 16.41
CA LEU C 19 -49.98 -11.07 14.97
C LEU C 19 -51.10 -11.94 14.42
N ASN C 20 -51.66 -11.54 13.28
CA ASN C 20 -52.77 -12.27 12.67
C ASN C 20 -52.30 -13.61 12.05
N ASN C 21 -50.99 -13.77 11.93
CA ASN C 21 -50.37 -15.01 11.41
C ASN C 21 -50.07 -16.02 12.52
N GLU C 22 -50.40 -17.30 12.25
CA GLU C 22 -50.22 -18.39 13.22
C GLU C 22 -48.76 -18.66 13.54
N ILE C 23 -47.91 -18.63 12.51
CA ILE C 23 -46.46 -18.88 12.66
C ILE C 23 -45.79 -17.79 13.48
N LEU C 24 -46.37 -16.59 13.46
CA LEU C 24 -45.88 -15.48 14.27
C LEU C 24 -46.55 -15.50 15.63
N GLY C 25 -45.77 -15.28 16.68
CA GLY C 25 -46.29 -15.29 18.04
C GLY C 25 -46.72 -13.92 18.52
N PRO C 26 -46.80 -13.74 19.84
CA PRO C 26 -47.07 -12.43 20.43
C PRO C 26 -45.79 -11.63 20.64
N VAL C 27 -45.87 -10.32 20.47
CA VAL C 27 -44.72 -9.44 20.71
C VAL C 27 -45.04 -8.28 21.64
N VAL C 28 -44.05 -7.91 22.43
CA VAL C 28 -44.13 -6.73 23.29
C VAL C 28 -43.31 -5.60 22.64
N GLN C 29 -43.98 -4.51 22.29
CA GLN C 29 -43.33 -3.37 21.64
C GLN C 29 -43.01 -2.27 22.64
N PHE C 30 -41.73 -1.93 22.76
CA PHE C 30 -41.30 -0.84 23.64
C PHE C 30 -40.86 0.38 22.82
N LEU C 31 -41.83 0.99 22.15
CA LEU C 31 -41.58 2.11 21.24
C LEU C 31 -41.32 3.41 22.00
N GLY C 32 -40.17 4.01 21.75
CA GLY C 32 -39.87 5.35 22.27
C GLY C 32 -39.30 5.41 23.68
N VAL C 33 -38.24 4.64 23.92
CA VAL C 33 -37.50 4.74 25.16
C VAL C 33 -36.23 5.58 24.94
N PRO C 34 -35.85 6.40 25.93
CA PRO C 34 -34.69 7.28 25.74
C PRO C 34 -33.37 6.54 25.92
N TYR C 35 -32.32 7.04 25.26
CA TYR C 35 -30.97 6.51 25.46
C TYR C 35 -29.93 7.61 25.67
N ALA C 36 -30.32 8.84 25.33
CA ALA C 36 -29.47 10.02 25.52
C ALA C 36 -30.31 11.27 25.75
N THR C 37 -29.89 12.09 26.71
CA THR C 37 -30.58 13.34 27.01
C THR C 37 -30.68 14.22 25.76
N PRO C 38 -31.91 14.69 25.44
CA PRO C 38 -32.23 15.60 24.34
C PRO C 38 -31.13 16.63 24.06
N PRO C 39 -30.56 16.60 22.84
CA PRO C 39 -29.36 17.39 22.56
C PRO C 39 -29.68 18.82 22.10
N LEU C 40 -30.43 19.56 22.90
CA LEU C 40 -30.81 20.94 22.57
C LEU C 40 -29.83 21.98 23.15
N GLY C 41 -29.75 23.12 22.48
CA GLY C 41 -28.95 24.26 22.96
C GLY C 41 -27.45 24.04 22.97
N ALA C 42 -26.89 23.90 24.16
CA ALA C 42 -25.46 23.64 24.34
C ALA C 42 -25.14 22.17 24.07
N ARG C 43 -26.13 21.31 24.28
CA ARG C 43 -26.00 19.87 24.02
C ARG C 43 -26.05 19.58 22.52
N ARG C 44 -26.19 20.64 21.72
CA ARG C 44 -26.17 20.51 20.27
C ARG C 44 -24.74 20.66 19.76
N PHE C 45 -24.45 19.91 18.70
CA PHE C 45 -23.11 19.83 18.09
C PHE C 45 -22.05 19.35 19.09
N GLN C 46 -22.45 18.35 19.88
CA GLN C 46 -21.59 17.72 20.86
C GLN C 46 -22.04 16.29 21.17
N PRO C 47 -21.10 15.42 21.57
CA PRO C 47 -21.37 14.00 21.87
C PRO C 47 -22.47 13.78 22.93
N PRO C 48 -23.37 12.80 22.69
CA PRO C 48 -24.43 12.46 23.64
C PRO C 48 -23.91 11.79 24.91
N GLU C 49 -24.68 11.88 25.99
CA GLU C 49 -24.37 11.18 27.25
C GLU C 49 -25.59 10.41 27.75
N ALA C 50 -25.59 10.05 29.03
CA ALA C 50 -26.69 9.31 29.63
C ALA C 50 -28.01 10.09 29.55
N PRO C 51 -29.16 9.39 29.48
CA PRO C 51 -30.46 10.07 29.44
C PRO C 51 -30.96 10.48 30.84
N ALA C 52 -32.17 11.04 30.87
CA ALA C 52 -32.82 11.43 32.11
C ALA C 52 -33.11 10.21 32.98
N SER C 53 -33.00 10.40 34.30
CA SER C 53 -33.41 9.40 35.27
C SER C 53 -34.79 9.74 35.80
N TRP C 54 -35.81 9.05 35.29
CA TRP C 54 -37.19 9.30 35.70
C TRP C 54 -37.55 8.51 36.96
N PRO C 55 -38.06 9.21 37.99
CA PRO C 55 -38.31 8.61 39.30
C PRO C 55 -39.43 7.56 39.27
N GLY C 56 -40.46 7.82 38.48
CA GLY C 56 -41.62 6.91 38.40
C GLY C 56 -41.49 5.89 37.29
N VAL C 57 -42.59 5.69 36.57
CA VAL C 57 -42.64 4.80 35.40
C VAL C 57 -42.58 5.60 34.08
N ARG C 58 -42.62 4.90 32.94
CA ARG C 58 -42.71 5.57 31.63
C ARG C 58 -43.77 4.95 30.72
N ASN C 59 -44.42 5.79 29.94
CA ASN C 59 -45.47 5.35 29.01
C ASN C 59 -44.90 5.11 27.60
N ALA C 60 -43.91 4.23 27.51
CA ALA C 60 -43.20 3.97 26.26
C ALA C 60 -43.97 3.05 25.31
N THR C 61 -45.24 3.37 25.09
CA THR C 61 -46.09 2.59 24.20
C THR C 61 -46.44 3.43 22.98
N THR C 62 -45.56 4.38 22.68
CA THR C 62 -45.83 5.40 21.67
C THR C 62 -44.59 5.76 20.87
N LEU C 63 -44.72 5.75 19.54
CA LEU C 63 -43.63 6.06 18.62
C LEU C 63 -43.01 7.44 18.84
N PRO C 64 -41.66 7.50 18.97
CA PRO C 64 -40.95 8.78 19.18
C PRO C 64 -41.01 9.69 17.96
N PRO C 65 -40.59 10.98 18.11
CA PRO C 65 -40.52 11.85 16.94
C PRO C 65 -39.26 11.60 16.09
N ALA C 66 -39.35 11.92 14.81
CA ALA C 66 -38.21 11.82 13.90
C ALA C 66 -37.23 12.96 14.14
N CYS C 67 -36.02 12.84 13.61
CA CYS C 67 -35.01 13.89 13.73
C CYS C 67 -35.19 14.96 12.65
N PRO C 68 -34.83 16.22 12.95
CA PRO C 68 -35.01 17.33 12.00
C PRO C 68 -34.49 17.00 10.61
N GLN C 69 -35.40 16.92 9.65
CA GLN C 69 -35.09 16.59 8.26
C GLN C 69 -36.12 17.20 7.31
N ASN C 70 -35.69 17.47 6.08
CA ASN C 70 -36.56 18.04 5.05
C ASN C 70 -36.65 17.10 3.84
N LEU C 71 -37.80 16.45 3.68
CA LEU C 71 -37.98 15.45 2.61
C LEU C 71 -38.31 16.03 1.24
N HIS C 72 -38.85 17.24 1.21
CA HIS C 72 -39.20 17.91 -0.03
C HIS C 72 -38.19 19.00 -0.35
N GLY C 73 -37.25 18.69 -1.23
CA GLY C 73 -36.16 19.60 -1.57
C GLY C 73 -34.82 19.10 -1.03
N ALA C 74 -33.75 19.41 -1.77
CA ALA C 74 -32.40 18.92 -1.50
C ALA C 74 -32.31 17.39 -1.57
N LEU C 75 -33.01 16.82 -2.56
CA LEU C 75 -33.14 15.38 -2.74
C LEU C 75 -31.84 14.81 -3.34
N PRO C 76 -31.11 13.95 -2.58
CA PRO C 76 -30.00 13.18 -3.19
C PRO C 76 -30.48 11.83 -3.75
N ALA C 77 -31.31 11.90 -4.79
CA ALA C 77 -32.12 10.77 -5.28
C ALA C 77 -31.38 9.57 -5.88
N ILE C 78 -30.08 9.73 -6.14
CA ILE C 78 -29.26 8.62 -6.64
C ILE C 78 -28.94 7.65 -5.50
N MET C 79 -28.71 8.20 -4.31
CA MET C 79 -28.32 7.45 -3.11
C MET C 79 -29.41 6.59 -2.50
N LEU C 80 -30.61 7.16 -2.42
CA LEU C 80 -31.72 6.60 -1.64
C LEU C 80 -32.16 5.22 -2.10
N PRO C 81 -32.73 4.41 -1.17
CA PRO C 81 -33.40 3.17 -1.55
C PRO C 81 -34.53 3.47 -2.52
N VAL C 82 -34.66 2.67 -3.58
CA VAL C 82 -35.62 2.98 -4.65
C VAL C 82 -37.07 3.12 -4.15
N TRP C 83 -37.47 2.27 -3.20
CA TRP C 83 -38.81 2.34 -2.58
C TRP C 83 -39.11 3.69 -1.92
N PHE C 84 -38.05 4.39 -1.52
CA PHE C 84 -38.15 5.71 -0.89
C PHE C 84 -38.63 6.76 -1.89
N THR C 85 -37.89 6.88 -2.99
CA THR C 85 -38.17 7.89 -4.00
C THR C 85 -39.45 7.56 -4.76
N ASP C 86 -39.70 6.27 -4.96
CA ASP C 86 -40.93 5.82 -5.61
C ASP C 86 -42.18 6.23 -4.84
N ASN C 87 -42.11 6.15 -3.51
CA ASN C 87 -43.24 6.52 -2.67
C ASN C 87 -42.94 7.59 -1.63
N LEU C 88 -42.34 8.69 -2.09
CA LEU C 88 -42.11 9.86 -1.24
C LEU C 88 -43.39 10.27 -0.52
N GLU C 89 -44.52 10.12 -1.23
CA GLU C 89 -45.85 10.35 -0.69
C GLU C 89 -45.98 9.70 0.69
N ALA C 90 -45.89 8.36 0.72
CA ALA C 90 -46.02 7.58 1.95
C ALA C 90 -44.85 7.78 2.90
N ALA C 91 -43.67 8.07 2.35
CA ALA C 91 -42.45 8.29 3.14
C ALA C 91 -42.57 9.47 4.10
N ALA C 92 -43.21 10.54 3.64
CA ALA C 92 -43.39 11.76 4.42
C ALA C 92 -44.21 11.53 5.69
N THR C 93 -44.99 10.44 5.69
CA THR C 93 -45.94 10.12 6.76
C THR C 93 -45.25 9.84 8.09
N TYR C 94 -44.12 9.15 8.03
CA TYR C 94 -43.41 8.70 9.23
C TYR C 94 -42.55 9.80 9.85
N VAL C 95 -42.42 10.92 9.17
CA VAL C 95 -41.56 12.02 9.60
C VAL C 95 -42.29 13.36 9.80
N GLN C 96 -43.60 13.30 10.06
CA GLN C 96 -44.41 14.50 10.34
C GLN C 96 -44.09 15.06 11.74
N ASN C 97 -44.41 14.27 12.76
CA ASN C 97 -44.07 14.61 14.14
C ASN C 97 -42.58 14.46 14.34
N GLN C 98 -41.87 15.59 14.31
CA GLN C 98 -40.42 15.59 14.44
C GLN C 98 -39.91 16.79 15.24
N SER C 99 -39.03 16.50 16.19
CA SER C 99 -38.43 17.52 17.06
C SER C 99 -36.92 17.35 17.14
N GLU C 100 -36.23 18.40 17.59
CA GLU C 100 -34.79 18.36 17.82
C GLU C 100 -34.47 17.34 18.90
N ASP C 101 -35.46 17.10 19.76
CA ASP C 101 -35.41 15.97 20.68
C ASP C 101 -35.88 14.72 19.95
N CYS C 102 -34.92 13.86 19.57
CA CYS C 102 -35.22 12.63 18.85
C CYS C 102 -34.25 11.49 19.16
N LEU C 103 -33.37 11.70 20.15
CA LEU C 103 -32.51 10.63 20.64
C LEU C 103 -33.35 9.60 21.37
N TYR C 104 -33.92 8.67 20.61
CA TYR C 104 -34.82 7.64 21.15
C TYR C 104 -34.62 6.28 20.48
N LEU C 105 -35.10 5.24 21.15
CA LEU C 105 -34.83 3.86 20.78
C LEU C 105 -36.08 2.99 20.88
N ASN C 106 -36.30 2.15 19.87
CA ASN C 106 -37.41 1.20 19.90
C ASN C 106 -36.92 -0.20 20.20
N LEU C 107 -37.76 -0.99 20.86
CA LEU C 107 -37.44 -2.39 21.12
C LEU C 107 -38.61 -3.30 20.80
N TYR C 108 -38.36 -4.26 19.92
CA TYR C 108 -39.36 -5.25 19.53
C TYR C 108 -38.97 -6.60 20.14
N VAL C 109 -39.64 -6.97 21.22
CA VAL C 109 -39.29 -8.16 22.01
C VAL C 109 -40.37 -9.24 21.86
N PRO C 110 -39.95 -10.49 21.58
CA PRO C 110 -40.84 -11.65 21.55
C PRO C 110 -40.91 -12.42 22.88
N THR C 111 -42.10 -12.88 23.25
CA THR C 111 -42.30 -13.63 24.50
C THR C 111 -43.28 -14.79 24.33
N LYS C 137 -32.10 -16.06 27.01
CA LYS C 137 -31.03 -15.12 26.66
C LYS C 137 -31.00 -14.89 25.13
N LYS C 138 -31.99 -14.15 24.64
CA LYS C 138 -32.20 -13.92 23.20
C LYS C 138 -31.15 -13.03 22.54
N PRO C 139 -31.02 -13.08 21.20
CA PRO C 139 -30.11 -12.16 20.51
C PRO C 139 -30.71 -10.78 20.26
N VAL C 140 -29.86 -9.80 19.97
CA VAL C 140 -30.30 -8.43 19.72
C VAL C 140 -29.85 -7.97 18.35
N MET C 141 -30.77 -7.41 17.57
CA MET C 141 -30.44 -6.89 16.26
C MET C 141 -30.78 -5.41 16.15
N LEU C 142 -29.74 -4.59 16.26
CA LEU C 142 -29.88 -3.14 16.15
C LEU C 142 -29.84 -2.75 14.68
N PHE C 143 -30.95 -2.20 14.20
CA PHE C 143 -31.04 -1.76 12.81
C PHE C 143 -30.72 -0.28 12.66
N LEU C 144 -29.67 0.03 11.92
CA LEU C 144 -29.32 1.41 11.62
C LEU C 144 -29.93 1.83 10.29
N HIS C 145 -30.95 2.69 10.37
CA HIS C 145 -31.69 3.17 9.20
C HIS C 145 -30.89 4.19 8.41
N GLY C 146 -31.56 4.87 7.48
CA GLY C 146 -30.93 5.92 6.70
C GLY C 146 -31.21 5.82 5.21
N GLY C 147 -30.15 6.03 4.42
CA GLY C 147 -30.25 6.12 2.96
C GLY C 147 -29.38 7.22 2.38
N SER C 148 -29.16 8.29 3.16
CA SER C 148 -28.32 9.42 2.74
C SER C 148 -27.56 10.10 3.87
N TYR C 149 -27.70 9.57 5.08
CA TYR C 149 -27.23 10.19 6.34
C TYR C 149 -28.11 11.36 6.80
N MET C 150 -29.02 11.78 5.93
CA MET C 150 -29.75 13.03 6.17
C MET C 150 -31.25 12.83 6.39
N GLU C 151 -31.82 11.81 5.78
CA GLU C 151 -33.24 11.48 5.96
C GLU C 151 -33.43 10.25 6.85
N GLY C 152 -34.68 9.89 7.08
CA GLY C 152 -35.01 8.60 7.64
C GLY C 152 -35.40 8.62 9.10
N THR C 153 -35.96 7.49 9.54
CA THR C 153 -36.36 7.27 10.93
C THR C 153 -36.56 5.77 11.18
N GLY C 154 -36.25 5.31 12.39
CA GLY C 154 -36.44 3.91 12.76
C GLY C 154 -37.91 3.53 12.84
N ASN C 155 -38.77 4.53 12.91
CA ASN C 155 -40.21 4.35 12.90
C ASN C 155 -40.71 3.77 11.58
N MET C 156 -39.85 3.84 10.56
CA MET C 156 -40.21 3.40 9.22
C MET C 156 -40.38 1.89 9.15
N PHE C 157 -39.50 1.18 9.83
CA PHE C 157 -39.44 -0.27 9.69
C PHE C 157 -40.01 -0.95 10.91
N ASP C 158 -41.18 -1.57 10.73
CA ASP C 158 -41.87 -2.27 11.80
C ASP C 158 -41.22 -3.61 12.05
N GLY C 159 -40.37 -3.65 13.09
CA GLY C 159 -39.59 -4.85 13.41
C GLY C 159 -40.35 -5.88 14.23
N SER C 160 -41.68 -5.91 14.09
CA SER C 160 -42.52 -6.87 14.79
C SER C 160 -42.45 -8.26 14.16
N VAL C 161 -42.49 -8.31 12.83
CA VAL C 161 -42.55 -9.57 12.09
C VAL C 161 -41.20 -10.29 12.11
N LEU C 162 -40.12 -9.52 12.10
CA LEU C 162 -38.77 -10.08 12.18
C LEU C 162 -38.56 -10.69 13.55
N ALA C 163 -38.89 -9.91 14.58
CA ALA C 163 -38.74 -10.34 15.97
C ALA C 163 -39.53 -11.61 16.28
N ALA C 164 -40.73 -11.71 15.71
CA ALA C 164 -41.66 -12.79 16.03
C ALA C 164 -41.40 -14.10 15.25
N TYR C 165 -40.69 -13.99 14.13
CA TYR C 165 -40.39 -15.16 13.31
C TYR C 165 -39.02 -15.73 13.64
N GLY C 166 -38.05 -14.83 13.87
CA GLY C 166 -36.70 -15.24 14.18
C GLY C 166 -36.44 -15.55 15.65
N ASN C 167 -37.41 -15.20 16.50
CA ASN C 167 -37.26 -15.29 17.96
C ASN C 167 -36.04 -14.53 18.46
N VAL C 168 -35.97 -13.26 18.06
CA VAL C 168 -34.85 -12.35 18.33
C VAL C 168 -35.40 -10.98 18.69
N ILE C 169 -34.65 -10.20 19.48
CA ILE C 169 -35.05 -8.83 19.79
C ILE C 169 -34.57 -7.87 18.71
N VAL C 170 -35.52 -7.27 17.99
CA VAL C 170 -35.21 -6.29 16.93
C VAL C 170 -35.29 -4.87 17.51
N VAL C 171 -34.26 -4.07 17.24
CA VAL C 171 -34.16 -2.71 17.79
C VAL C 171 -33.93 -1.67 16.71
N THR C 172 -34.97 -0.88 16.42
CA THR C 172 -34.80 0.31 15.56
C THR C 172 -34.40 1.50 16.44
N LEU C 173 -33.94 2.57 15.81
CA LEU C 173 -33.49 3.75 16.56
C LEU C 173 -33.73 5.08 15.82
N ASN C 174 -33.34 6.17 16.47
CA ASN C 174 -33.26 7.48 15.83
C ASN C 174 -31.95 8.14 16.20
N TYR C 175 -31.32 8.76 15.21
CA TYR C 175 -30.03 9.41 15.41
C TYR C 175 -30.02 10.69 14.60
N ARG C 176 -29.37 11.72 15.14
CA ARG C 176 -29.31 13.05 14.50
C ARG C 176 -28.84 12.99 13.05
N LEU C 177 -29.41 13.86 12.23
CA LEU C 177 -29.32 13.71 10.79
C LEU C 177 -28.60 14.84 10.05
N GLY C 178 -27.40 14.52 9.59
CA GLY C 178 -26.64 15.35 8.67
C GLY C 178 -26.50 16.79 9.08
N VAL C 179 -27.32 17.63 8.46
CA VAL C 179 -27.28 19.07 8.68
C VAL C 179 -27.07 19.41 10.15
N LEU C 180 -27.68 18.60 11.03
CA LEU C 180 -27.63 18.80 12.48
C LEU C 180 -26.80 17.74 13.20
N GLY C 181 -26.66 16.57 12.58
CA GLY C 181 -26.01 15.44 13.21
C GLY C 181 -24.61 15.15 12.70
N PHE C 182 -24.24 15.82 11.61
CA PHE C 182 -22.96 15.54 10.94
C PHE C 182 -22.20 16.80 10.48
N LEU C 183 -22.61 17.96 10.98
CA LEU C 183 -21.94 19.22 10.67
C LEU C 183 -20.56 19.24 11.33
N SER C 184 -19.58 19.81 10.63
CA SER C 184 -18.20 19.83 11.12
C SER C 184 -17.42 21.01 10.56
N THR C 185 -16.55 21.57 11.39
CA THR C 185 -15.57 22.58 10.97
C THR C 185 -14.23 21.88 10.82
N GLY C 186 -13.34 22.47 10.02
CA GLY C 186 -12.05 21.87 9.69
C GLY C 186 -11.21 21.27 10.81
N ASP C 187 -11.56 21.58 12.05
CA ASP C 187 -10.82 21.07 13.20
C ASP C 187 -11.39 20.71 14.57
N GLN C 188 -11.79 21.74 15.33
CA GLN C 188 -12.01 21.60 16.77
C GLN C 188 -13.43 22.05 17.07
N ALA C 189 -13.76 23.28 16.65
CA ALA C 189 -15.02 23.93 17.02
C ALA C 189 -16.24 23.04 16.81
N ALA C 190 -16.17 22.22 15.76
CA ALA C 190 -17.13 21.14 15.52
C ALA C 190 -16.34 19.97 14.96
N LYS C 191 -16.19 18.91 15.75
CA LYS C 191 -15.44 17.72 15.32
C LYS C 191 -16.24 16.87 14.34
N GLY C 192 -17.56 16.89 14.50
CA GLY C 192 -18.48 16.19 13.61
C GLY C 192 -18.90 14.84 14.12
N ASN C 193 -19.58 14.10 13.25
CA ASN C 193 -19.98 12.71 13.51
C ASN C 193 -20.82 12.51 14.76
N TYR C 194 -21.67 13.48 15.03
CA TYR C 194 -22.55 13.43 16.20
C TYR C 194 -23.64 12.37 16.02
N GLY C 195 -24.10 12.20 14.78
CA GLY C 195 -25.06 11.15 14.44
C GLY C 195 -24.50 9.75 14.66
N LEU C 196 -23.20 9.58 14.43
CA LEU C 196 -22.54 8.30 14.65
C LEU C 196 -22.39 8.03 16.14
N LEU C 197 -22.04 9.07 16.89
CA LEU C 197 -21.93 8.97 18.35
C LEU C 197 -23.30 8.68 18.97
N ASP C 198 -24.34 9.27 18.38
CA ASP C 198 -25.72 8.98 18.77
C ASP C 198 -26.02 7.48 18.65
N GLN C 199 -25.36 6.81 17.73
CA GLN C 199 -25.59 5.39 17.49
C GLN C 199 -24.80 4.48 18.44
N ILE C 200 -23.63 4.92 18.88
CA ILE C 200 -22.87 4.12 19.86
C ILE C 200 -23.34 4.36 21.31
N GLN C 201 -24.09 5.45 21.52
CA GLN C 201 -24.76 5.70 22.81
C GLN C 201 -26.11 4.98 22.91
N ALA C 202 -26.63 4.56 21.76
CA ALA C 202 -27.77 3.67 21.70
C ALA C 202 -27.26 2.24 21.81
N LEU C 203 -25.96 2.10 21.63
CA LEU C 203 -25.29 0.81 21.74
C LEU C 203 -24.69 0.62 23.15
N ARG C 204 -24.34 1.74 23.79
CA ARG C 204 -23.92 1.75 25.20
C ARG C 204 -25.09 1.44 26.11
N TRP C 205 -26.28 1.84 25.66
CA TRP C 205 -27.52 1.62 26.39
C TRP C 205 -28.01 0.19 26.22
N LEU C 206 -27.81 -0.37 25.04
CA LEU C 206 -28.16 -1.76 24.75
C LEU C 206 -27.26 -2.72 25.51
N SER C 207 -25.97 -2.40 25.55
CA SER C 207 -24.98 -3.29 26.17
C SER C 207 -25.04 -3.33 27.70
N GLU C 208 -25.95 -2.55 28.28
CA GLU C 208 -26.11 -2.49 29.73
C GLU C 208 -27.52 -2.83 30.21
N ASN C 209 -28.49 -2.80 29.30
CA ASN C 209 -29.89 -2.87 29.69
C ASN C 209 -30.78 -3.86 28.94
N ILE C 210 -30.30 -4.38 27.81
CA ILE C 210 -31.11 -5.32 27.02
C ILE C 210 -31.29 -6.65 27.74
N ALA C 211 -30.37 -6.98 28.65
CA ALA C 211 -30.49 -8.17 29.48
C ALA C 211 -31.84 -8.21 30.18
N HIS C 212 -32.25 -7.06 30.72
CA HIS C 212 -33.49 -6.94 31.47
C HIS C 212 -34.75 -7.10 30.62
N PHE C 213 -34.58 -7.06 29.30
CA PHE C 213 -35.69 -7.28 28.37
C PHE C 213 -35.78 -8.73 27.91
N GLY C 214 -34.80 -9.54 28.32
CA GLY C 214 -34.80 -10.97 28.02
C GLY C 214 -33.86 -11.39 26.91
N GLY C 215 -32.76 -10.65 26.76
CA GLY C 215 -31.80 -10.88 25.69
C GLY C 215 -30.34 -10.75 26.09
N ASP C 216 -29.52 -11.67 25.59
CA ASP C 216 -28.08 -11.68 25.82
C ASP C 216 -27.38 -10.46 25.19
N PRO C 217 -26.70 -9.64 26.01
CA PRO C 217 -25.98 -8.45 25.53
C PRO C 217 -24.62 -8.79 24.94
N GLU C 218 -24.31 -10.08 24.89
CA GLU C 218 -23.06 -10.58 24.30
C GLU C 218 -23.29 -11.15 22.91
N ARG C 219 -24.44 -10.81 22.32
CA ARG C 219 -24.79 -11.23 20.97
C ARG C 219 -25.61 -10.17 20.24
N ILE C 220 -25.27 -8.90 20.46
CA ILE C 220 -25.87 -7.78 19.74
C ILE C 220 -25.23 -7.67 18.35
N THR C 221 -26.09 -7.67 17.33
CA THR C 221 -25.68 -7.57 15.93
C THR C 221 -26.26 -6.28 15.34
N ILE C 222 -25.42 -5.51 14.66
CA ILE C 222 -25.87 -4.26 14.02
C ILE C 222 -26.02 -4.43 12.51
N PHE C 223 -27.23 -4.20 12.00
CA PHE C 223 -27.49 -4.41 10.57
C PHE C 223 -28.10 -3.21 9.86
N GLY C 224 -27.56 -2.86 8.70
CA GLY C 224 -28.02 -1.70 7.94
C GLY C 224 -27.85 -1.81 6.43
N SER C 225 -28.58 -0.95 5.72
CA SER C 225 -28.57 -0.91 4.27
C SER C 225 -28.32 0.51 3.75
N GLY C 226 -27.66 0.62 2.60
CA GLY C 226 -27.36 1.92 2.01
C GLY C 226 -26.43 2.69 2.91
N ALA C 227 -26.85 3.89 3.31
CA ALA C 227 -26.10 4.69 4.29
C ALA C 227 -25.96 3.92 5.59
N GLY C 228 -27.06 3.36 6.07
CA GLY C 228 -27.07 2.51 7.27
C GLY C 228 -25.96 1.48 7.29
N ALA C 229 -25.67 0.89 6.13
CA ALA C 229 -24.62 -0.12 6.00
C ALA C 229 -23.24 0.52 6.03
N SER C 230 -23.16 1.76 5.55
CA SER C 230 -21.93 2.54 5.60
C SER C 230 -21.50 2.82 7.05
N CYS C 231 -22.49 2.89 7.94
CA CYS C 231 -22.27 3.11 9.36
C CYS C 231 -21.85 1.82 10.05
N VAL C 232 -22.62 0.77 9.82
CA VAL C 232 -22.26 -0.58 10.27
C VAL C 232 -20.77 -0.80 10.02
N ASN C 233 -20.33 -0.45 8.83
CA ASN C 233 -18.97 -0.69 8.41
C ASN C 233 -17.96 0.29 9.04
N LEU C 234 -18.43 1.51 9.30
CA LEU C 234 -17.63 2.53 9.99
C LEU C 234 -17.44 2.21 11.47
N LEU C 235 -18.52 1.81 12.13
CA LEU C 235 -18.49 1.46 13.54
C LEU C 235 -17.51 0.32 13.81
N ILE C 236 -17.41 -0.60 12.86
CA ILE C 236 -16.43 -1.68 12.92
C ILE C 236 -15.04 -1.08 13.08
N LEU C 237 -14.74 -0.10 12.23
CA LEU C 237 -13.43 0.56 12.19
C LEU C 237 -13.21 1.56 13.32
N SER C 238 -14.29 1.91 14.02
CA SER C 238 -14.21 2.87 15.11
C SER C 238 -13.86 2.20 16.42
N HIS C 239 -12.84 2.75 17.09
CA HIS C 239 -12.40 2.24 18.38
C HIS C 239 -13.35 2.66 19.53
N HIS C 240 -14.35 3.47 19.19
CA HIS C 240 -15.36 3.97 20.12
C HIS C 240 -16.44 2.95 20.46
N SER C 241 -16.31 1.75 19.90
CA SER C 241 -17.22 0.65 20.18
C SER C 241 -16.42 -0.64 20.12
N GLU C 242 -16.27 -1.30 21.26
CA GLU C 242 -15.48 -2.52 21.30
C GLU C 242 -16.28 -3.74 21.76
N GLY C 243 -16.57 -3.80 23.05
CA GLY C 243 -17.41 -4.87 23.59
C GLY C 243 -18.88 -4.51 23.56
N LEU C 244 -19.29 -3.73 22.55
CA LEU C 244 -20.66 -3.24 22.46
C LEU C 244 -21.52 -4.10 21.53
N PHE C 245 -20.94 -4.44 20.39
CA PHE C 245 -21.53 -5.43 19.49
C PHE C 245 -20.41 -6.39 19.08
N GLN C 246 -20.78 -7.58 18.62
CA GLN C 246 -19.80 -8.59 18.20
C GLN C 246 -20.06 -9.15 16.80
N LYS C 247 -21.18 -8.75 16.20
CA LYS C 247 -21.57 -9.19 14.87
C LYS C 247 -22.14 -8.02 14.07
N ALA C 248 -21.87 -8.01 12.76
CA ALA C 248 -22.27 -6.93 11.86
C ALA C 248 -22.83 -7.43 10.53
N ILE C 249 -23.89 -6.80 10.05
CA ILE C 249 -24.45 -7.10 8.73
C ILE C 249 -24.51 -5.84 7.88
N ALA C 250 -23.68 -5.79 6.84
CA ALA C 250 -23.68 -4.68 5.90
C ALA C 250 -24.45 -5.05 4.64
N GLN C 251 -25.56 -4.37 4.40
CA GLN C 251 -26.38 -4.64 3.20
C GLN C 251 -26.26 -3.51 2.19
N SER C 252 -25.58 -3.75 1.08
CA SER C 252 -25.47 -2.78 0.00
C SER C 252 -24.88 -1.43 0.47
N GLY C 253 -23.73 -1.48 1.13
CA GLY C 253 -23.05 -0.26 1.58
C GLY C 253 -21.77 -0.51 2.35
N THR C 254 -20.77 0.35 2.12
CA THR C 254 -19.45 0.22 2.78
C THR C 254 -18.87 1.58 3.23
N ALA C 255 -17.64 1.55 3.77
CA ALA C 255 -16.95 2.75 4.26
C ALA C 255 -15.95 3.32 3.25
N ILE C 256 -15.79 2.64 2.13
CA ILE C 256 -14.87 3.06 1.08
C ILE C 256 -15.60 3.47 -0.19
N SER C 257 -16.93 3.48 -0.12
CA SER C 257 -17.76 3.93 -1.23
C SER C 257 -17.58 5.43 -1.47
N SER C 258 -17.83 5.86 -2.70
CA SER C 258 -17.76 7.27 -3.10
C SER C 258 -18.56 8.20 -2.17
N TRP C 259 -19.80 7.84 -1.87
CA TRP C 259 -20.66 8.63 -0.98
C TRP C 259 -20.70 8.11 0.47
N SER C 260 -19.56 7.65 0.96
CA SER C 260 -19.46 7.09 2.30
C SER C 260 -19.16 8.10 3.39
N VAL C 261 -17.98 8.72 3.33
CA VAL C 261 -17.56 9.68 4.35
C VAL C 261 -17.28 11.06 3.73
N ASN C 262 -17.64 12.12 4.44
CA ASN C 262 -17.49 13.50 3.96
C ASN C 262 -16.07 14.06 4.09
N TYR C 263 -15.35 14.12 2.97
CA TYR C 263 -13.97 14.60 2.93
C TYR C 263 -13.89 16.10 2.70
N GLN C 264 -15.05 16.72 2.54
CA GLN C 264 -15.14 18.16 2.29
C GLN C 264 -16.07 18.87 3.29
N PRO C 265 -15.95 18.57 4.60
CA PRO C 265 -16.96 19.10 5.54
C PRO C 265 -16.92 20.61 5.75
N LEU C 266 -15.77 21.25 5.51
CA LEU C 266 -15.63 22.69 5.69
C LEU C 266 -16.33 23.46 4.57
N LYS C 267 -16.20 22.97 3.35
CA LYS C 267 -16.80 23.61 2.17
C LYS C 267 -18.31 23.74 2.32
N TYR C 268 -18.94 22.67 2.79
CA TYR C 268 -20.38 22.61 2.87
C TYR C 268 -20.92 23.18 4.17
N THR C 269 -20.06 23.22 5.20
CA THR C 269 -20.42 23.90 6.45
C THR C 269 -20.42 25.41 6.25
N ARG C 270 -19.46 25.91 5.49
CA ARG C 270 -19.37 27.32 5.15
C ARG C 270 -20.65 27.83 4.49
N LEU C 271 -21.11 27.11 3.46
CA LEU C 271 -22.29 27.49 2.71
C LEU C 271 -23.54 27.48 3.59
N LEU C 272 -23.62 26.48 4.48
CA LEU C 272 -24.74 26.38 5.42
C LEU C 272 -24.74 27.56 6.40
N ALA C 273 -23.57 27.90 6.90
CA ALA C 273 -23.39 29.05 7.79
C ALA C 273 -23.65 30.34 7.01
N ALA C 274 -23.22 30.38 5.76
CA ALA C 274 -23.41 31.54 4.89
C ALA C 274 -24.88 31.84 4.60
N LYS C 275 -25.72 30.80 4.65
CA LYS C 275 -27.12 30.95 4.27
C LYS C 275 -28.03 31.39 5.42
N VAL C 276 -27.65 31.07 6.65
CA VAL C 276 -28.43 31.48 7.84
C VAL C 276 -27.89 32.76 8.51
N GLY C 277 -26.63 33.10 8.21
CA GLY C 277 -25.99 34.29 8.75
C GLY C 277 -24.93 34.01 9.80
N CYS C 278 -24.57 32.74 9.97
CA CYS C 278 -23.58 32.34 10.97
C CYS C 278 -22.16 32.25 10.42
N ASP C 279 -21.90 32.97 9.33
CA ASP C 279 -20.61 32.93 8.65
C ASP C 279 -19.60 33.91 9.26
N ARG C 280 -19.01 33.51 10.39
CA ARG C 280 -17.94 34.30 11.01
C ARG C 280 -16.61 33.94 10.36
N GLU C 281 -15.64 34.84 10.48
CA GLU C 281 -14.27 34.54 10.05
C GLU C 281 -13.64 33.54 11.03
N ASP C 282 -13.94 33.73 12.32
CA ASP C 282 -13.53 32.79 13.37
C ASP C 282 -14.34 31.49 13.27
N SER C 283 -13.62 30.37 13.35
CA SER C 283 -14.24 29.06 13.25
C SER C 283 -15.07 28.75 14.49
N THR C 284 -14.48 28.97 15.67
CA THR C 284 -15.15 28.65 16.93
C THR C 284 -16.31 29.58 17.32
N GLU C 285 -16.38 30.76 16.70
CA GLU C 285 -17.50 31.68 16.94
C GLU C 285 -18.67 31.39 16.00
N ALA C 286 -18.35 30.77 14.86
CA ALA C 286 -19.37 30.40 13.87
C ALA C 286 -20.29 29.29 14.36
N VAL C 287 -19.74 28.35 15.13
CA VAL C 287 -20.50 27.22 15.66
C VAL C 287 -21.37 27.67 16.84
N GLU C 288 -20.87 28.66 17.58
CA GLU C 288 -21.59 29.23 18.71
C GLU C 288 -22.79 30.06 18.24
N CYS C 289 -22.67 30.67 17.05
CA CYS C 289 -23.81 31.26 16.37
C CYS C 289 -24.82 30.18 15.99
N LEU C 290 -24.32 29.08 15.43
CA LEU C 290 -25.15 27.95 15.01
C LEU C 290 -25.88 27.28 16.18
N ARG C 291 -25.36 27.45 17.40
CA ARG C 291 -26.04 26.99 18.61
C ARG C 291 -27.37 27.73 18.83
N ARG C 292 -27.51 28.90 18.19
CA ARG C 292 -28.64 29.80 18.44
C ARG C 292 -29.80 29.71 17.43
N LYS C 293 -29.51 29.34 16.19
CA LYS C 293 -30.53 29.35 15.12
C LYS C 293 -31.42 28.10 15.14
N SER C 294 -32.74 28.24 14.87
CA SER C 294 -33.73 27.18 15.01
C SER C 294 -33.45 26.03 14.05
N SER C 295 -33.74 24.80 14.53
CA SER C 295 -33.44 23.57 13.79
C SER C 295 -34.29 23.37 12.52
N ARG C 296 -35.58 23.67 12.63
CA ARG C 296 -36.52 23.68 11.50
C ARG C 296 -35.97 24.54 10.36
N GLU C 297 -35.30 25.61 10.74
CA GLU C 297 -34.69 26.56 9.82
C GLU C 297 -33.29 26.12 9.44
N LEU C 298 -32.56 25.55 10.40
CA LEU C 298 -31.16 25.18 10.22
C LEU C 298 -30.99 24.02 9.25
N VAL C 299 -32.00 23.17 9.17
CA VAL C 299 -31.96 22.01 8.30
C VAL C 299 -32.38 22.38 6.87
N ASP C 300 -33.50 23.09 6.76
CA ASP C 300 -34.11 23.38 5.46
C ASP C 300 -33.39 24.46 4.67
N GLN C 301 -32.18 24.15 4.18
CA GLN C 301 -31.37 25.18 3.53
C GLN C 301 -31.14 25.04 2.03
N ASP C 302 -31.05 23.81 1.54
CA ASP C 302 -30.74 23.55 0.12
C ASP C 302 -29.24 23.69 -0.17
N VAL C 303 -28.42 23.11 0.70
CA VAL C 303 -26.98 23.05 0.50
C VAL C 303 -26.65 21.63 0.07
N GLN C 304 -26.42 21.48 -1.23
CA GLN C 304 -26.30 20.18 -1.87
C GLN C 304 -24.86 19.88 -2.26
N PRO C 305 -24.48 18.58 -2.27
CA PRO C 305 -23.12 18.18 -2.60
C PRO C 305 -22.89 18.08 -4.10
N ALA C 306 -21.65 17.83 -4.50
CA ALA C 306 -21.31 17.47 -5.87
C ALA C 306 -21.83 16.05 -6.15
N ARG C 307 -22.20 15.80 -7.41
CA ARG C 307 -22.76 14.51 -7.82
C ARG C 307 -21.96 13.34 -7.23
N TYR C 308 -22.67 12.45 -6.54
CA TYR C 308 -22.12 11.21 -5.94
C TYR C 308 -21.41 11.37 -4.59
N HIS C 309 -21.45 12.58 -4.02
CA HIS C 309 -20.81 12.84 -2.73
C HIS C 309 -21.82 13.32 -1.69
N ILE C 310 -21.38 13.47 -0.44
CA ILE C 310 -22.29 13.91 0.64
C ILE C 310 -22.02 15.32 1.15
N ALA C 311 -23.09 16.06 1.38
CA ALA C 311 -23.01 17.43 1.89
C ALA C 311 -22.69 17.41 3.38
N PHE C 312 -23.34 16.49 4.10
CA PHE C 312 -23.12 16.31 5.53
C PHE C 312 -23.19 14.83 5.86
N GLY C 313 -22.14 14.32 6.48
CA GLY C 313 -22.07 12.92 6.88
C GLY C 313 -20.85 12.70 7.76
N PRO C 314 -20.43 11.43 7.89
CA PRO C 314 -19.23 11.03 8.62
C PRO C 314 -18.00 11.82 8.20
N VAL C 315 -17.05 11.97 9.12
CA VAL C 315 -15.87 12.79 8.90
C VAL C 315 -14.65 12.09 9.50
N VAL C 316 -13.54 12.14 8.77
CA VAL C 316 -12.25 11.83 9.36
C VAL C 316 -11.96 12.93 10.36
N ASP C 317 -12.19 12.63 11.63
CA ASP C 317 -11.95 13.60 12.71
C ASP C 317 -10.71 13.26 13.54
N GLY C 318 -10.20 12.04 13.35
CA GLY C 318 -9.04 11.54 14.10
C GLY C 318 -9.41 11.07 15.49
N ASP C 319 -10.71 10.93 15.73
CA ASP C 319 -11.25 10.63 17.04
C ASP C 319 -12.20 9.42 16.98
N VAL C 320 -13.43 9.64 16.54
CA VAL C 320 -14.38 8.54 16.35
C VAL C 320 -13.99 7.68 15.13
N VAL C 321 -13.53 8.37 14.08
CA VAL C 321 -12.99 7.72 12.89
C VAL C 321 -11.53 8.16 12.75
N PRO C 322 -10.61 7.41 13.40
CA PRO C 322 -9.19 7.80 13.60
C PRO C 322 -8.44 8.27 12.35
N ASP C 323 -8.80 7.70 11.19
CA ASP C 323 -8.16 8.03 9.92
C ASP C 323 -9.13 7.72 8.75
N ASP C 324 -8.64 7.82 7.52
CA ASP C 324 -9.39 7.40 6.34
C ASP C 324 -9.70 5.92 6.45
N PRO C 325 -10.98 5.53 6.28
CA PRO C 325 -11.38 4.15 6.47
C PRO C 325 -10.45 3.15 5.77
N GLU C 326 -9.94 3.52 4.60
CA GLU C 326 -9.06 2.65 3.83
C GLU C 326 -7.71 2.42 4.49
N ILE C 327 -7.15 3.48 5.09
CA ILE C 327 -5.92 3.37 5.88
C ILE C 327 -6.20 2.53 7.13
N LEU C 328 -7.34 2.78 7.76
CA LEU C 328 -7.75 2.08 8.96
C LEU C 328 -7.89 0.57 8.77
N MET C 329 -8.39 0.15 7.61
CA MET C 329 -8.63 -1.27 7.32
C MET C 329 -7.36 -2.06 7.20
N GLN C 330 -6.39 -1.52 6.46
CA GLN C 330 -5.09 -2.15 6.26
C GLN C 330 -4.23 -2.09 7.52
N GLN C 331 -4.48 -1.06 8.33
CA GLN C 331 -3.86 -0.93 9.65
C GLN C 331 -4.29 -2.11 10.52
N GLY C 332 -5.56 -2.52 10.35
CA GLY C 332 -6.11 -3.72 10.99
C GLY C 332 -6.11 -3.73 12.50
N GLU C 333 -6.68 -2.69 13.11
CA GLU C 333 -6.75 -2.61 14.57
C GLU C 333 -8.16 -2.78 15.12
N PHE C 334 -9.04 -3.33 14.27
CA PHE C 334 -10.43 -3.59 14.63
C PHE C 334 -10.64 -5.02 15.15
N LEU C 335 -11.68 -5.19 15.98
CA LEU C 335 -12.07 -6.51 16.48
C LEU C 335 -12.60 -7.38 15.34
N ASN C 336 -12.31 -8.68 15.38
CA ASN C 336 -12.78 -9.61 14.36
C ASN C 336 -14.26 -9.95 14.51
N TYR C 337 -15.12 -9.00 14.15
CA TYR C 337 -16.57 -9.20 14.18
C TYR C 337 -17.01 -10.24 13.16
N ASP C 338 -18.11 -10.93 13.45
CA ASP C 338 -18.72 -11.83 12.46
C ASP C 338 -19.46 -10.95 11.44
N MET C 339 -19.09 -11.06 10.18
CA MET C 339 -19.64 -10.20 9.12
C MET C 339 -20.53 -10.92 8.11
N LEU C 340 -21.51 -10.19 7.60
CA LEU C 340 -22.37 -10.65 6.53
C LEU C 340 -22.53 -9.48 5.56
N ILE C 341 -21.78 -9.52 4.47
CA ILE C 341 -21.81 -8.45 3.46
C ILE C 341 -22.54 -8.92 2.22
N GLY C 342 -23.21 -7.98 1.55
CA GLY C 342 -23.85 -8.28 0.28
C GLY C 342 -24.24 -7.10 -0.58
N VAL C 343 -24.64 -7.40 -1.81
CA VAL C 343 -25.09 -6.41 -2.80
C VAL C 343 -26.30 -6.94 -3.59
N ASN C 344 -26.99 -6.04 -4.28
CA ASN C 344 -28.10 -6.43 -5.15
C ASN C 344 -27.66 -6.49 -6.61
N GLN C 345 -28.46 -7.14 -7.45
CA GLN C 345 -28.13 -7.32 -8.87
C GLN C 345 -27.94 -5.99 -9.57
N GLY C 346 -29.02 -5.23 -9.65
CA GLY C 346 -29.03 -3.95 -10.35
C GLY C 346 -29.31 -2.78 -9.43
N GLU C 347 -28.42 -2.60 -8.44
CA GLU C 347 -28.56 -1.54 -7.45
C GLU C 347 -28.79 -0.18 -8.09
N GLY C 348 -27.95 0.13 -9.08
CA GLY C 348 -27.92 1.45 -9.69
C GLY C 348 -28.97 1.69 -10.75
N LEU C 349 -30.22 1.37 -10.43
CA LEU C 349 -31.35 1.63 -11.32
C LEU C 349 -31.46 3.13 -11.59
N LYS C 350 -31.28 3.92 -10.53
CA LYS C 350 -31.39 5.39 -10.58
C LYS C 350 -30.43 6.04 -11.57
N PHE C 351 -29.32 5.36 -11.86
CA PHE C 351 -28.27 5.87 -12.73
C PHE C 351 -28.73 5.96 -14.17
N VAL C 352 -29.57 5.02 -14.58
CA VAL C 352 -30.12 4.95 -15.93
C VAL C 352 -31.63 5.26 -15.87
N GLU C 353 -31.96 6.38 -15.23
CA GLU C 353 -33.35 6.74 -14.98
C GLU C 353 -33.92 7.57 -16.13
N ASP C 354 -33.12 8.54 -16.58
CA ASP C 354 -33.42 9.35 -17.77
C ASP C 354 -33.67 8.47 -18.99
N SER C 355 -33.41 7.18 -18.85
CA SER C 355 -33.67 6.19 -19.89
C SER C 355 -34.86 5.29 -19.51
N ALA C 356 -35.99 5.93 -19.24
CA ALA C 356 -37.25 5.22 -18.99
C ALA C 356 -38.13 5.25 -20.26
N GLU C 357 -38.19 6.42 -20.90
CA GLU C 357 -38.80 6.59 -22.21
C GLU C 357 -37.71 6.63 -23.28
N SER C 358 -37.14 5.46 -23.58
CA SER C 358 -36.04 5.36 -24.54
C SER C 358 -36.38 4.42 -25.70
N GLU C 359 -36.81 3.20 -25.36
CA GLU C 359 -37.16 2.15 -26.33
C GLU C 359 -35.93 1.61 -27.07
N ASP C 360 -35.28 2.47 -27.85
CA ASP C 360 -34.01 2.14 -28.51
C ASP C 360 -32.88 1.98 -27.48
N GLY C 361 -33.24 2.00 -26.20
CA GLY C 361 -32.28 1.96 -25.09
C GLY C 361 -31.46 3.23 -25.06
N VAL C 362 -30.20 3.09 -24.68
CA VAL C 362 -29.26 4.22 -24.73
C VAL C 362 -28.42 4.13 -25.99
N SER C 363 -28.34 5.23 -26.71
CA SER C 363 -27.48 5.30 -27.90
C SER C 363 -26.02 5.30 -27.46
N ALA C 364 -25.12 5.19 -28.43
CA ALA C 364 -23.69 5.35 -28.17
C ALA C 364 -23.42 6.81 -27.78
N SER C 365 -24.15 7.71 -28.42
CA SER C 365 -24.08 9.15 -28.12
C SER C 365 -24.41 9.40 -26.65
N ALA C 366 -25.48 8.76 -26.18
CA ALA C 366 -25.88 8.86 -24.79
C ALA C 366 -24.92 8.08 -23.90
N PHE C 367 -24.35 7.00 -24.44
CA PHE C 367 -23.41 6.16 -23.70
C PHE C 367 -22.10 6.89 -23.42
N ASP C 368 -21.40 7.28 -24.49
CA ASP C 368 -20.12 7.97 -24.39
C ASP C 368 -20.20 9.17 -23.48
N PHE C 369 -21.37 9.81 -23.50
CA PHE C 369 -21.68 10.93 -22.65
C PHE C 369 -21.70 10.51 -21.17
N THR C 370 -22.64 9.64 -20.81
CA THR C 370 -22.85 9.23 -19.42
C THR C 370 -21.59 8.70 -18.74
N VAL C 371 -20.84 7.87 -19.46
CA VAL C 371 -19.59 7.32 -18.94
C VAL C 371 -18.48 8.39 -18.81
N SER C 372 -18.57 9.45 -19.62
CA SER C 372 -17.54 10.50 -19.60
C SER C 372 -17.62 11.32 -18.33
N ASN C 373 -18.74 11.97 -18.10
CA ASN C 373 -18.95 12.74 -16.87
C ASN C 373 -19.31 11.87 -15.65
N PHE C 374 -19.06 10.57 -15.78
CA PHE C 374 -18.97 9.68 -14.64
C PHE C 374 -17.51 9.69 -14.20
N VAL C 375 -16.60 9.62 -15.17
CA VAL C 375 -15.17 9.76 -14.90
C VAL C 375 -14.89 11.16 -14.38
N ASP C 376 -15.52 12.16 -14.99
CA ASP C 376 -15.38 13.56 -14.56
C ASP C 376 -15.79 13.74 -13.11
N ASN C 377 -16.96 13.22 -12.75
CA ASN C 377 -17.50 13.39 -11.41
C ASN C 377 -16.84 12.56 -10.31
N LEU C 378 -15.97 11.62 -10.70
CA LEU C 378 -15.34 10.72 -9.74
C LEU C 378 -13.81 10.68 -9.85
N TYR C 379 -13.29 11.27 -10.92
CA TYR C 379 -11.85 11.37 -11.15
C TYR C 379 -11.60 12.75 -11.79
N GLY C 380 -10.39 13.02 -12.28
CA GLY C 380 -10.14 14.29 -12.98
C GLY C 380 -8.74 14.56 -13.49
N TYR C 381 -7.81 13.64 -13.27
CA TYR C 381 -6.38 13.88 -13.51
C TYR C 381 -5.84 13.30 -14.82
N PRO C 382 -4.91 14.03 -15.49
CA PRO C 382 -4.25 13.73 -16.77
C PRO C 382 -3.71 12.36 -17.18
N GLU C 383 -3.96 12.03 -18.46
CA GLU C 383 -3.75 10.69 -19.06
C GLU C 383 -4.89 9.74 -18.67
N GLY C 384 -5.19 9.64 -17.37
CA GLY C 384 -6.42 9.02 -16.92
C GLY C 384 -7.62 9.66 -17.59
N LYS C 385 -7.74 10.98 -17.41
CA LYS C 385 -8.80 11.81 -18.03
C LYS C 385 -9.26 11.31 -19.42
N ASP C 386 -8.30 11.09 -20.32
CA ASP C 386 -8.58 10.56 -21.65
C ASP C 386 -8.55 9.02 -21.70
N VAL C 387 -7.55 8.41 -21.08
CA VAL C 387 -7.39 6.96 -21.11
C VAL C 387 -8.46 6.25 -20.29
N LEU C 388 -8.48 6.52 -18.98
CA LEU C 388 -9.41 5.85 -18.07
C LEU C 388 -10.83 5.85 -18.63
N ARG C 389 -11.24 6.98 -19.19
CA ARG C 389 -12.57 7.10 -19.79
C ARG C 389 -12.76 6.16 -20.97
N GLU C 390 -11.77 6.09 -21.86
CA GLU C 390 -11.84 5.23 -23.05
C GLU C 390 -11.69 3.75 -22.73
N THR C 391 -10.85 3.43 -21.74
CA THR C 391 -10.64 2.05 -21.36
C THR C 391 -11.84 1.42 -20.63
N ILE C 392 -12.51 2.20 -19.77
CA ILE C 392 -13.69 1.66 -19.09
C ILE C 392 -14.90 1.53 -20.03
N LYS C 393 -14.94 2.35 -21.07
CA LYS C 393 -15.94 2.24 -22.13
C LYS C 393 -15.83 0.87 -22.78
N PHE C 394 -14.58 0.48 -23.05
CA PHE C 394 -14.28 -0.81 -23.64
C PHE C 394 -14.70 -1.95 -22.72
N MET C 395 -14.64 -1.71 -21.41
CA MET C 395 -14.94 -2.73 -20.42
C MET C 395 -16.42 -2.89 -20.17
N TYR C 396 -17.22 -1.97 -20.70
CA TYR C 396 -18.66 -2.04 -20.48
C TYR C 396 -19.47 -2.01 -21.78
N THR C 397 -18.80 -2.21 -22.91
CA THR C 397 -19.47 -2.58 -24.15
C THR C 397 -19.38 -4.08 -24.30
N ASP C 398 -20.41 -4.68 -24.89
CA ASP C 398 -20.48 -6.13 -25.08
C ASP C 398 -19.60 -6.68 -26.24
N TRP C 399 -19.52 -5.93 -27.33
CA TRP C 399 -18.75 -6.32 -28.54
C TRP C 399 -19.37 -7.48 -29.34
N ALA C 400 -19.77 -8.54 -28.63
CA ALA C 400 -20.50 -9.65 -29.24
C ALA C 400 -21.82 -9.16 -29.83
N ASP C 401 -22.39 -8.15 -29.18
CA ASP C 401 -23.55 -7.41 -29.66
C ASP C 401 -23.43 -5.98 -29.14
N ARG C 402 -22.99 -5.06 -30.00
CA ARG C 402 -22.69 -3.69 -29.58
C ARG C 402 -23.60 -2.61 -30.16
N ASP C 403 -24.54 -3.01 -31.01
CA ASP C 403 -25.49 -2.06 -31.61
C ASP C 403 -26.83 -2.06 -30.86
N ASN C 404 -26.87 -2.81 -29.77
CA ASN C 404 -28.09 -3.03 -29.00
C ASN C 404 -28.19 -2.08 -27.83
N GLY C 405 -29.09 -1.11 -27.94
CA GLY C 405 -29.28 -0.10 -26.90
C GLY C 405 -29.77 -0.68 -25.59
N GLU C 406 -30.77 -1.55 -25.66
CA GLU C 406 -31.39 -2.15 -24.47
C GLU C 406 -30.41 -2.98 -23.62
N MET C 407 -29.38 -3.53 -24.26
CA MET C 407 -28.33 -4.26 -23.55
C MET C 407 -27.08 -3.40 -23.37
N ARG C 408 -27.17 -2.14 -23.81
CA ARG C 408 -26.20 -1.12 -23.40
C ARG C 408 -26.72 -0.48 -22.12
N ARG C 409 -28.03 -0.37 -22.02
CA ARG C 409 -28.69 0.15 -20.83
C ARG C 409 -28.27 -0.64 -19.62
N LYS C 410 -28.32 -1.97 -19.74
CA LYS C 410 -27.97 -2.87 -18.64
C LYS C 410 -26.53 -2.67 -18.17
N THR C 411 -25.61 -2.59 -19.14
CA THR C 411 -24.18 -2.47 -18.83
C THR C 411 -23.83 -1.11 -18.22
N LEU C 412 -24.58 -0.08 -18.62
CA LEU C 412 -24.51 1.24 -17.97
C LEU C 412 -24.94 1.14 -16.52
N LEU C 413 -26.02 0.40 -16.29
CA LEU C 413 -26.55 0.19 -14.95
C LEU C 413 -25.56 -0.56 -14.09
N ALA C 414 -24.92 -1.57 -14.68
CA ALA C 414 -23.96 -2.38 -13.97
C ALA C 414 -22.60 -1.69 -13.88
N LEU C 415 -22.39 -0.64 -14.68
CA LEU C 415 -21.18 0.17 -14.56
C LEU C 415 -21.21 0.82 -13.21
N PHE C 416 -22.32 1.49 -12.95
CA PHE C 416 -22.53 2.16 -11.69
C PHE C 416 -22.54 1.11 -10.57
N THR C 417 -23.48 0.18 -10.66
CA THR C 417 -23.63 -0.86 -9.67
C THR C 417 -22.30 -1.47 -9.26
N ASP C 418 -21.52 -1.89 -10.25
CA ASP C 418 -20.18 -2.42 -10.02
C ASP C 418 -19.33 -1.44 -9.22
N HIS C 419 -19.29 -0.19 -9.69
CA HIS C 419 -18.37 0.81 -9.15
C HIS C 419 -18.71 1.32 -7.76
N GLN C 420 -20.00 1.44 -7.48
CA GLN C 420 -20.47 2.01 -6.22
C GLN C 420 -20.69 0.99 -5.12
N TRP C 421 -21.21 -0.17 -5.47
CA TRP C 421 -21.54 -1.20 -4.48
C TRP C 421 -20.69 -2.47 -4.52
N VAL C 422 -20.60 -3.11 -5.70
CA VAL C 422 -19.93 -4.41 -5.84
C VAL C 422 -18.44 -4.32 -5.54
N ALA C 423 -17.72 -3.50 -6.31
CA ALA C 423 -16.30 -3.27 -6.10
C ALA C 423 -15.96 -3.00 -4.63
N PRO C 424 -16.63 -2.00 -3.99
CA PRO C 424 -16.29 -1.69 -2.60
C PRO C 424 -16.63 -2.82 -1.61
N ALA C 425 -17.69 -3.57 -1.86
CA ALA C 425 -18.09 -4.66 -0.96
C ALA C 425 -17.09 -5.83 -0.98
N VAL C 426 -16.76 -6.30 -2.17
CA VAL C 426 -15.78 -7.39 -2.33
C VAL C 426 -14.41 -6.96 -1.81
N ALA C 427 -14.12 -5.66 -1.90
CA ALA C 427 -12.87 -5.13 -1.39
C ALA C 427 -12.87 -5.19 0.13
N THR C 428 -14.05 -4.95 0.70
CA THR C 428 -14.24 -4.97 2.14
C THR C 428 -14.22 -6.41 2.62
N ALA C 429 -15.10 -7.23 2.05
CA ALA C 429 -15.22 -8.63 2.45
C ALA C 429 -13.86 -9.31 2.45
N LYS C 430 -13.06 -8.99 1.43
CA LYS C 430 -11.72 -9.52 1.25
C LYS C 430 -10.81 -9.10 2.39
N LEU C 431 -10.83 -7.80 2.73
CA LEU C 431 -9.95 -7.23 3.76
C LEU C 431 -10.16 -7.79 5.16
N HIS C 432 -11.43 -7.90 5.57
CA HIS C 432 -11.76 -8.47 6.88
C HIS C 432 -11.50 -9.98 6.94
N ALA C 433 -11.81 -10.69 5.85
CA ALA C 433 -11.57 -12.14 5.77
C ALA C 433 -10.09 -12.49 5.97
N ASP C 434 -9.23 -11.56 5.59
CA ASP C 434 -7.79 -11.71 5.74
C ASP C 434 -7.33 -11.65 7.19
N TYR C 435 -8.06 -10.92 8.01
CA TYR C 435 -7.76 -10.85 9.45
C TYR C 435 -8.54 -11.91 10.22
N GLN C 436 -9.10 -12.86 9.46
CA GLN C 436 -9.82 -14.03 9.97
C GLN C 436 -11.13 -13.69 10.71
N SER C 437 -11.64 -12.51 10.42
CA SER C 437 -13.02 -12.16 10.73
C SER C 437 -13.86 -12.96 9.73
N PRO C 438 -14.78 -13.80 10.22
CA PRO C 438 -15.57 -14.65 9.31
C PRO C 438 -16.62 -13.84 8.52
N VAL C 439 -16.58 -13.94 7.20
CA VAL C 439 -17.48 -13.15 6.35
C VAL C 439 -18.32 -14.06 5.44
N TYR C 440 -19.61 -13.75 5.38
CA TYR C 440 -20.52 -14.44 4.47
C TYR C 440 -21.07 -13.45 3.44
N PHE C 441 -20.76 -13.68 2.16
CA PHE C 441 -21.10 -12.76 1.09
C PHE C 441 -22.38 -13.16 0.37
N TYR C 442 -23.33 -12.23 0.29
CA TYR C 442 -24.60 -12.52 -0.37
C TYR C 442 -24.81 -11.66 -1.60
N THR C 443 -25.55 -12.18 -2.57
CA THR C 443 -25.94 -11.41 -3.76
C THR C 443 -27.43 -11.56 -3.98
N PHE C 444 -28.14 -10.44 -3.90
CA PHE C 444 -29.59 -10.49 -3.93
C PHE C 444 -30.14 -10.23 -5.31
N TYR C 445 -30.68 -11.28 -5.94
CA TYR C 445 -31.09 -11.24 -7.34
C TYR C 445 -32.60 -11.20 -7.57
N HIS C 446 -33.38 -11.24 -6.49
CA HIS C 446 -34.84 -11.25 -6.59
C HIS C 446 -35.50 -10.00 -5.98
N HIS C 447 -36.59 -9.56 -6.59
CA HIS C 447 -37.36 -8.42 -6.10
C HIS C 447 -38.84 -8.54 -6.45
N CYS C 448 -39.69 -7.81 -5.72
CA CYS C 448 -41.11 -7.70 -6.04
C CYS C 448 -41.29 -6.68 -7.15
N GLN C 449 -42.23 -6.93 -8.07
CA GLN C 449 -42.36 -6.11 -9.30
C GLN C 449 -42.65 -4.62 -9.06
N ALA C 450 -43.73 -4.34 -8.31
CA ALA C 450 -44.14 -2.98 -7.93
C ALA C 450 -44.30 -1.96 -9.05
N GLU C 451 -45.33 -2.03 -9.81
CA GLU C 451 -45.51 -1.25 -11.03
C GLU C 451 -45.14 0.22 -10.82
N GLY C 452 -44.74 0.83 -12.01
CA GLY C 452 -43.97 2.06 -12.00
C GLY C 452 -42.52 1.65 -11.99
N ARG C 453 -42.20 0.67 -12.84
CA ARG C 453 -40.94 -0.05 -12.79
C ARG C 453 -40.67 -0.70 -14.16
N PRO C 454 -39.41 -0.61 -14.64
CA PRO C 454 -38.98 -1.35 -15.84
C PRO C 454 -39.15 -2.87 -15.75
N GLU C 455 -39.14 -3.54 -16.91
CA GLU C 455 -39.19 -5.00 -16.99
C GLU C 455 -37.81 -5.59 -16.70
N TRP C 456 -36.79 -4.77 -16.95
CA TRP C 456 -35.39 -5.13 -16.75
C TRP C 456 -34.88 -4.80 -15.34
N ALA C 457 -35.78 -4.25 -14.52
CA ALA C 457 -35.45 -3.75 -13.17
C ALA C 457 -34.55 -4.70 -12.37
N ASP C 458 -35.10 -5.88 -12.06
CA ASP C 458 -34.36 -6.98 -11.43
C ASP C 458 -33.49 -6.58 -10.23
N ALA C 459 -34.17 -6.27 -9.12
CA ALA C 459 -33.55 -5.95 -7.82
C ALA C 459 -32.69 -4.74 -7.48
N ALA C 460 -33.29 -3.56 -7.61
CA ALA C 460 -32.62 -2.31 -7.27
C ALA C 460 -32.16 -2.04 -5.84
N HIS C 461 -31.42 -0.95 -5.64
CA HIS C 461 -30.88 -0.63 -4.31
C HIS C 461 -31.96 -0.56 -3.24
N GLY C 462 -31.73 -1.29 -2.15
CA GLY C 462 -32.65 -1.27 -1.02
C GLY C 462 -33.88 -2.12 -1.21
N ASP C 463 -33.96 -2.86 -2.31
CA ASP C 463 -35.08 -3.76 -2.55
C ASP C 463 -35.02 -5.01 -1.68
N GLU C 464 -33.91 -5.21 -0.99
CA GLU C 464 -33.75 -6.36 -0.11
C GLU C 464 -34.47 -6.20 1.22
N LEU C 465 -34.72 -4.95 1.62
CA LEU C 465 -35.33 -4.66 2.93
C LEU C 465 -36.63 -5.42 3.20
N PRO C 466 -37.64 -5.30 2.31
CA PRO C 466 -38.94 -5.93 2.58
C PRO C 466 -38.82 -7.41 2.97
N TYR C 467 -37.85 -8.09 2.37
CA TYR C 467 -37.58 -9.48 2.68
C TYR C 467 -36.88 -9.66 4.03
N VAL C 468 -35.88 -8.83 4.31
CA VAL C 468 -35.17 -8.88 5.59
C VAL C 468 -36.08 -8.48 6.76
N PHE C 469 -37.14 -7.72 6.48
CA PHE C 469 -38.11 -7.34 7.52
C PHE C 469 -39.46 -8.05 7.43
N GLY C 470 -39.44 -9.18 6.71
CA GLY C 470 -40.60 -10.07 6.62
C GLY C 470 -41.89 -9.39 6.24
N VAL C 471 -41.79 -8.40 5.37
CA VAL C 471 -42.97 -7.65 4.93
C VAL C 471 -43.92 -8.54 4.10
N PRO C 472 -43.39 -9.37 3.18
CA PRO C 472 -44.24 -10.28 2.39
C PRO C 472 -45.13 -11.22 3.21
N MET C 473 -44.90 -11.27 4.53
CA MET C 473 -45.72 -12.09 5.42
C MET C 473 -46.95 -11.31 5.88
N VAL C 474 -46.74 -10.12 6.45
CA VAL C 474 -47.86 -9.28 6.87
C VAL C 474 -48.23 -8.25 5.80
N GLY C 475 -49.00 -8.71 4.80
CA GLY C 475 -49.53 -7.87 3.72
C GLY C 475 -48.51 -7.07 2.91
N ALA C 476 -48.94 -5.91 2.43
CA ALA C 476 -48.07 -4.98 1.73
C ALA C 476 -48.21 -3.60 2.37
N THR C 477 -47.14 -3.14 3.03
CA THR C 477 -47.18 -1.89 3.81
C THR C 477 -47.24 -0.62 2.95
N ASP C 478 -47.35 0.53 3.62
CA ASP C 478 -47.43 1.84 2.97
C ASP C 478 -46.35 2.03 1.91
N LEU C 479 -45.15 1.58 2.24
CA LEU C 479 -43.99 1.76 1.36
C LEU C 479 -43.99 0.73 0.24
N PHE C 480 -43.85 -0.55 0.60
CA PHE C 480 -43.80 -1.64 -0.37
C PHE C 480 -45.23 -2.11 -0.65
N PRO C 481 -45.83 -1.63 -1.76
CA PRO C 481 -47.25 -1.82 -1.97
C PRO C 481 -47.61 -3.04 -2.84
N CYS C 482 -46.61 -3.58 -3.54
CA CYS C 482 -46.83 -4.55 -4.61
C CYS C 482 -47.41 -5.90 -4.18
N ASN C 483 -48.05 -6.58 -5.13
CA ASN C 483 -48.64 -7.90 -4.91
C ASN C 483 -47.56 -8.96 -4.65
N PHE C 484 -47.32 -9.25 -3.38
CA PHE C 484 -46.37 -10.31 -3.00
C PHE C 484 -46.97 -11.68 -3.30
N SER C 485 -46.41 -12.34 -4.32
CA SER C 485 -46.80 -13.71 -4.67
C SER C 485 -46.32 -14.68 -3.58
N LYS C 486 -46.83 -15.91 -3.61
CA LYS C 486 -46.53 -16.89 -2.56
C LYS C 486 -45.02 -17.20 -2.44
N ASN C 487 -44.28 -16.93 -3.51
CA ASN C 487 -42.84 -17.11 -3.52
C ASN C 487 -42.11 -15.98 -2.78
N ASP C 488 -42.58 -14.75 -2.97
CA ASP C 488 -42.06 -13.60 -2.24
C ASP C 488 -42.16 -13.84 -0.73
N VAL C 489 -43.24 -14.48 -0.31
CA VAL C 489 -43.44 -14.87 1.08
C VAL C 489 -42.41 -15.91 1.50
N MET C 490 -42.18 -16.89 0.62
CA MET C 490 -41.23 -17.97 0.87
C MET C 490 -39.81 -17.43 1.07
N LEU C 491 -39.33 -16.67 0.09
CA LEU C 491 -37.97 -16.13 0.14
C LEU C 491 -37.77 -15.19 1.32
N SER C 492 -38.83 -14.47 1.69
CA SER C 492 -38.79 -13.57 2.82
C SER C 492 -38.37 -14.33 4.07
N ALA C 493 -39.01 -15.49 4.28
CA ALA C 493 -38.66 -16.37 5.38
C ALA C 493 -37.20 -16.82 5.25
N VAL C 494 -36.86 -17.30 4.06
CA VAL C 494 -35.52 -17.83 3.76
C VAL C 494 -34.43 -16.86 4.23
N VAL C 495 -34.50 -15.61 3.77
CA VAL C 495 -33.50 -14.62 4.18
C VAL C 495 -33.56 -14.35 5.68
N MET C 496 -34.75 -14.41 6.26
CA MET C 496 -34.91 -14.12 7.68
C MET C 496 -34.20 -15.16 8.54
N THR C 497 -34.49 -16.43 8.29
CA THR C 497 -33.78 -17.50 9.00
C THR C 497 -32.27 -17.39 8.80
N TYR C 498 -31.83 -17.02 7.59
CA TYR C 498 -30.40 -16.78 7.33
C TYR C 498 -29.84 -15.66 8.21
N TRP C 499 -30.49 -14.51 8.17
CA TRP C 499 -30.07 -13.32 8.92
C TRP C 499 -30.07 -13.58 10.42
N THR C 500 -31.21 -14.06 10.93
CA THR C 500 -31.42 -14.30 12.35
C THR C 500 -30.48 -15.37 12.89
N ASN C 501 -30.24 -16.43 12.11
CA ASN C 501 -29.23 -17.42 12.44
C ASN C 501 -27.90 -16.76 12.72
N PHE C 502 -27.55 -15.81 11.86
CA PHE C 502 -26.29 -15.10 11.94
C PHE C 502 -26.14 -14.31 13.24
N ALA C 503 -27.23 -13.72 13.72
CA ALA C 503 -27.20 -12.96 14.97
C ALA C 503 -26.82 -13.84 16.15
N LYS C 504 -27.19 -15.12 16.07
CA LYS C 504 -26.94 -16.11 17.12
C LYS C 504 -25.54 -16.72 17.01
N THR C 505 -25.28 -17.35 15.87
CA THR C 505 -24.06 -18.14 15.67
C THR C 505 -22.93 -17.33 15.01
N GLY C 506 -23.30 -16.40 14.13
CA GLY C 506 -22.32 -15.77 13.25
C GLY C 506 -22.11 -16.68 12.06
N ASP C 507 -23.13 -17.51 11.81
CA ASP C 507 -23.14 -18.48 10.74
C ASP C 507 -24.60 -18.63 10.30
N PRO C 508 -24.94 -18.08 9.13
CA PRO C 508 -26.33 -18.07 8.64
C PRO C 508 -26.94 -19.45 8.42
N ASN C 509 -26.10 -20.48 8.29
CA ASN C 509 -26.58 -21.84 8.03
C ASN C 509 -27.30 -22.49 9.20
N GLN C 510 -26.81 -22.24 10.41
CA GLN C 510 -27.30 -22.93 11.59
C GLN C 510 -27.55 -21.95 12.74
N PRO C 511 -28.72 -22.06 13.36
CA PRO C 511 -29.22 -23.35 13.84
C PRO C 511 -30.34 -23.88 12.96
N VAL C 512 -31.35 -23.05 12.71
CA VAL C 512 -32.57 -23.50 12.05
C VAL C 512 -32.32 -23.78 10.57
N PRO C 513 -32.51 -25.04 10.18
CA PRO C 513 -32.30 -25.45 8.79
C PRO C 513 -33.33 -24.82 7.85
N GLN C 514 -33.01 -24.75 6.56
CA GLN C 514 -33.87 -24.07 5.60
C GLN C 514 -35.17 -24.82 5.30
N ASP C 515 -36.08 -24.76 6.27
CA ASP C 515 -37.40 -25.34 6.16
C ASP C 515 -38.43 -24.24 5.90
N THR C 516 -39.16 -24.36 4.80
CA THR C 516 -40.20 -23.38 4.45
C THR C 516 -41.57 -24.06 4.27
N LYS C 517 -41.60 -25.38 4.47
CA LYS C 517 -42.83 -26.15 4.34
C LYS C 517 -43.84 -25.94 5.49
N PHE C 518 -43.60 -24.89 6.29
CA PHE C 518 -44.56 -24.40 7.27
C PHE C 518 -45.73 -23.72 6.57
N ILE C 519 -45.42 -22.98 5.50
CA ILE C 519 -46.43 -22.26 4.72
C ILE C 519 -46.85 -23.01 3.44
N HIS C 520 -45.87 -23.50 2.67
CA HIS C 520 -46.14 -24.29 1.48
C HIS C 520 -45.13 -25.43 1.35
N THR C 521 -45.62 -26.68 1.38
CA THR C 521 -44.76 -27.87 1.32
C THR C 521 -44.15 -28.11 -0.07
N LYS C 522 -44.07 -27.02 -0.86
CA LYS C 522 -43.37 -26.98 -2.13
C LYS C 522 -41.86 -27.00 -1.85
N PRO C 523 -41.06 -27.68 -2.72
CA PRO C 523 -39.59 -27.67 -2.63
C PRO C 523 -38.98 -26.38 -2.06
N ASN C 524 -38.65 -26.39 -0.77
CA ASN C 524 -37.98 -25.28 -0.10
C ASN C 524 -36.59 -25.16 -0.70
N ARG C 525 -36.45 -24.30 -1.70
CA ARG C 525 -35.33 -24.39 -2.64
C ARG C 525 -33.92 -24.11 -2.08
N PHE C 526 -33.84 -23.71 -0.82
CA PHE C 526 -32.56 -23.50 -0.15
C PHE C 526 -32.24 -24.65 0.82
N GLU C 527 -33.00 -25.74 0.70
CA GLU C 527 -32.98 -26.85 1.66
C GLU C 527 -31.61 -27.39 2.06
N GLU C 528 -30.84 -27.84 1.07
CA GLU C 528 -29.55 -28.48 1.34
C GLU C 528 -28.33 -27.67 0.88
N VAL C 529 -28.56 -26.44 0.43
CA VAL C 529 -27.45 -25.57 0.01
C VAL C 529 -26.71 -25.00 1.22
N VAL C 530 -25.40 -25.19 1.23
CA VAL C 530 -24.55 -24.70 2.33
C VAL C 530 -23.91 -23.35 1.98
N TRP C 531 -24.21 -22.34 2.79
CA TRP C 531 -23.63 -21.02 2.63
C TRP C 531 -22.21 -21.00 3.20
N SER C 532 -21.25 -21.25 2.33
CA SER C 532 -19.86 -21.36 2.71
C SER C 532 -19.26 -20.00 3.03
N LYS C 533 -18.25 -19.99 3.87
CA LYS C 533 -17.55 -18.75 4.24
C LYS C 533 -16.86 -18.13 3.04
N PHE C 534 -16.88 -16.80 2.97
CA PHE C 534 -16.15 -16.06 1.94
C PHE C 534 -14.75 -15.75 2.43
N ASN C 535 -13.74 -16.44 1.89
CA ASN C 535 -12.34 -16.14 2.20
C ASN C 535 -11.68 -15.32 1.09
N SER C 536 -10.36 -15.22 1.12
CA SER C 536 -9.65 -14.39 0.16
C SER C 536 -9.44 -15.06 -1.19
N LYS C 537 -8.60 -16.10 -1.23
CA LYS C 537 -8.24 -16.75 -2.50
C LYS C 537 -9.44 -17.30 -3.24
N GLU C 538 -10.04 -18.38 -2.74
CA GLU C 538 -11.38 -18.75 -3.18
C GLU C 538 -12.29 -17.69 -2.56
N LYS C 539 -13.29 -17.24 -3.29
CA LYS C 539 -14.14 -16.18 -2.76
C LYS C 539 -15.62 -16.44 -3.00
N GLN C 540 -16.08 -17.53 -2.37
CA GLN C 540 -17.46 -18.01 -2.52
C GLN C 540 -18.49 -17.05 -1.95
N TYR C 541 -19.63 -16.97 -2.63
CA TYR C 541 -20.74 -16.12 -2.20
C TYR C 541 -22.05 -16.91 -2.29
N LEU C 542 -23.12 -16.38 -1.68
CA LEU C 542 -24.44 -16.98 -1.86
C LEU C 542 -25.25 -16.13 -2.83
N HIS C 543 -25.72 -16.77 -3.89
CA HIS C 543 -26.62 -16.13 -4.83
C HIS C 543 -28.05 -16.31 -4.32
N ILE C 544 -28.58 -15.29 -3.65
CA ILE C 544 -29.96 -15.34 -3.18
C ILE C 544 -30.87 -14.94 -4.34
N GLY C 545 -31.89 -15.75 -4.57
CA GLY C 545 -32.84 -15.53 -5.67
C GLY C 545 -33.82 -16.67 -5.76
N LEU C 546 -34.40 -16.85 -6.95
CA LEU C 546 -35.34 -17.95 -7.17
C LEU C 546 -34.60 -19.30 -7.13
N LYS C 547 -33.55 -19.41 -7.94
CA LYS C 547 -32.73 -20.62 -8.01
C LYS C 547 -31.36 -20.35 -7.37
N PRO C 548 -31.27 -20.53 -6.04
CA PRO C 548 -30.08 -20.16 -5.28
C PRO C 548 -28.89 -21.08 -5.49
N ARG C 549 -27.69 -20.52 -5.40
CA ARG C 549 -26.45 -21.27 -5.58
C ARG C 549 -25.33 -20.71 -4.71
N VAL C 550 -24.24 -21.47 -4.64
CA VAL C 550 -22.98 -20.94 -4.13
C VAL C 550 -22.00 -20.91 -5.29
N ARG C 551 -21.75 -19.71 -5.83
CA ARG C 551 -20.78 -19.55 -6.89
C ARG C 551 -19.45 -19.02 -6.33
N ASP C 552 -18.43 -18.93 -7.20
CA ASP C 552 -17.05 -18.76 -6.74
C ASP C 552 -16.45 -17.35 -6.85
N ASN C 553 -16.77 -16.64 -7.93
CA ASN C 553 -16.25 -15.28 -8.11
C ASN C 553 -17.27 -14.34 -8.72
N TYR C 554 -17.84 -13.45 -7.92
CA TYR C 554 -18.87 -12.55 -8.41
C TYR C 554 -18.38 -11.37 -9.24
N ARG C 555 -18.92 -11.25 -10.44
CA ARG C 555 -18.51 -10.23 -11.43
C ARG C 555 -16.98 -10.16 -11.48
N ALA C 556 -16.37 -11.34 -11.56
CA ALA C 556 -14.94 -11.55 -11.34
C ALA C 556 -14.03 -10.45 -11.91
N ASN C 557 -14.05 -10.31 -13.23
CA ASN C 557 -13.12 -9.42 -13.92
C ASN C 557 -13.50 -7.93 -13.86
N LYS C 558 -14.80 -7.65 -13.76
CA LYS C 558 -15.27 -6.28 -13.65
C LYS C 558 -14.92 -5.68 -12.29
N VAL C 559 -14.83 -6.53 -11.26
CA VAL C 559 -14.30 -6.12 -9.96
C VAL C 559 -12.81 -5.85 -10.11
N ALA C 560 -12.06 -6.90 -10.44
CA ALA C 560 -10.63 -6.85 -10.63
C ALA C 560 -10.22 -5.68 -11.51
N PHE C 561 -11.14 -5.24 -12.35
CA PHE C 561 -10.90 -4.06 -13.18
C PHE C 561 -10.74 -2.86 -12.25
N TRP C 562 -11.78 -2.61 -11.47
CA TRP C 562 -11.83 -1.48 -10.57
C TRP C 562 -10.82 -1.59 -9.43
N LEU C 563 -10.58 -2.81 -8.97
CA LEU C 563 -9.68 -3.06 -7.85
C LEU C 563 -8.21 -3.11 -8.25
N GLU C 564 -7.90 -3.88 -9.30
CA GLU C 564 -6.49 -4.09 -9.68
C GLU C 564 -6.00 -3.10 -10.74
N LEU C 565 -6.61 -3.11 -11.93
CA LEU C 565 -6.10 -2.29 -13.03
C LEU C 565 -6.29 -0.79 -12.83
N VAL C 566 -7.54 -0.35 -12.65
CA VAL C 566 -7.86 1.07 -12.62
C VAL C 566 -6.90 1.94 -11.78
N PRO C 567 -6.53 1.48 -10.56
CA PRO C 567 -5.40 2.10 -9.84
C PRO C 567 -4.23 2.60 -10.71
N HIS C 568 -3.64 1.70 -11.52
CA HIS C 568 -2.46 2.04 -12.33
C HIS C 568 -2.72 3.08 -13.42
N LEU C 569 -3.99 3.30 -13.75
CA LEU C 569 -4.36 4.23 -14.81
C LEU C 569 -4.56 5.67 -14.30
N HIS C 570 -3.69 6.08 -13.38
CA HIS C 570 -3.69 7.46 -12.90
C HIS C 570 -2.34 8.13 -13.12
N ASN C 571 -1.29 7.41 -12.74
CA ASN C 571 0.09 7.92 -12.79
C ASN C 571 0.59 8.16 -14.22
N LYS D 2 -8.88 -43.72 50.43
CA LYS D 2 -8.52 -42.56 49.55
C LYS D 2 -6.99 -42.29 49.55
N PRO D 3 -6.45 -41.83 48.39
CA PRO D 3 -5.05 -41.82 47.97
C PRO D 3 -3.98 -42.04 49.04
N VAL D 4 -3.18 -43.10 48.85
CA VAL D 4 -2.07 -43.45 49.73
C VAL D 4 -0.99 -44.28 49.00
N VAL D 5 0.03 -43.58 48.49
CA VAL D 5 1.12 -44.25 47.76
C VAL D 5 2.49 -43.91 48.36
N ASN D 6 3.46 -44.80 48.16
CA ASN D 6 4.77 -44.71 48.80
C ASN D 6 5.85 -43.99 47.99
N THR D 7 6.92 -43.64 48.69
CA THR D 7 8.04 -42.91 48.11
C THR D 7 9.35 -43.61 48.47
N ALA D 8 10.47 -43.01 48.10
CA ALA D 8 11.79 -43.49 48.47
C ALA D 8 12.11 -43.19 49.94
N TYR D 9 11.14 -42.63 50.66
CA TYR D 9 11.31 -42.32 52.09
C TYR D 9 10.23 -42.95 52.96
N GLY D 10 9.18 -43.47 52.33
CA GLY D 10 8.08 -44.14 53.04
C GLY D 10 6.72 -43.83 52.46
N ARG D 11 5.68 -44.36 53.11
CA ARG D 11 4.29 -44.15 52.69
C ARG D 11 3.77 -42.75 53.02
N VAL D 12 3.05 -42.15 52.09
CA VAL D 12 2.34 -40.87 52.33
C VAL D 12 0.85 -40.95 51.97
N ARG D 13 0.01 -40.47 52.89
CA ARG D 13 -1.44 -40.47 52.71
C ARG D 13 -1.92 -39.06 52.31
N GLY D 14 -2.67 -38.99 51.23
CA GLY D 14 -3.16 -37.70 50.71
C GLY D 14 -4.68 -37.63 50.54
N VAL D 15 -5.17 -36.40 50.36
CA VAL D 15 -6.59 -36.14 50.15
C VAL D 15 -6.91 -36.14 48.66
N ARG D 16 -8.11 -36.61 48.33
CA ARG D 16 -8.68 -36.44 47.00
C ARG D 16 -9.64 -35.24 47.05
N ARG D 17 -9.41 -34.26 46.18
CA ARG D 17 -10.14 -32.97 46.24
C ARG D 17 -11.01 -32.64 45.02
N GLU D 18 -12.22 -32.17 45.30
CA GLU D 18 -13.14 -31.70 44.28
C GLU D 18 -12.82 -30.25 43.93
N LEU D 19 -13.06 -29.87 42.68
CA LEU D 19 -12.86 -28.49 42.24
C LEU D 19 -14.17 -27.85 41.80
N ASN D 20 -14.18 -26.52 41.71
CA ASN D 20 -15.41 -25.80 41.37
C ASN D 20 -15.54 -25.45 39.89
N ASN D 21 -15.61 -26.49 39.05
CA ASN D 21 -15.88 -26.34 37.63
C ASN D 21 -16.15 -27.68 36.97
N GLU D 22 -17.13 -27.69 36.06
CA GLU D 22 -17.45 -28.85 35.25
C GLU D 22 -16.33 -29.17 34.26
N ILE D 23 -15.56 -28.14 33.88
CA ILE D 23 -14.50 -28.27 32.89
C ILE D 23 -13.35 -29.17 33.37
N LEU D 24 -12.97 -29.01 34.64
CA LEU D 24 -11.88 -29.81 35.21
C LEU D 24 -12.32 -30.77 36.32
N GLY D 25 -11.91 -32.02 36.18
CA GLY D 25 -12.22 -33.05 37.18
C GLY D 25 -11.37 -32.94 38.44
N PRO D 26 -11.63 -33.83 39.43
CA PRO D 26 -10.93 -33.81 40.72
C PRO D 26 -9.43 -34.08 40.62
N VAL D 27 -8.68 -33.56 41.59
CA VAL D 27 -7.23 -33.82 41.69
C VAL D 27 -6.83 -34.25 43.10
N VAL D 28 -5.80 -35.08 43.18
CA VAL D 28 -5.27 -35.56 44.45
C VAL D 28 -4.22 -34.59 44.99
N GLN D 29 -4.40 -34.17 46.24
CA GLN D 29 -3.49 -33.21 46.87
C GLN D 29 -2.57 -33.88 47.87
N PHE D 30 -1.27 -33.62 47.74
CA PHE D 30 -0.29 -34.03 48.74
C PHE D 30 0.28 -32.78 49.41
N LEU D 31 -0.18 -32.52 50.63
CA LEU D 31 0.14 -31.28 51.33
C LEU D 31 1.11 -31.53 52.47
N GLY D 32 2.22 -30.79 52.46
CA GLY D 32 3.21 -30.85 53.54
C GLY D 32 4.05 -32.11 53.61
N VAL D 33 4.60 -32.51 52.46
CA VAL D 33 5.56 -33.61 52.42
C VAL D 33 7.00 -33.06 52.43
N PRO D 34 7.78 -33.42 53.47
CA PRO D 34 9.12 -32.87 53.70
C PRO D 34 10.15 -33.32 52.68
N TYR D 35 10.75 -32.35 51.99
CA TYR D 35 11.81 -32.61 51.02
C TYR D 35 13.20 -32.54 51.65
N ALA D 36 13.28 -32.09 52.89
CA ALA D 36 14.54 -31.98 53.61
C ALA D 36 14.36 -32.13 55.11
N THR D 37 15.45 -32.47 55.79
CA THR D 37 15.48 -32.52 57.26
C THR D 37 15.32 -31.12 57.85
N PRO D 38 14.59 -31.01 58.98
CA PRO D 38 14.36 -29.72 59.64
C PRO D 38 15.65 -28.93 59.91
N PRO D 39 15.70 -27.65 59.51
CA PRO D 39 16.87 -26.81 59.75
C PRO D 39 16.74 -26.06 61.08
N LEU D 40 17.09 -26.74 62.17
CA LEU D 40 16.87 -26.23 63.52
C LEU D 40 18.13 -25.91 64.33
N GLY D 41 18.98 -26.91 64.57
CA GLY D 41 20.18 -26.74 65.39
C GLY D 41 21.38 -26.21 64.63
N ALA D 42 22.37 -27.08 64.42
CA ALA D 42 23.56 -26.75 63.62
C ALA D 42 23.23 -26.65 62.13
N ARG D 43 22.01 -27.04 61.77
CA ARG D 43 21.50 -26.96 60.39
C ARG D 43 20.92 -25.58 60.07
N ARG D 44 20.88 -24.71 61.09
CA ARG D 44 20.51 -23.31 60.92
C ARG D 44 21.70 -22.60 60.31
N PHE D 45 21.44 -21.89 59.21
CA PHE D 45 22.49 -21.25 58.39
C PHE D 45 23.49 -22.30 57.87
N GLN D 46 22.95 -23.42 57.39
CA GLN D 46 23.73 -24.53 56.85
C GLN D 46 22.92 -25.22 55.76
N PRO D 47 23.56 -25.57 54.63
CA PRO D 47 22.88 -26.21 53.50
C PRO D 47 22.03 -27.42 53.93
N PRO D 48 20.80 -27.54 53.38
CA PRO D 48 19.85 -28.61 53.73
C PRO D 48 20.23 -29.98 53.17
N GLU D 49 19.76 -31.04 53.83
CA GLU D 49 20.05 -32.41 53.40
C GLU D 49 18.84 -33.34 53.41
N ALA D 50 19.01 -34.49 52.77
CA ALA D 50 17.95 -35.50 52.59
C ALA D 50 17.10 -35.72 53.84
N PRO D 51 15.77 -35.75 53.70
CA PRO D 51 14.87 -35.88 54.84
C PRO D 51 14.95 -37.27 55.47
N ALA D 52 14.77 -37.34 56.79
CA ALA D 52 14.77 -38.61 57.50
C ALA D 52 13.57 -39.45 57.09
N SER D 53 13.78 -40.75 56.95
CA SER D 53 12.70 -41.67 56.57
C SER D 53 11.71 -41.88 57.71
N TRP D 54 10.46 -42.12 57.35
CA TRP D 54 9.40 -42.36 58.33
C TRP D 54 8.90 -43.80 58.24
N PRO D 55 8.51 -44.39 59.40
CA PRO D 55 8.00 -45.75 59.46
C PRO D 55 6.76 -46.02 58.59
N GLY D 56 5.57 -46.02 59.19
CA GLY D 56 4.35 -46.46 58.51
C GLY D 56 3.86 -45.54 57.42
N VAL D 57 2.64 -45.02 57.62
CA VAL D 57 2.05 -44.05 56.71
C VAL D 57 2.10 -42.67 57.34
N ARG D 58 2.49 -41.68 56.53
CA ARG D 58 2.60 -40.30 56.99
C ARG D 58 1.47 -39.45 56.43
N ASN D 59 0.76 -38.75 57.33
CA ASN D 59 -0.30 -37.83 56.92
C ASN D 59 0.23 -36.67 56.09
N ALA D 60 0.00 -36.73 54.78
CA ALA D 60 0.34 -35.64 53.87
C ALA D 60 -0.94 -34.91 53.45
N THR D 61 -1.76 -34.60 54.44
CA THR D 61 -3.12 -34.09 54.23
C THR D 61 -3.31 -32.65 54.69
N THR D 62 -2.37 -32.14 55.50
CA THR D 62 -2.42 -30.75 55.98
C THR D 62 -1.27 -29.93 55.42
N LEU D 63 -1.57 -28.68 55.06
CA LEU D 63 -0.57 -27.74 54.56
C LEU D 63 0.44 -27.42 55.67
N PRO D 64 1.75 -27.38 55.32
CA PRO D 64 2.78 -27.16 56.31
C PRO D 64 2.75 -25.72 56.82
N PRO D 65 3.32 -25.47 58.03
CA PRO D 65 3.46 -24.10 58.48
C PRO D 65 4.46 -23.32 57.64
N ALA D 66 4.25 -22.00 57.53
CA ALA D 66 5.16 -21.14 56.80
C ALA D 66 6.44 -20.87 57.60
N CYS D 67 7.41 -20.22 56.97
CA CYS D 67 8.69 -19.93 57.61
C CYS D 67 8.65 -18.60 58.38
N PRO D 68 9.67 -18.32 59.23
CA PRO D 68 9.71 -17.09 60.02
C PRO D 68 9.55 -15.83 59.17
N GLN D 69 8.53 -15.01 59.49
CA GLN D 69 8.26 -13.76 58.75
C GLN D 69 7.44 -12.74 59.56
N ASN D 70 7.55 -11.47 59.16
CA ASN D 70 6.84 -10.36 59.79
C ASN D 70 6.01 -9.59 58.77
N LEU D 71 4.68 -9.65 58.92
CA LEU D 71 3.78 -8.93 58.02
C LEU D 71 3.17 -7.69 58.69
N HIS D 72 3.80 -7.25 59.79
CA HIS D 72 3.34 -6.07 60.52
C HIS D 72 4.47 -5.03 60.64
N GLY D 73 4.54 -4.12 59.66
CA GLY D 73 5.50 -3.03 59.69
C GLY D 73 6.97 -2.92 59.30
N ALA D 74 7.57 -4.06 58.93
CA ALA D 74 8.99 -4.14 58.62
C ALA D 74 8.82 -4.85 57.27
N LEU D 75 8.66 -4.06 56.20
CA LEU D 75 8.37 -4.56 54.86
C LEU D 75 8.86 -3.64 53.75
N PRO D 76 9.55 -4.19 52.72
CA PRO D 76 9.89 -3.44 51.51
C PRO D 76 8.85 -3.63 50.40
N ALA D 77 7.79 -2.82 50.44
CA ALA D 77 6.61 -3.03 49.59
C ALA D 77 6.76 -2.60 48.12
N ILE D 78 7.90 -2.00 47.77
CA ILE D 78 8.14 -1.50 46.42
C ILE D 78 8.30 -2.64 45.40
N MET D 79 8.75 -3.80 45.86
CA MET D 79 8.93 -4.97 45.01
C MET D 79 7.94 -6.10 45.33
N LEU D 80 7.04 -5.82 46.27
CA LEU D 80 5.94 -6.73 46.58
C LEU D 80 4.84 -6.55 45.55
N PRO D 81 4.44 -7.65 44.89
CA PRO D 81 3.31 -7.66 43.95
C PRO D 81 2.05 -7.03 44.56
N VAL D 82 1.35 -6.24 43.76
CA VAL D 82 0.24 -5.42 44.23
C VAL D 82 -0.97 -6.22 44.74
N TRP D 83 -1.07 -7.48 44.31
CA TRP D 83 -2.10 -8.39 44.86
C TRP D 83 -1.83 -8.66 46.34
N PHE D 84 -0.54 -8.83 46.68
CA PHE D 84 -0.12 -9.13 48.03
C PHE D 84 -0.17 -7.87 48.88
N THR D 85 0.33 -6.78 48.31
CA THR D 85 0.48 -5.52 49.04
C THR D 85 -0.86 -4.90 49.46
N ASP D 86 -1.93 -5.22 48.73
CA ASP D 86 -3.29 -4.78 49.08
C ASP D 86 -3.93 -5.74 50.07
N ASN D 87 -3.84 -7.03 49.77
CA ASN D 87 -4.52 -8.06 50.54
C ASN D 87 -3.69 -8.59 51.71
N LEU D 88 -2.99 -7.69 52.40
CA LEU D 88 -2.19 -8.06 53.58
C LEU D 88 -3.08 -8.57 54.71
N GLU D 89 -4.33 -8.11 54.71
CA GLU D 89 -5.37 -8.61 55.60
C GLU D 89 -5.65 -10.09 55.32
N ALA D 90 -5.67 -10.44 54.04
CA ALA D 90 -5.87 -11.82 53.60
C ALA D 90 -4.56 -12.63 53.60
N ALA D 91 -3.44 -11.93 53.47
CA ALA D 91 -2.12 -12.56 53.45
C ALA D 91 -1.72 -13.11 54.82
N ALA D 92 -2.07 -12.38 55.87
CA ALA D 92 -1.73 -12.77 57.26
C ALA D 92 -2.36 -14.10 57.67
N THR D 93 -3.45 -14.47 57.01
CA THR D 93 -4.18 -15.71 57.27
C THR D 93 -3.33 -16.95 56.98
N TYR D 94 -2.67 -16.94 55.82
CA TYR D 94 -1.89 -18.09 55.34
C TYR D 94 -0.57 -18.28 56.09
N VAL D 95 -0.14 -17.25 56.82
CA VAL D 95 1.18 -17.24 57.45
C VAL D 95 1.18 -17.04 58.98
N GLN D 96 0.04 -17.27 59.62
CA GLN D 96 0.00 -17.16 61.09
C GLN D 96 0.69 -18.37 61.74
N ASN D 97 0.52 -19.54 61.14
CA ASN D 97 1.23 -20.75 61.58
C ASN D 97 2.64 -20.75 61.02
N GLN D 98 3.61 -20.65 61.92
CA GLN D 98 5.01 -20.49 61.54
C GLN D 98 5.94 -21.41 62.32
N SER D 99 7.01 -21.83 61.67
CA SER D 99 8.01 -22.71 62.26
C SER D 99 9.36 -22.53 61.58
N GLU D 100 10.44 -22.81 62.31
CA GLU D 100 11.76 -22.94 61.71
C GLU D 100 11.86 -24.20 60.87
N ASP D 101 11.04 -25.19 61.20
CA ASP D 101 10.87 -26.39 60.39
C ASP D 101 9.72 -26.17 59.41
N CYS D 102 10.05 -25.70 58.21
CA CYS D 102 9.07 -25.37 57.19
C CYS D 102 9.44 -25.90 55.80
N LEU D 103 10.49 -26.71 55.75
CA LEU D 103 10.97 -27.30 54.50
C LEU D 103 10.05 -28.45 54.04
N TYR D 104 8.96 -28.09 53.39
CA TYR D 104 7.97 -29.04 52.90
C TYR D 104 7.47 -28.56 51.54
N LEU D 105 7.45 -29.44 50.56
CA LEU D 105 6.83 -29.11 49.26
C LEU D 105 5.45 -29.73 49.14
N ASN D 106 4.55 -29.06 48.43
CA ASN D 106 3.20 -29.58 48.22
C ASN D 106 2.99 -30.04 46.78
N LEU D 107 2.50 -31.27 46.63
CA LEU D 107 2.29 -31.84 45.30
C LEU D 107 0.83 -31.82 44.88
N TYR D 108 0.59 -31.40 43.64
CA TYR D 108 -0.75 -31.38 43.06
C TYR D 108 -0.79 -32.24 41.80
N VAL D 109 -1.45 -33.39 41.89
CA VAL D 109 -1.53 -34.37 40.79
C VAL D 109 -2.94 -34.52 40.22
N PRO D 110 -3.06 -34.57 38.86
CA PRO D 110 -4.37 -34.73 38.22
C PRO D 110 -4.82 -36.18 38.07
N THR D 111 -6.14 -36.40 38.04
CA THR D 111 -6.71 -37.74 37.85
C THR D 111 -7.25 -37.93 36.44
N GLY D 136 2.88 -42.16 27.72
CA GLY D 136 4.12 -41.56 28.20
C GLY D 136 4.13 -41.33 29.69
N LYS D 137 4.41 -40.09 30.08
CA LYS D 137 4.40 -39.66 31.49
C LYS D 137 3.88 -38.23 31.62
N LYS D 138 3.94 -37.68 32.83
CA LYS D 138 3.41 -36.33 33.09
C LYS D 138 4.48 -35.32 33.50
N PRO D 139 4.39 -34.07 32.97
CA PRO D 139 5.37 -33.02 33.26
C PRO D 139 5.18 -32.41 34.64
N VAL D 140 6.23 -31.74 35.13
CA VAL D 140 6.23 -31.21 36.49
C VAL D 140 6.53 -29.72 36.49
N MET D 141 5.78 -28.96 37.29
CA MET D 141 6.01 -27.52 37.45
C MET D 141 6.17 -27.15 38.93
N LEU D 142 7.38 -26.70 39.30
CA LEU D 142 7.65 -26.24 40.67
C LEU D 142 7.51 -24.71 40.74
N PHE D 143 6.71 -24.23 41.69
CA PHE D 143 6.51 -22.78 41.84
C PHE D 143 7.36 -22.13 42.93
N LEU D 144 8.07 -21.08 42.51
CA LEU D 144 8.87 -20.25 43.41
C LEU D 144 8.10 -18.99 43.78
N HIS D 145 7.79 -18.84 45.07
CA HIS D 145 6.86 -17.81 45.52
C HIS D 145 7.51 -16.56 46.14
N GLY D 146 8.43 -15.96 45.40
CA GLY D 146 9.11 -14.76 45.88
C GLY D 146 8.41 -13.45 45.56
N GLY D 147 8.31 -12.59 46.58
CA GLY D 147 7.88 -11.21 46.40
C GLY D 147 9.07 -10.33 46.71
N SER D 148 9.37 -10.25 48.00
CA SER D 148 10.70 -9.88 48.47
C SER D 148 11.13 -11.13 49.21
N TYR D 149 12.43 -11.38 49.28
CA TYR D 149 12.94 -12.62 49.87
C TYR D 149 12.52 -12.85 51.34
N MET D 150 11.89 -11.84 51.93
CA MET D 150 11.49 -11.86 53.34
C MET D 150 10.18 -12.60 53.59
N GLU D 151 9.26 -12.52 52.61
CA GLU D 151 7.88 -12.99 52.79
C GLU D 151 7.57 -14.26 52.01
N GLY D 152 6.29 -14.62 51.98
CA GLY D 152 5.76 -15.61 51.06
C GLY D 152 5.48 -16.97 51.65
N THR D 153 4.72 -17.76 50.88
CA THR D 153 4.47 -19.18 51.17
C THR D 153 3.80 -19.84 49.97
N GLY D 154 4.02 -21.14 49.81
CA GLY D 154 3.39 -21.91 48.74
C GLY D 154 1.94 -22.22 49.04
N ASN D 155 1.56 -22.05 50.31
CA ASN D 155 0.20 -22.29 50.77
C ASN D 155 -0.85 -21.36 50.15
N MET D 156 -0.39 -20.23 49.63
CA MET D 156 -1.27 -19.26 48.98
C MET D 156 -1.66 -19.68 47.56
N PHE D 157 -1.03 -20.74 47.06
CA PHE D 157 -1.19 -21.16 45.67
C PHE D 157 -1.70 -22.60 45.56
N ASP D 158 -2.86 -22.75 44.91
CA ASP D 158 -3.45 -24.06 44.63
C ASP D 158 -3.11 -24.51 43.22
N GLY D 159 -2.22 -25.49 43.12
CA GLY D 159 -1.91 -26.11 41.83
C GLY D 159 -3.10 -26.91 41.33
N SER D 160 -4.04 -27.16 42.24
CA SER D 160 -5.28 -27.90 41.97
C SER D 160 -5.93 -27.53 40.63
N VAL D 161 -6.05 -26.22 40.38
CA VAL D 161 -6.69 -25.72 39.17
C VAL D 161 -5.81 -25.92 37.94
N LEU D 162 -4.50 -25.71 38.12
CA LEU D 162 -3.54 -25.81 37.01
C LEU D 162 -3.26 -27.26 36.63
N ALA D 163 -2.97 -28.08 37.63
CA ALA D 163 -2.65 -29.49 37.41
C ALA D 163 -3.75 -30.22 36.66
N ALA D 164 -5.00 -29.96 37.05
CA ALA D 164 -6.18 -30.54 36.42
C ALA D 164 -6.22 -30.19 34.94
N TYR D 165 -6.11 -28.89 34.65
CA TYR D 165 -6.23 -28.38 33.28
C TYR D 165 -5.02 -28.67 32.41
N GLY D 166 -3.82 -28.44 32.95
CA GLY D 166 -2.60 -28.53 32.17
C GLY D 166 -2.13 -29.94 31.84
N ASN D 167 -2.68 -30.92 32.54
CA ASN D 167 -2.20 -32.30 32.49
C ASN D 167 -0.73 -32.38 32.98
N VAL D 168 -0.41 -31.55 33.95
CA VAL D 168 0.93 -31.53 34.57
C VAL D 168 0.81 -31.73 36.08
N ILE D 169 1.94 -31.91 36.75
CA ILE D 169 1.95 -31.99 38.21
C ILE D 169 2.51 -30.69 38.76
N VAL D 170 1.70 -29.98 39.55
CA VAL D 170 2.10 -28.70 40.11
C VAL D 170 2.67 -28.89 41.51
N VAL D 171 3.87 -28.36 41.72
CA VAL D 171 4.59 -28.56 42.98
C VAL D 171 5.01 -27.24 43.61
N THR D 172 4.13 -26.69 44.45
CA THR D 172 4.48 -25.50 45.21
C THR D 172 5.29 -25.88 46.45
N LEU D 173 6.39 -25.17 46.66
CA LEU D 173 7.32 -25.48 47.76
C LEU D 173 7.25 -24.44 48.88
N ASN D 174 7.99 -24.69 49.95
CA ASN D 174 8.24 -23.69 50.95
C ASN D 174 9.70 -23.79 51.40
N TYR D 175 10.45 -22.71 51.19
CA TYR D 175 11.87 -22.67 51.49
C TYR D 175 12.14 -21.62 52.57
N ARG D 176 13.31 -21.70 53.21
CA ARG D 176 13.71 -20.71 54.22
C ARG D 176 13.76 -19.30 53.64
N LEU D 177 13.15 -18.36 54.35
CA LEU D 177 12.99 -16.98 53.87
C LEU D 177 13.70 -15.97 54.77
N GLY D 178 13.94 -14.79 54.24
CA GLY D 178 14.46 -13.65 54.99
C GLY D 178 15.78 -13.90 55.69
N VAL D 179 15.88 -13.40 56.91
CA VAL D 179 17.10 -13.47 57.73
C VAL D 179 17.54 -14.92 57.92
N LEU D 180 16.58 -15.78 58.27
CA LEU D 180 16.83 -17.18 58.62
C LEU D 180 17.00 -18.05 57.36
N GLY D 181 17.21 -17.40 56.22
CA GLY D 181 17.38 -18.10 54.95
C GLY D 181 18.45 -17.53 54.05
N PHE D 182 18.74 -16.24 54.20
CA PHE D 182 19.67 -15.57 53.31
C PHE D 182 20.67 -14.71 54.08
N LEU D 183 21.45 -15.34 54.95
CA LEU D 183 22.42 -14.62 55.76
C LEU D 183 23.85 -15.06 55.42
N SER D 184 24.64 -14.11 54.93
CA SER D 184 26.04 -14.33 54.58
C SER D 184 26.95 -13.42 55.41
N THR D 185 28.21 -13.81 55.57
CA THR D 185 29.21 -13.01 56.27
C THR D 185 30.42 -12.70 55.38
N GLY D 186 30.41 -13.25 54.16
CA GLY D 186 31.52 -13.12 53.23
C GLY D 186 32.63 -14.13 53.52
N ASP D 187 32.71 -14.54 54.78
CA ASP D 187 33.71 -15.50 55.24
C ASP D 187 33.23 -16.93 55.06
N GLN D 188 34.00 -17.88 55.60
CA GLN D 188 33.61 -19.28 55.66
C GLN D 188 32.48 -19.47 56.66
N ALA D 189 32.47 -18.63 57.69
CA ALA D 189 31.48 -18.68 58.78
C ALA D 189 30.06 -18.92 58.29
N ALA D 190 29.63 -18.12 57.32
CA ALA D 190 28.33 -18.29 56.69
C ALA D 190 28.48 -18.16 55.18
N LYS D 191 28.20 -19.26 54.47
CA LYS D 191 28.34 -19.30 53.02
C LYS D 191 27.27 -18.46 52.30
N GLY D 192 26.07 -18.42 52.89
CA GLY D 192 24.95 -17.67 52.32
C GLY D 192 24.05 -18.53 51.44
N ASN D 193 23.05 -17.90 50.83
CA ASN D 193 22.12 -18.56 49.90
C ASN D 193 21.50 -19.84 50.46
N TYR D 194 21.05 -19.79 51.71
CA TYR D 194 20.46 -20.96 52.36
C TYR D 194 19.01 -21.16 51.94
N GLY D 195 18.42 -20.11 51.37
CA GLY D 195 17.06 -20.18 50.81
C GLY D 195 17.06 -20.75 49.41
N LEU D 196 18.11 -20.44 48.63
CA LEU D 196 18.29 -21.01 47.30
C LEU D 196 18.63 -22.49 47.37
N LEU D 197 19.27 -22.89 48.47
CA LEU D 197 19.67 -24.27 48.65
C LEU D 197 18.53 -25.18 49.08
N ASP D 198 17.50 -24.63 49.72
CA ASP D 198 16.30 -25.39 50.04
C ASP D 198 15.54 -25.69 48.76
N GLN D 199 15.43 -24.67 47.91
CA GLN D 199 14.75 -24.77 46.62
C GLN D 199 15.40 -25.83 45.75
N ILE D 200 16.73 -25.76 45.63
CA ILE D 200 17.48 -26.71 44.82
C ILE D 200 17.45 -28.11 45.45
N GLN D 201 17.16 -28.18 46.75
CA GLN D 201 17.06 -29.46 47.45
C GLN D 201 15.64 -30.01 47.38
N ALA D 202 14.68 -29.14 47.06
CA ALA D 202 13.31 -29.56 46.82
C ALA D 202 13.19 -30.17 45.42
N LEU D 203 14.00 -29.67 44.51
CA LEU D 203 14.05 -30.19 43.15
C LEU D 203 14.76 -31.54 43.09
N ARG D 204 15.80 -31.70 43.91
CA ARG D 204 16.52 -32.96 44.01
C ARG D 204 15.59 -34.06 44.48
N TRP D 205 14.61 -33.68 45.31
CA TRP D 205 13.58 -34.59 45.81
C TRP D 205 12.59 -34.97 44.72
N LEU D 206 12.23 -34.00 43.89
CA LEU D 206 11.36 -34.22 42.74
C LEU D 206 12.06 -35.01 41.66
N SER D 207 13.36 -34.78 41.51
CA SER D 207 14.17 -35.47 40.51
C SER D 207 14.24 -36.97 40.80
N GLU D 208 14.03 -37.32 42.07
CA GLU D 208 14.09 -38.71 42.51
C GLU D 208 12.71 -39.34 42.66
N ASN D 209 11.80 -38.64 43.34
CA ASN D 209 10.55 -39.25 43.78
C ASN D 209 9.32 -39.07 42.90
N ILE D 210 9.34 -38.07 42.03
CA ILE D 210 8.19 -37.85 41.15
C ILE D 210 7.99 -39.04 40.23
N ALA D 211 9.04 -39.85 40.11
CA ALA D 211 9.01 -41.11 39.38
C ALA D 211 7.78 -41.94 39.75
N HIS D 212 7.55 -42.10 41.06
CA HIS D 212 6.40 -42.87 41.56
C HIS D 212 5.07 -42.12 41.39
N PHE D 213 5.11 -40.79 41.37
CA PHE D 213 3.90 -39.98 41.33
C PHE D 213 3.26 -39.83 39.94
N GLY D 214 3.72 -40.62 38.97
CA GLY D 214 3.26 -40.50 37.59
C GLY D 214 3.89 -39.33 36.84
N GLY D 215 4.90 -38.72 37.45
CA GLY D 215 5.63 -37.60 36.86
C GLY D 215 6.78 -38.03 35.97
N ASP D 216 7.59 -37.06 35.57
CA ASP D 216 8.67 -37.30 34.62
C ASP D 216 9.92 -36.48 34.98
N PRO D 217 10.93 -37.12 35.59
CA PRO D 217 12.20 -36.45 35.91
C PRO D 217 13.01 -36.04 34.68
N GLU D 218 12.32 -35.82 33.56
CA GLU D 218 12.96 -35.41 32.31
C GLU D 218 12.30 -34.17 31.71
N ARG D 219 11.19 -33.75 32.31
CA ARG D 219 10.49 -32.52 31.92
C ARG D 219 10.04 -31.74 33.16
N ILE D 220 10.90 -31.69 34.16
CA ILE D 220 10.66 -30.89 35.36
C ILE D 220 10.94 -29.43 35.03
N THR D 221 9.90 -28.60 35.20
CA THR D 221 9.98 -27.18 34.94
C THR D 221 9.88 -26.38 36.24
N ILE D 222 10.59 -25.27 36.28
CA ILE D 222 10.52 -24.34 37.40
C ILE D 222 9.94 -23.01 36.91
N PHE D 223 9.06 -22.40 37.72
CA PHE D 223 8.41 -21.13 37.36
C PHE D 223 8.11 -20.26 38.57
N GLY D 224 8.17 -18.94 38.39
CA GLY D 224 7.93 -18.03 39.49
C GLY D 224 7.83 -16.57 39.08
N SER D 225 7.10 -15.80 39.88
CA SER D 225 6.94 -14.35 39.68
C SER D 225 7.68 -13.57 40.76
N GLY D 226 7.73 -12.24 40.64
CA GLY D 226 8.40 -11.38 41.60
C GLY D 226 9.85 -11.79 41.86
N ALA D 227 10.26 -11.75 43.12
CA ALA D 227 11.60 -12.18 43.51
C ALA D 227 11.84 -13.66 43.23
N GLY D 228 10.77 -14.40 43.01
CA GLY D 228 10.83 -15.83 42.68
C GLY D 228 11.35 -16.03 41.28
N ALA D 229 10.92 -15.13 40.38
CA ALA D 229 11.46 -15.07 39.02
C ALA D 229 12.96 -14.83 39.07
N SER D 230 13.39 -14.02 40.04
CA SER D 230 14.80 -13.77 40.28
C SER D 230 15.51 -15.09 40.56
N CYS D 231 14.88 -15.93 41.37
CA CYS D 231 15.43 -17.24 41.71
C CYS D 231 15.54 -18.14 40.49
N VAL D 232 14.44 -18.25 39.75
CA VAL D 232 14.41 -19.03 38.50
C VAL D 232 15.66 -18.72 37.71
N ASN D 233 15.84 -17.44 37.39
CA ASN D 233 16.94 -16.98 36.56
C ASN D 233 18.31 -17.13 37.22
N LEU D 234 18.32 -17.29 38.54
CA LEU D 234 19.56 -17.51 39.28
C LEU D 234 19.99 -18.99 39.22
N LEU D 235 19.02 -19.88 39.40
CA LEU D 235 19.28 -21.33 39.35
C LEU D 235 19.76 -21.79 37.98
N ILE D 236 19.42 -21.01 36.95
CA ILE D 236 19.81 -21.31 35.56
C ILE D 236 21.32 -21.18 35.36
N LEU D 237 21.88 -20.03 35.71
CA LEU D 237 23.31 -19.80 35.60
C LEU D 237 24.07 -20.30 36.84
N SER D 238 23.40 -21.13 37.64
CA SER D 238 24.00 -21.71 38.83
C SER D 238 25.01 -22.80 38.51
N HIS D 239 26.10 -22.80 39.26
CA HIS D 239 27.11 -23.86 39.23
C HIS D 239 26.47 -25.21 39.56
N HIS D 240 25.47 -25.18 40.46
CA HIS D 240 24.94 -26.39 41.10
C HIS D 240 23.90 -27.45 40.74
N SER D 241 22.89 -27.08 39.94
CA SER D 241 21.79 -27.99 39.61
C SER D 241 22.18 -28.14 38.16
N GLU D 242 22.70 -29.31 37.80
CA GLU D 242 23.14 -29.57 36.43
C GLU D 242 22.11 -30.43 35.69
N GLY D 243 21.70 -31.52 36.31
CA GLY D 243 20.69 -32.40 35.73
C GLY D 243 19.40 -32.47 36.53
N LEU D 244 19.09 -31.38 37.22
CA LEU D 244 17.93 -31.34 38.13
C LEU D 244 16.65 -30.83 37.45
N PHE D 245 16.79 -29.92 36.49
CA PHE D 245 15.66 -29.48 35.65
C PHE D 245 16.14 -29.03 34.27
N GLN D 246 15.20 -28.79 33.35
CA GLN D 246 15.54 -28.50 31.95
C GLN D 246 14.82 -27.30 31.38
N LYS D 247 13.66 -26.98 31.94
CA LYS D 247 12.86 -25.83 31.49
C LYS D 247 12.62 -24.85 32.65
N ALA D 248 12.56 -23.56 32.33
CA ALA D 248 12.45 -22.51 33.34
C ALA D 248 11.65 -21.31 32.85
N ILE D 249 10.65 -20.91 33.63
CA ILE D 249 9.81 -19.75 33.31
C ILE D 249 10.02 -18.65 34.35
N ALA D 250 10.37 -17.45 33.89
CA ALA D 250 10.59 -16.32 34.78
C ALA D 250 9.61 -15.18 34.48
N GLN D 251 8.40 -15.31 35.04
CA GLN D 251 7.35 -14.32 34.81
C GLN D 251 7.51 -13.10 35.71
N SER D 252 7.82 -11.95 35.09
CA SER D 252 8.00 -10.67 35.78
C SER D 252 9.13 -10.20 36.71
N GLY D 253 10.34 -10.69 36.46
CA GLY D 253 11.49 -10.32 37.27
C GLY D 253 12.67 -11.11 36.73
N THR D 254 13.88 -10.76 37.19
CA THR D 254 15.12 -11.35 36.67
C THR D 254 16.25 -11.40 37.71
N ALA D 255 17.45 -11.74 37.26
CA ALA D 255 18.60 -11.95 38.15
C ALA D 255 19.60 -10.78 38.14
N ILE D 256 19.50 -9.92 37.13
CA ILE D 256 20.43 -8.80 36.98
C ILE D 256 19.86 -7.47 37.49
N SER D 257 18.58 -7.47 37.84
CA SER D 257 17.92 -6.27 38.36
C SER D 257 18.43 -5.91 39.75
N SER D 258 18.31 -4.64 40.10
CA SER D 258 18.83 -4.09 41.36
C SER D 258 18.63 -5.02 42.57
N TRP D 259 17.37 -5.37 42.82
CA TRP D 259 16.98 -6.09 44.04
C TRP D 259 16.96 -7.61 43.90
N SER D 260 17.86 -8.15 43.09
CA SER D 260 17.92 -9.60 42.87
C SER D 260 19.01 -10.26 43.72
N VAL D 261 20.01 -9.47 44.09
CA VAL D 261 21.23 -9.99 44.71
C VAL D 261 21.88 -8.95 45.64
N ASN D 262 22.23 -9.40 46.85
CA ASN D 262 22.86 -8.56 47.87
C ASN D 262 24.39 -8.56 47.73
N TYR D 263 24.93 -7.39 47.41
CA TYR D 263 26.37 -7.24 47.16
C TYR D 263 27.14 -6.79 48.40
N GLN D 264 26.42 -6.35 49.42
CA GLN D 264 27.03 -5.95 50.69
C GLN D 264 26.53 -6.87 51.80
N PRO D 265 27.08 -8.10 51.89
CA PRO D 265 26.56 -9.08 52.83
C PRO D 265 27.11 -8.88 54.24
N LEU D 266 28.29 -8.28 54.34
CA LEU D 266 28.90 -7.97 55.63
C LEU D 266 28.24 -6.72 56.23
N LYS D 267 27.74 -5.84 55.37
CA LYS D 267 27.19 -4.54 55.80
C LYS D 267 25.87 -4.67 56.58
N TYR D 268 24.90 -5.37 55.99
CA TYR D 268 23.57 -5.54 56.60
C TYR D 268 23.55 -6.54 57.76
N THR D 269 24.57 -7.38 57.82
CA THR D 269 24.64 -8.44 58.82
C THR D 269 25.13 -7.94 60.19
N ARG D 270 25.78 -6.77 60.20
CA ARG D 270 26.22 -6.13 61.45
C ARG D 270 25.03 -5.53 62.19
N LEU D 271 24.08 -4.98 61.44
CA LEU D 271 22.86 -4.36 61.96
C LEU D 271 22.03 -5.36 62.78
N LEU D 272 21.84 -6.54 62.20
CA LEU D 272 21.14 -7.65 62.86
C LEU D 272 21.88 -8.06 64.13
N ALA D 273 23.21 -8.18 64.01
CA ALA D 273 24.07 -8.62 65.10
C ALA D 273 24.12 -7.64 66.27
N ALA D 274 24.08 -6.34 65.96
CA ALA D 274 24.07 -5.29 66.98
C ALA D 274 22.75 -5.25 67.72
N LYS D 275 21.67 -5.63 67.02
CA LYS D 275 20.32 -5.56 67.56
C LYS D 275 19.90 -6.84 68.28
N VAL D 276 20.76 -7.86 68.21
CA VAL D 276 20.53 -9.12 68.93
C VAL D 276 21.61 -9.42 69.96
N GLY D 277 22.74 -8.71 69.86
CA GLY D 277 23.86 -8.88 70.79
C GLY D 277 25.01 -9.71 70.25
N CYS D 278 24.93 -10.09 68.97
CA CYS D 278 25.95 -10.92 68.32
C CYS D 278 26.96 -10.10 67.50
N ASP D 279 27.16 -8.84 67.86
CA ASP D 279 28.08 -7.95 67.15
C ASP D 279 29.52 -8.09 67.66
N ARG D 280 30.05 -9.31 67.55
CA ARG D 280 31.47 -9.59 67.87
C ARG D 280 32.28 -9.68 66.58
N GLU D 281 33.50 -9.14 66.61
CA GLU D 281 34.33 -9.00 65.40
C GLU D 281 34.81 -10.32 64.78
N ASP D 282 34.57 -11.43 65.47
CA ASP D 282 34.85 -12.75 64.91
C ASP D 282 33.63 -13.24 64.14
N SER D 283 33.87 -13.75 62.93
CA SER D 283 32.80 -14.19 62.02
C SER D 283 32.08 -15.45 62.49
N THR D 284 32.86 -16.47 62.86
CA THR D 284 32.32 -17.76 63.27
C THR D 284 31.62 -17.65 64.63
N GLU D 285 32.16 -16.82 65.51
CA GLU D 285 31.60 -16.60 66.83
C GLU D 285 30.23 -15.94 66.74
N ALA D 286 30.10 -14.95 65.86
CA ALA D 286 28.86 -14.21 65.65
C ALA D 286 27.74 -15.10 65.09
N VAL D 287 28.09 -16.01 64.19
CA VAL D 287 27.12 -16.95 63.62
C VAL D 287 26.65 -17.95 64.67
N GLU D 288 27.61 -18.54 65.38
CA GLU D 288 27.31 -19.50 66.46
C GLU D 288 26.52 -18.83 67.59
N CYS D 289 26.60 -17.50 67.65
CA CYS D 289 25.85 -16.69 68.59
C CYS D 289 24.36 -16.64 68.23
N LEU D 290 24.08 -16.35 66.97
CA LEU D 290 22.71 -16.16 66.48
C LEU D 290 21.84 -17.40 66.66
N ARG D 291 22.47 -18.56 66.57
CA ARG D 291 21.76 -19.84 66.72
C ARG D 291 21.19 -20.03 68.12
N ARG D 292 21.63 -19.20 69.07
CA ARG D 292 21.11 -19.21 70.43
C ARG D 292 20.00 -18.17 70.64
N LYS D 293 19.36 -17.77 69.54
CA LYS D 293 18.26 -16.80 69.59
C LYS D 293 17.00 -17.34 68.90
N SER D 294 15.82 -17.09 69.46
CA SER D 294 14.53 -17.61 68.98
C SER D 294 14.28 -17.20 67.55
N SER D 295 13.49 -18.06 66.84
CA SER D 295 13.14 -17.84 65.44
C SER D 295 12.36 -16.53 65.26
N ARG D 296 11.52 -16.22 66.25
CA ARG D 296 10.68 -15.03 66.22
C ARG D 296 11.50 -13.74 66.30
N GLU D 297 12.42 -13.67 67.26
CA GLU D 297 13.25 -12.48 67.47
C GLU D 297 14.24 -12.23 66.33
N LEU D 298 14.76 -13.32 65.76
CA LEU D 298 15.82 -13.23 64.76
C LEU D 298 15.33 -12.71 63.41
N VAL D 299 14.01 -12.73 63.20
CA VAL D 299 13.42 -12.20 61.97
C VAL D 299 12.77 -10.82 62.18
N ASP D 300 12.02 -10.68 63.27
CA ASP D 300 11.36 -9.42 63.62
C ASP D 300 12.40 -8.44 64.17
N GLN D 301 12.83 -7.51 63.32
CA GLN D 301 13.97 -6.66 63.64
C GLN D 301 13.79 -5.20 63.24
N ASP D 302 13.13 -4.99 62.10
CA ASP D 302 13.08 -3.70 61.41
C ASP D 302 14.48 -3.29 60.93
N VAL D 303 15.12 -4.21 60.21
CA VAL D 303 16.33 -3.89 59.46
C VAL D 303 15.98 -3.78 57.97
N GLN D 304 15.57 -2.57 57.58
CA GLN D 304 15.16 -2.27 56.21
C GLN D 304 16.34 -2.20 55.26
N PRO D 305 16.14 -2.60 53.99
CA PRO D 305 17.18 -2.50 52.96
C PRO D 305 17.48 -1.04 52.57
N ALA D 306 18.17 -0.85 51.44
CA ALA D 306 18.35 0.48 50.85
C ALA D 306 17.07 0.86 50.11
N ARG D 307 17.08 1.99 49.39
CA ARG D 307 15.87 2.44 48.72
C ARG D 307 15.14 1.48 47.77
N TYR D 308 15.88 0.86 46.85
CA TYR D 308 15.30 -0.14 45.96
C TYR D 308 16.18 -1.39 45.88
N HIS D 309 16.93 -1.65 46.95
CA HIS D 309 17.79 -2.81 47.04
C HIS D 309 17.23 -3.80 48.08
N ILE D 310 17.94 -4.89 48.33
CA ILE D 310 17.45 -5.92 49.26
C ILE D 310 18.35 -6.13 50.47
N ALA D 311 17.73 -6.35 51.63
CA ALA D 311 18.43 -6.47 52.90
C ALA D 311 19.11 -7.82 53.04
N PHE D 312 18.32 -8.89 53.04
CA PHE D 312 18.84 -10.25 53.13
C PHE D 312 18.34 -11.08 51.96
N GLY D 313 19.25 -11.36 51.02
CA GLY D 313 18.92 -12.12 49.83
C GLY D 313 20.08 -12.99 49.35
N PRO D 314 20.04 -13.43 48.07
CA PRO D 314 21.09 -14.25 47.50
C PRO D 314 22.41 -13.48 47.42
N VAL D 315 23.51 -14.21 47.45
CA VAL D 315 24.83 -13.59 47.52
C VAL D 315 25.74 -14.19 46.46
N VAL D 316 26.68 -13.39 45.96
CA VAL D 316 27.81 -13.92 45.21
C VAL D 316 28.69 -14.68 46.22
N ASP D 317 28.67 -16.00 46.14
CA ASP D 317 29.34 -16.84 47.13
C ASP D 317 30.43 -17.76 46.58
N GLY D 318 30.42 -17.98 45.26
CA GLY D 318 31.39 -18.85 44.62
C GLY D 318 31.10 -20.33 44.84
N ASP D 319 29.86 -20.63 45.24
CA ASP D 319 29.43 -22.01 45.46
C ASP D 319 28.23 -22.30 44.57
N VAL D 320 27.08 -21.72 44.92
CA VAL D 320 25.89 -21.81 44.09
C VAL D 320 25.90 -20.70 43.05
N VAL D 321 26.33 -19.51 43.48
CA VAL D 321 26.45 -18.34 42.60
C VAL D 321 27.93 -17.97 42.49
N PRO D 322 28.61 -18.46 41.42
CA PRO D 322 30.06 -18.36 41.29
C PRO D 322 30.57 -16.91 41.32
N ASP D 323 30.36 -16.18 40.21
CA ASP D 323 30.73 -14.78 40.11
C ASP D 323 29.46 -13.93 40.29
N ASP D 324 29.48 -12.72 39.75
CA ASP D 324 28.29 -11.90 39.69
C ASP D 324 27.45 -12.31 38.47
N PRO D 325 26.12 -12.51 38.67
CA PRO D 325 25.15 -12.85 37.62
C PRO D 325 25.43 -12.25 36.23
N GLU D 326 25.71 -10.95 36.18
CA GLU D 326 25.99 -10.25 34.91
C GLU D 326 27.23 -10.79 34.20
N ILE D 327 28.28 -11.05 34.98
CA ILE D 327 29.54 -11.58 34.45
C ILE D 327 29.37 -13.04 34.07
N LEU D 328 28.56 -13.76 34.84
CA LEU D 328 28.30 -15.19 34.62
C LEU D 328 27.72 -15.49 33.25
N MET D 329 26.68 -14.73 32.86
CA MET D 329 26.03 -14.92 31.58
C MET D 329 26.77 -14.28 30.40
N GLN D 330 27.46 -13.17 30.67
CA GLN D 330 28.23 -12.45 29.64
C GLN D 330 29.47 -13.25 29.23
N GLN D 331 30.12 -13.90 30.20
CA GLN D 331 31.17 -14.87 29.91
C GLN D 331 30.57 -16.22 29.53
N GLY D 332 29.30 -16.42 29.88
CA GLY D 332 28.60 -17.64 29.54
C GLY D 332 28.97 -18.79 30.45
N GLU D 333 28.20 -18.99 31.51
CA GLU D 333 27.79 -20.32 31.92
C GLU D 333 26.78 -20.92 30.94
N PHE D 334 27.29 -21.47 29.84
CA PHE D 334 26.44 -21.95 28.76
C PHE D 334 25.82 -23.30 29.09
N LEU D 335 25.33 -23.42 30.32
CA LEU D 335 24.40 -24.49 30.67
C LEU D 335 23.00 -24.21 30.15
N ASN D 336 22.72 -24.66 28.93
CA ASN D 336 21.55 -24.18 28.17
C ASN D 336 20.22 -24.78 28.60
N TYR D 337 19.29 -23.92 29.01
CA TYR D 337 17.94 -24.34 29.35
C TYR D 337 16.93 -23.75 28.39
N ASP D 338 15.76 -24.37 28.33
CA ASP D 338 14.62 -23.77 27.64
C ASP D 338 14.09 -22.67 28.55
N MET D 339 13.73 -21.54 27.95
CA MET D 339 13.43 -20.33 28.70
C MET D 339 12.11 -19.67 28.31
N LEU D 340 11.50 -18.97 29.27
CA LEU D 340 10.32 -18.13 29.02
C LEU D 340 10.33 -16.94 29.97
N ILE D 341 10.42 -15.73 29.41
CA ILE D 341 10.52 -14.49 30.18
C ILE D 341 9.35 -13.58 29.88
N GLY D 342 9.04 -12.68 30.81
CA GLY D 342 8.02 -11.66 30.56
C GLY D 342 7.90 -10.56 31.60
N VAL D 343 7.15 -9.52 31.24
CA VAL D 343 6.89 -8.36 32.09
C VAL D 343 5.43 -7.91 31.90
N ASN D 344 4.96 -7.04 32.79
CA ASN D 344 3.63 -6.44 32.68
C ASN D 344 3.69 -4.99 32.19
N GLN D 345 2.64 -4.54 31.50
CA GLN D 345 2.58 -3.20 30.92
C GLN D 345 3.18 -2.16 31.86
N GLY D 346 2.56 -2.02 33.02
CA GLY D 346 3.00 -1.07 34.04
C GLY D 346 3.00 -1.73 35.40
N GLU D 347 4.11 -2.37 35.73
CA GLU D 347 4.23 -3.06 37.01
C GLU D 347 4.95 -2.24 38.08
N GLY D 348 5.57 -1.14 37.66
CA GLY D 348 6.11 -0.16 38.60
C GLY D 348 4.99 0.74 39.11
N LEU D 349 3.80 0.14 39.28
CA LEU D 349 2.57 0.86 39.57
C LEU D 349 2.63 1.66 40.86
N LYS D 350 3.18 1.05 41.91
CA LYS D 350 3.27 1.73 43.20
C LYS D 350 4.59 2.48 43.40
N PHE D 351 5.19 2.93 42.30
CA PHE D 351 6.30 3.87 42.33
C PHE D 351 5.72 5.28 42.42
N VAL D 352 4.45 5.40 42.05
CA VAL D 352 3.74 6.67 42.11
C VAL D 352 2.54 6.63 43.08
N GLU D 353 2.76 6.04 44.26
CA GLU D 353 1.78 6.11 45.35
C GLU D 353 1.73 7.50 46.00
N ASP D 354 2.81 8.27 45.83
CA ASP D 354 2.88 9.65 46.30
C ASP D 354 1.97 10.57 45.48
N SER D 355 1.85 10.28 44.19
CA SER D 355 0.98 11.02 43.30
C SER D 355 0.06 10.07 42.53
N ALA D 356 -1.08 9.75 43.15
CA ALA D 356 -2.10 8.91 42.54
C ALA D 356 -3.48 9.54 42.73
N GLU D 357 -3.78 9.98 43.94
CA GLU D 357 -5.06 10.61 44.24
C GLU D 357 -4.87 12.07 44.63
N SER D 358 -3.61 12.53 44.60
CA SER D 358 -3.31 13.92 44.29
C SER D 358 -3.86 14.31 42.93
N GLU D 359 -4.59 15.43 42.88
CA GLU D 359 -5.54 15.67 41.81
C GLU D 359 -4.86 15.78 40.45
N ASP D 360 -3.78 16.57 40.42
CA ASP D 360 -3.22 17.04 39.16
C ASP D 360 -2.26 16.03 38.56
N GLY D 361 -2.37 14.79 39.00
CA GLY D 361 -1.43 13.74 38.59
C GLY D 361 -0.06 14.02 39.18
N VAL D 362 0.89 14.37 38.31
CA VAL D 362 2.21 14.83 38.75
C VAL D 362 2.47 16.27 38.31
N SER D 363 3.04 17.05 39.23
CA SER D 363 3.39 18.44 38.94
C SER D 363 4.73 18.47 38.19
N ALA D 364 5.05 19.63 37.63
CA ALA D 364 6.35 19.86 36.98
C ALA D 364 7.48 19.67 38.00
N SER D 365 7.29 20.24 39.19
CA SER D 365 8.21 20.08 40.30
C SER D 365 8.24 18.64 40.77
N ALA D 366 7.06 18.05 40.94
CA ALA D 366 6.92 16.68 41.45
C ALA D 366 7.58 15.63 40.56
N PHE D 367 7.46 15.81 39.24
CA PHE D 367 8.17 14.99 38.26
C PHE D 367 9.67 15.00 38.57
N ASP D 368 10.20 16.20 38.81
CA ASP D 368 11.61 16.38 39.12
C ASP D 368 11.95 15.90 40.53
N PHE D 369 11.04 16.10 41.48
CA PHE D 369 11.24 15.73 42.88
C PHE D 369 11.21 14.20 43.07
N THR D 370 10.77 13.48 42.04
CA THR D 370 10.77 12.02 42.05
C THR D 370 11.87 11.45 41.17
N VAL D 371 12.18 12.15 40.07
CA VAL D 371 13.17 11.69 39.10
C VAL D 371 14.60 11.97 39.55
N SER D 372 14.80 13.02 40.33
CA SER D 372 16.09 13.29 40.95
C SER D 372 16.28 12.36 42.15
N ASN D 373 15.19 12.13 42.89
CA ASN D 373 15.16 11.14 43.95
C ASN D 373 15.32 9.72 43.43
N PHE D 374 15.12 9.55 42.12
CA PHE D 374 15.40 8.28 41.46
C PHE D 374 16.89 8.14 41.26
N VAL D 375 17.49 9.13 40.60
CA VAL D 375 18.91 9.12 40.26
C VAL D 375 19.78 8.93 41.50
N ASP D 376 19.57 9.78 42.50
CA ASP D 376 20.38 9.75 43.72
C ASP D 376 20.14 8.50 44.59
N ASN D 377 19.45 7.51 44.02
CA ASN D 377 19.19 6.24 44.70
C ASN D 377 19.86 5.06 44.00
N LEU D 378 19.45 4.81 42.77
CA LEU D 378 19.97 3.68 42.00
C LEU D 378 21.25 4.03 41.26
N TYR D 379 21.55 5.32 41.12
CA TYR D 379 22.79 5.79 40.52
C TYR D 379 23.55 6.69 41.49
N GLY D 380 23.29 8.00 41.43
CA GLY D 380 23.89 8.97 42.35
C GLY D 380 25.40 8.99 42.37
N TYR D 381 26.00 8.93 41.18
CA TYR D 381 27.46 8.95 41.02
C TYR D 381 28.06 10.31 41.39
N PRO D 382 29.19 10.30 42.14
CA PRO D 382 29.96 11.53 42.39
C PRO D 382 30.46 12.17 41.08
N GLU D 383 30.47 11.37 40.02
CA GLU D 383 30.80 11.80 38.68
C GLU D 383 29.81 11.14 37.72
N GLY D 384 28.59 11.68 37.68
CA GLY D 384 27.50 11.10 36.88
C GLY D 384 26.21 11.90 36.77
N LYS D 385 25.62 12.23 37.93
CA LYS D 385 24.31 12.92 37.98
C LYS D 385 24.34 14.33 37.37
N ASP D 386 25.55 14.81 37.07
CA ASP D 386 25.78 16.08 36.41
C ASP D 386 25.17 16.07 35.00
N VAL D 387 25.20 14.89 34.35
CA VAL D 387 24.65 14.72 33.01
C VAL D 387 23.46 13.76 33.03
N LEU D 388 23.60 12.68 33.79
CA LEU D 388 22.63 11.58 33.83
C LEU D 388 21.22 12.00 34.26
N ARG D 389 21.12 12.93 35.21
CA ARG D 389 19.82 13.40 35.70
C ARG D 389 18.93 13.97 34.59
N GLU D 390 19.50 14.85 33.77
CA GLU D 390 18.74 15.56 32.74
C GLU D 390 18.30 14.70 31.56
N THR D 391 19.17 13.79 31.14
CA THR D 391 18.91 12.95 29.98
C THR D 391 17.68 12.08 30.17
N ILE D 392 17.52 11.50 31.37
CA ILE D 392 16.37 10.64 31.66
C ILE D 392 15.07 11.43 31.81
N LYS D 393 15.18 12.69 32.23
CA LYS D 393 14.02 13.60 32.27
C LYS D 393 13.48 13.77 30.86
N PHE D 394 14.38 14.04 29.92
CA PHE D 394 14.06 14.19 28.51
C PHE D 394 13.40 12.92 27.99
N MET D 395 14.14 11.82 28.07
CA MET D 395 13.71 10.54 27.51
C MET D 395 12.29 10.11 27.85
N TYR D 396 11.82 10.52 29.03
CA TYR D 396 10.48 10.16 29.49
C TYR D 396 9.56 11.36 29.65
N THR D 397 9.22 11.99 28.53
CA THR D 397 8.21 13.06 28.49
C THR D 397 7.80 13.40 27.04
N ASP D 398 6.50 13.31 26.76
CA ASP D 398 5.97 13.49 25.40
C ASP D 398 5.60 14.94 25.10
N TRP D 399 6.27 15.53 24.11
CA TRP D 399 6.14 16.95 23.82
C TRP D 399 4.89 17.34 23.02
N ALA D 400 3.92 16.43 22.97
CA ALA D 400 2.60 16.73 22.43
C ALA D 400 1.65 17.12 23.56
N ASP D 401 1.88 16.53 24.74
CA ASP D 401 1.15 16.87 25.96
C ASP D 401 2.11 17.56 26.93
N ARG D 402 3.08 18.25 26.35
CA ARG D 402 4.25 18.83 27.05
C ARG D 402 4.06 19.27 28.51
N ASP D 403 2.94 19.91 28.82
CA ASP D 403 2.73 20.46 30.15
C ASP D 403 2.11 19.50 31.17
N ASN D 404 0.84 19.14 30.98
CA ASN D 404 0.06 18.40 31.98
C ASN D 404 0.53 16.98 32.28
N GLY D 405 0.79 16.74 33.56
CA GLY D 405 1.36 15.48 34.04
C GLY D 405 0.43 14.29 34.03
N GLU D 406 -0.54 14.31 33.12
CA GLU D 406 -1.42 13.17 32.89
C GLU D 406 -0.62 12.03 32.27
N MET D 407 0.11 12.34 31.19
CA MET D 407 0.99 11.39 30.51
C MET D 407 2.41 11.38 31.08
N ARG D 408 2.73 12.37 31.93
CA ARG D 408 4.02 12.40 32.63
C ARG D 408 4.04 11.38 33.76
N ARG D 409 2.91 11.29 34.48
CA ARG D 409 2.73 10.26 35.50
C ARG D 409 2.73 8.88 34.85
N LYS D 410 2.08 8.78 33.70
CA LYS D 410 2.06 7.57 32.87
C LYS D 410 3.48 7.10 32.53
N THR D 411 4.36 8.04 32.20
CA THR D 411 5.74 7.73 31.86
C THR D 411 6.60 7.49 33.11
N LEU D 412 6.36 8.26 34.18
CA LEU D 412 7.05 8.04 35.46
C LEU D 412 6.86 6.60 35.94
N LEU D 413 5.62 6.15 35.90
CA LEU D 413 5.23 4.77 36.22
C LEU D 413 5.92 3.79 35.26
N ALA D 414 5.99 4.16 33.99
CA ALA D 414 6.61 3.31 32.96
C ALA D 414 8.14 3.34 33.01
N LEU D 415 8.70 4.41 33.57
CA LEU D 415 10.15 4.54 33.74
C LEU D 415 10.66 3.42 34.66
N PHE D 416 10.05 3.32 35.84
CA PHE D 416 10.39 2.31 36.82
C PHE D 416 10.15 0.91 36.25
N THR D 417 9.05 0.78 35.50
CA THR D 417 8.72 -0.47 34.81
C THR D 417 9.86 -0.85 33.86
N ASP D 418 10.27 0.08 33.02
CA ASP D 418 11.34 -0.15 32.04
C ASP D 418 12.69 -0.43 32.70
N HIS D 419 13.03 0.34 33.74
CA HIS D 419 14.36 0.28 34.35
C HIS D 419 14.62 -0.97 35.19
N GLN D 420 13.63 -1.37 35.99
CA GLN D 420 13.80 -2.42 36.99
C GLN D 420 13.30 -3.80 36.53
N TRP D 421 12.59 -3.84 35.42
CA TRP D 421 12.06 -5.10 34.90
C TRP D 421 12.35 -5.33 33.41
N VAL D 422 11.87 -4.42 32.56
CA VAL D 422 11.91 -4.57 31.10
C VAL D 422 13.34 -4.68 30.56
N ALA D 423 14.14 -3.63 30.76
CA ALA D 423 15.53 -3.62 30.30
C ALA D 423 16.36 -4.78 30.88
N PRO D 424 16.22 -5.07 32.19
CA PRO D 424 16.81 -6.31 32.72
C PRO D 424 16.29 -7.59 32.05
N ALA D 425 15.00 -7.66 31.76
CA ALA D 425 14.41 -8.88 31.15
C ALA D 425 14.94 -9.14 29.73
N VAL D 426 14.97 -8.10 28.90
CA VAL D 426 15.48 -8.23 27.53
C VAL D 426 16.96 -8.61 27.53
N ALA D 427 17.74 -7.96 28.39
CA ALA D 427 19.18 -8.25 28.49
C ALA D 427 19.43 -9.67 28.98
N THR D 428 18.47 -10.24 29.70
CA THR D 428 18.55 -11.64 30.12
C THR D 428 18.12 -12.55 28.97
N ALA D 429 17.08 -12.14 28.25
CA ALA D 429 16.61 -12.88 27.08
C ALA D 429 17.65 -12.85 25.97
N LYS D 430 18.32 -11.70 25.83
CA LYS D 430 19.29 -11.44 24.77
C LYS D 430 20.58 -12.26 24.95
N LEU D 431 21.20 -12.17 26.12
CA LEU D 431 22.46 -12.88 26.38
C LEU D 431 22.28 -14.40 26.47
N HIS D 432 21.05 -14.85 26.73
CA HIS D 432 20.73 -16.28 26.77
C HIS D 432 20.56 -16.88 25.38
N ALA D 433 19.73 -16.24 24.56
CA ALA D 433 19.53 -16.66 23.17
C ALA D 433 20.77 -16.41 22.31
N ASP D 434 21.73 -15.65 22.86
CA ASP D 434 23.07 -15.49 22.27
C ASP D 434 23.76 -16.84 22.12
N TYR D 435 23.51 -17.73 23.08
CA TYR D 435 23.94 -19.12 22.98
C TYR D 435 22.76 -19.96 22.49
N GLN D 436 23.07 -21.14 21.93
CA GLN D 436 22.04 -22.06 21.46
C GLN D 436 21.14 -22.48 22.62
N SER D 437 20.01 -21.77 22.76
CA SER D 437 19.01 -22.07 23.78
C SER D 437 17.65 -21.50 23.39
N PRO D 438 16.57 -22.26 23.62
CA PRO D 438 15.23 -21.82 23.25
C PRO D 438 14.68 -20.80 24.25
N VAL D 439 14.24 -19.65 23.74
CA VAL D 439 13.73 -18.56 24.57
C VAL D 439 12.47 -17.97 23.94
N TYR D 440 11.41 -17.83 24.74
CA TYR D 440 10.18 -17.18 24.27
C TYR D 440 9.80 -16.02 25.17
N PHE D 441 9.23 -14.97 24.58
CA PHE D 441 8.98 -13.71 25.29
C PHE D 441 7.50 -13.34 25.34
N TYR D 442 6.98 -13.15 26.55
CA TYR D 442 5.60 -12.73 26.75
C TYR D 442 5.52 -11.30 27.29
N THR D 443 4.34 -10.70 27.19
CA THR D 443 4.08 -9.39 27.79
C THR D 443 2.60 -9.28 28.19
N PHE D 444 2.37 -9.09 29.47
CA PHE D 444 1.01 -9.15 30.03
C PHE D 444 0.35 -7.78 30.12
N TYR D 445 -0.85 -7.67 29.55
CA TYR D 445 -1.60 -6.42 29.47
C TYR D 445 -3.05 -6.59 29.93
N HIS D 446 -3.23 -7.08 31.15
CA HIS D 446 -4.57 -7.31 31.71
C HIS D 446 -4.53 -7.42 33.23
N HIS D 447 -5.63 -7.01 33.88
CA HIS D 447 -5.72 -7.00 35.35
C HIS D 447 -7.17 -6.98 35.88
N CYS D 448 -7.32 -7.26 37.18
CA CYS D 448 -8.61 -7.16 37.87
C CYS D 448 -8.93 -5.68 38.09
N GLN D 449 -10.08 -5.25 37.57
CA GLN D 449 -10.39 -3.81 37.47
C GLN D 449 -11.26 -3.27 38.61
N ALA D 450 -12.02 -4.14 39.26
CA ALA D 450 -13.14 -3.73 40.11
C ALA D 450 -12.81 -3.08 41.47
N GLU D 451 -11.69 -3.53 42.13
CA GLU D 451 -11.48 -3.15 43.52
C GLU D 451 -10.18 -2.37 43.69
N GLY D 452 -9.04 -2.99 43.48
CA GLY D 452 -7.73 -2.42 43.83
C GLY D 452 -7.28 -1.21 43.04
N ARG D 453 -6.14 -1.35 42.37
CA ARG D 453 -5.46 -0.26 41.65
C ARG D 453 -6.39 0.66 40.83
N PRO D 454 -6.16 2.00 40.89
CA PRO D 454 -6.90 3.01 40.12
C PRO D 454 -6.91 2.75 38.61
N GLU D 455 -7.98 3.18 37.95
CA GLU D 455 -8.27 2.85 36.55
C GLU D 455 -7.15 3.16 35.55
N TRP D 456 -6.52 4.32 35.69
CA TRP D 456 -5.59 4.87 34.68
C TRP D 456 -4.34 4.03 34.32
N ALA D 457 -4.01 3.05 35.15
CA ALA D 457 -2.86 2.17 34.87
C ALA D 457 -3.26 0.71 34.73
N ASP D 458 -2.63 0.01 33.79
CA ASP D 458 -2.99 -1.36 33.47
C ASP D 458 -1.91 -2.38 33.84
N ALA D 459 -2.37 -3.55 34.26
CA ALA D 459 -1.51 -4.70 34.62
C ALA D 459 -0.35 -4.45 35.58
N ALA D 460 -0.68 -4.22 36.85
CA ALA D 460 0.31 -4.03 37.90
C ALA D 460 1.21 -5.26 38.14
N HIS D 461 2.14 -5.14 39.08
CA HIS D 461 3.09 -6.22 39.37
C HIS D 461 2.39 -7.44 39.96
N GLY D 462 2.58 -8.57 39.29
CA GLY D 462 2.01 -9.83 39.76
C GLY D 462 0.57 -10.04 39.36
N ASP D 463 -0.02 -9.04 38.70
CA ASP D 463 -1.37 -9.19 38.15
C ASP D 463 -1.38 -10.19 36.99
N GLU D 464 -0.19 -10.70 36.65
CA GLU D 464 -0.03 -11.73 35.63
C GLU D 464 -0.17 -13.13 36.27
N LEU D 465 -0.12 -13.16 37.59
CA LEU D 465 -0.11 -14.41 38.35
C LEU D 465 -1.47 -15.15 38.42
N PRO D 466 -2.55 -14.45 38.83
CA PRO D 466 -3.83 -15.17 39.01
C PRO D 466 -4.34 -15.83 37.73
N TYR D 467 -4.02 -15.23 36.58
CA TYR D 467 -4.41 -15.79 35.30
C TYR D 467 -3.56 -17.01 34.92
N VAL D 468 -2.32 -17.03 35.41
CA VAL D 468 -1.42 -18.17 35.18
C VAL D 468 -1.78 -19.39 36.04
N PHE D 469 -2.41 -19.14 37.19
CA PHE D 469 -2.84 -20.22 38.07
C PHE D 469 -4.31 -20.61 37.87
N GLY D 470 -5.08 -19.72 37.26
CA GLY D 470 -6.49 -19.97 36.97
C GLY D 470 -7.40 -19.69 38.14
N VAL D 471 -7.35 -18.45 38.65
CA VAL D 471 -8.10 -18.06 39.85
C VAL D 471 -9.60 -17.82 39.62
N PRO D 472 -9.98 -17.14 38.50
CA PRO D 472 -11.42 -16.97 38.28
C PRO D 472 -12.12 -18.28 37.86
N MET D 473 -11.32 -19.34 37.73
CA MET D 473 -11.80 -20.64 37.28
C MET D 473 -12.44 -21.47 38.39
N VAL D 474 -12.09 -21.16 39.64
CA VAL D 474 -12.60 -21.92 40.78
C VAL D 474 -13.45 -21.03 41.72
N GLY D 475 -13.23 -19.73 41.64
CA GLY D 475 -14.12 -18.77 42.29
C GLY D 475 -13.46 -17.43 42.51
N ALA D 476 -12.15 -17.45 42.76
CA ALA D 476 -11.39 -16.22 42.98
C ALA D 476 -11.17 -15.98 44.47
N THR D 477 -9.90 -15.82 44.85
CA THR D 477 -9.47 -16.11 46.21
C THR D 477 -9.62 -14.89 47.11
N ASP D 478 -9.32 -15.07 48.39
CA ASP D 478 -9.27 -13.94 49.34
C ASP D 478 -8.22 -12.93 48.90
N LEU D 479 -7.32 -13.38 48.03
CA LEU D 479 -6.15 -12.61 47.62
C LEU D 479 -6.31 -11.98 46.24
N PHE D 480 -7.33 -12.43 45.50
CA PHE D 480 -7.60 -11.91 44.15
C PHE D 480 -9.09 -11.55 43.96
N PRO D 481 -9.68 -10.82 44.92
CA PRO D 481 -11.12 -10.81 44.99
C PRO D 481 -11.79 -9.61 44.29
N CYS D 482 -11.96 -9.71 42.97
CA CYS D 482 -12.77 -8.71 42.25
C CYS D 482 -13.90 -9.40 41.48
N ASN D 483 -14.70 -8.60 40.77
CA ASN D 483 -15.84 -9.08 39.99
C ASN D 483 -15.24 -9.76 38.74
N PHE D 484 -15.08 -11.08 38.83
CA PHE D 484 -14.45 -11.84 37.76
C PHE D 484 -15.45 -12.17 36.66
N SER D 485 -15.08 -11.87 35.42
CA SER D 485 -16.00 -12.01 34.29
C SER D 485 -15.55 -13.05 33.26
N LYS D 486 -16.23 -13.06 32.11
CA LYS D 486 -15.92 -13.98 31.01
C LYS D 486 -14.50 -13.82 30.46
N ASN D 487 -14.02 -12.57 30.46
CA ASN D 487 -12.66 -12.25 30.01
C ASN D 487 -11.59 -12.84 30.90
N ASP D 488 -11.82 -12.75 32.21
CA ASP D 488 -10.88 -13.26 33.21
C ASP D 488 -10.79 -14.79 33.20
N VAL D 489 -11.88 -15.44 32.78
CA VAL D 489 -11.95 -16.89 32.68
C VAL D 489 -11.29 -17.39 31.39
N MET D 490 -11.53 -16.67 30.30
CA MET D 490 -10.98 -17.01 29.00
C MET D 490 -9.46 -16.89 28.99
N LEU D 491 -8.97 -15.68 29.23
CA LEU D 491 -7.53 -15.35 29.17
C LEU D 491 -6.69 -16.20 30.13
N SER D 492 -7.31 -16.68 31.20
CA SER D 492 -6.66 -17.54 32.18
C SER D 492 -6.28 -18.90 31.58
N ALA D 493 -7.22 -19.51 30.86
CA ALA D 493 -6.99 -20.79 30.19
C ALA D 493 -5.98 -20.65 29.07
N VAL D 494 -5.99 -19.49 28.41
CA VAL D 494 -5.07 -19.17 27.33
C VAL D 494 -3.60 -19.31 27.76
N VAL D 495 -3.26 -18.70 28.90
CA VAL D 495 -1.87 -18.69 29.39
C VAL D 495 -1.43 -20.05 29.95
N MET D 496 -2.35 -20.76 30.59
CA MET D 496 -2.07 -22.06 31.18
C MET D 496 -1.70 -23.12 30.14
N THR D 497 -2.30 -23.03 28.95
CA THR D 497 -1.98 -23.95 27.86
C THR D 497 -0.70 -23.56 27.09
N TYR D 498 -0.27 -22.31 27.22
CA TYR D 498 1.04 -21.90 26.70
C TYR D 498 2.13 -22.39 27.64
N TRP D 499 1.97 -22.07 28.92
CA TRP D 499 2.91 -22.45 29.98
C TRP D 499 3.16 -23.95 30.00
N THR D 500 2.09 -24.73 30.02
CA THR D 500 2.18 -26.19 30.07
C THR D 500 2.83 -26.77 28.82
N ASN D 501 2.35 -26.36 27.66
CA ASN D 501 2.94 -26.81 26.40
C ASN D 501 4.46 -26.61 26.36
N PHE D 502 4.92 -25.50 26.94
CA PHE D 502 6.35 -25.24 27.06
C PHE D 502 7.00 -26.25 27.98
N ALA D 503 6.34 -26.54 29.10
CA ALA D 503 6.86 -27.47 30.11
C ALA D 503 6.93 -28.91 29.61
N LYS D 504 6.15 -29.20 28.57
CA LYS D 504 6.06 -30.56 28.03
C LYS D 504 6.73 -30.72 26.66
N THR D 505 7.16 -29.61 26.05
CA THR D 505 7.76 -29.65 24.72
C THR D 505 9.03 -28.79 24.59
N GLY D 506 9.06 -27.69 25.34
CA GLY D 506 10.09 -26.67 25.17
C GLY D 506 9.61 -25.66 24.14
N ASP D 507 8.31 -25.72 23.85
CA ASP D 507 7.64 -24.85 22.90
C ASP D 507 6.17 -24.70 23.31
N PRO D 508 5.74 -23.45 23.58
CA PRO D 508 4.38 -23.19 24.07
C PRO D 508 3.28 -23.44 23.04
N ASN D 509 3.66 -23.58 21.77
CA ASN D 509 2.71 -23.78 20.69
C ASN D 509 2.15 -25.20 20.67
N GLN D 510 2.98 -26.16 21.07
CA GLN D 510 2.70 -27.57 20.82
C GLN D 510 2.88 -28.41 22.09
N PRO D 511 1.94 -29.31 22.32
CA PRO D 511 1.25 -30.02 21.25
C PRO D 511 -0.22 -29.63 21.16
N VAL D 512 -0.84 -29.39 22.31
CA VAL D 512 -2.28 -29.16 22.38
C VAL D 512 -2.65 -27.81 21.75
N PRO D 513 -3.33 -27.88 20.60
CA PRO D 513 -3.69 -26.66 19.86
C PRO D 513 -4.50 -25.66 20.69
N GLN D 514 -4.35 -24.38 20.39
CA GLN D 514 -5.05 -23.31 21.12
C GLN D 514 -6.53 -23.21 20.77
N ASP D 515 -7.32 -24.14 21.31
CA ASP D 515 -8.76 -24.18 21.09
C ASP D 515 -9.50 -24.16 22.44
N THR D 516 -10.07 -23.00 22.77
CA THR D 516 -10.69 -22.77 24.07
C THR D 516 -12.20 -22.46 23.97
N LYS D 517 -12.88 -23.20 23.11
CA LYS D 517 -14.30 -22.95 22.82
C LYS D 517 -15.22 -23.43 23.95
N PHE D 518 -15.07 -22.81 25.11
CA PHE D 518 -15.93 -23.03 26.28
C PHE D 518 -15.98 -21.79 27.15
N ASN D 524 -11.60 -16.23 19.45
CA ASN D 524 -10.42 -16.86 20.02
C ASN D 524 -9.26 -15.87 20.19
N ARG D 525 -8.95 -15.15 19.11
CA ARG D 525 -7.88 -14.14 19.09
C ARG D 525 -6.51 -14.60 19.59
N PHE D 526 -6.30 -15.90 19.64
CA PHE D 526 -5.00 -16.45 20.03
C PHE D 526 -4.94 -17.62 19.06
N GLU D 527 -6.04 -17.88 18.36
CA GLU D 527 -6.22 -19.07 17.52
C GLU D 527 -4.98 -19.50 16.73
N GLU D 528 -4.51 -18.64 15.83
CA GLU D 528 -3.41 -18.98 14.93
C GLU D 528 -2.16 -18.10 15.10
N VAL D 529 -1.74 -17.93 16.35
CA VAL D 529 -0.55 -17.13 16.66
C VAL D 529 0.74 -17.94 16.46
N VAL D 530 1.70 -17.35 15.77
CA VAL D 530 3.03 -17.95 15.60
C VAL D 530 4.02 -17.30 16.58
N TRP D 531 4.26 -17.99 17.69
CA TRP D 531 5.13 -17.48 18.74
C TRP D 531 6.56 -18.00 18.56
N SER D 532 7.31 -17.31 17.71
CA SER D 532 8.67 -17.70 17.37
C SER D 532 9.64 -17.51 18.53
N LYS D 533 10.84 -18.06 18.39
CA LYS D 533 11.90 -17.90 19.37
C LYS D 533 12.36 -16.44 19.43
N PHE D 534 12.72 -16.01 20.64
CA PHE D 534 13.34 -14.71 20.85
C PHE D 534 14.74 -14.74 20.23
N ASN D 535 15.07 -13.72 19.45
CA ASN D 535 16.35 -13.63 18.78
C ASN D 535 17.18 -12.46 19.32
N SER D 536 18.49 -12.55 19.21
CA SER D 536 19.38 -11.46 19.62
C SER D 536 19.32 -10.30 18.63
N LYS D 537 18.87 -10.60 17.42
CA LYS D 537 18.75 -9.59 16.37
C LYS D 537 17.30 -9.18 16.10
N GLU D 538 16.38 -10.15 16.14
CA GLU D 538 14.98 -9.91 15.74
C GLU D 538 14.00 -9.65 16.91
N LYS D 539 14.36 -10.14 18.09
CA LYS D 539 13.59 -9.94 19.34
C LYS D 539 12.06 -9.80 19.22
N GLN D 540 11.43 -10.83 18.65
CA GLN D 540 9.97 -10.89 18.55
C GLN D 540 9.37 -11.29 19.89
N TYR D 541 8.17 -10.82 20.17
CA TYR D 541 7.50 -11.17 21.42
C TYR D 541 5.98 -11.36 21.28
N LEU D 542 5.42 -12.16 22.18
CA LEU D 542 3.98 -12.38 22.24
C LEU D 542 3.34 -11.28 23.08
N HIS D 543 2.33 -10.62 22.52
CA HIS D 543 1.60 -9.59 23.23
C HIS D 543 0.32 -10.15 23.88
N ILE D 544 0.47 -10.69 25.09
CA ILE D 544 -0.66 -11.25 25.84
C ILE D 544 -1.55 -10.16 26.42
N GLY D 545 -2.86 -10.33 26.26
CA GLY D 545 -3.84 -9.34 26.67
C GLY D 545 -4.92 -9.22 25.61
N LEU D 546 -5.96 -8.45 25.94
CA LEU D 546 -7.16 -8.32 25.10
C LEU D 546 -6.89 -8.29 23.59
N LYS D 547 -5.85 -7.56 23.18
CA LYS D 547 -5.49 -7.42 21.76
C LYS D 547 -4.15 -8.12 21.47
N PRO D 548 -4.19 -9.44 21.20
CA PRO D 548 -2.98 -10.26 21.03
C PRO D 548 -2.34 -10.15 19.65
N ARG D 549 -1.02 -10.03 19.64
CA ARG D 549 -0.22 -9.93 18.41
C ARG D 549 1.21 -10.41 18.69
N VAL D 550 2.00 -10.62 17.64
CA VAL D 550 3.43 -10.93 17.79
C VAL D 550 4.28 -9.77 17.23
N ARG D 551 4.70 -8.88 18.13
CA ARG D 551 5.49 -7.71 17.75
C ARG D 551 6.97 -8.01 17.55
N ASP D 552 7.58 -7.26 16.63
CA ASP D 552 9.00 -7.40 16.29
C ASP D 552 9.92 -6.82 17.37
N ASN D 553 9.41 -5.84 18.12
CA ASN D 553 10.17 -5.20 19.19
C ASN D 553 9.29 -4.66 20.31
N TYR D 554 9.78 -4.81 21.55
CA TYR D 554 9.16 -4.16 22.70
C TYR D 554 10.01 -2.99 23.17
N ARG D 555 9.38 -1.82 23.29
CA ARG D 555 9.99 -0.61 23.85
C ARG D 555 11.46 -0.42 23.48
N ALA D 556 11.81 -0.81 22.25
CA ALA D 556 13.18 -0.70 21.75
C ALA D 556 13.77 0.68 22.01
N ASN D 557 12.95 1.71 21.80
CA ASN D 557 13.27 3.10 22.13
C ASN D 557 13.92 3.25 23.51
N LYS D 558 13.17 2.86 24.54
CA LYS D 558 13.62 3.01 25.93
C LYS D 558 14.64 1.93 26.31
N VAL D 559 14.39 0.68 25.90
CA VAL D 559 15.30 -0.44 26.13
C VAL D 559 16.73 -0.09 25.71
N ALA D 560 16.85 0.50 24.53
CA ALA D 560 18.15 0.96 24.04
C ALA D 560 18.77 1.93 25.02
N PHE D 561 18.06 3.03 25.31
CA PHE D 561 18.56 4.09 26.19
C PHE D 561 19.35 3.56 27.40
N TRP D 562 18.78 2.58 28.10
CA TRP D 562 19.41 2.03 29.30
C TRP D 562 20.62 1.18 28.97
N LEU D 563 20.44 0.16 28.13
CA LEU D 563 21.52 -0.76 27.79
C LEU D 563 22.68 -0.14 27.02
N GLU D 564 22.43 0.93 26.28
CA GLU D 564 23.43 1.46 25.34
C GLU D 564 24.29 2.60 25.87
N LEU D 565 23.72 3.80 26.00
CA LEU D 565 24.52 5.00 26.31
C LEU D 565 24.53 5.44 27.78
N VAL D 566 23.64 4.88 28.61
CA VAL D 566 23.65 5.15 30.06
C VAL D 566 24.99 4.77 30.69
N PRO D 567 25.56 3.59 30.32
CA PRO D 567 26.94 3.26 30.71
C PRO D 567 27.98 4.33 30.35
N HIS D 568 27.79 4.98 29.20
CA HIS D 568 28.70 6.04 28.73
C HIS D 568 28.55 7.34 29.52
N LEU D 569 28.00 7.25 30.73
CA LEU D 569 27.77 8.41 31.58
C LEU D 569 28.38 8.23 32.98
N HIS D 570 29.46 7.46 33.05
CA HIS D 570 30.19 7.20 34.29
C HIS D 570 31.70 7.21 34.05
N ASN D 571 32.21 6.10 33.52
CA ASN D 571 33.65 5.91 33.25
C ASN D 571 34.14 6.72 32.05
C1 NAG E . 13.20 -36.88 -71.58
C2 NAG E . 14.71 -36.86 -71.76
C3 NAG E . 15.17 -37.84 -72.82
C4 NAG E . 14.43 -39.19 -72.83
C5 NAG E . 12.96 -39.07 -72.43
C6 NAG E . 12.35 -40.41 -72.00
C7 NAG E . 16.32 -35.03 -71.80
C8 NAG E . 16.30 -33.82 -70.92
N2 NAG E . 15.13 -35.54 -72.16
O3 NAG E . 16.55 -38.07 -72.64
O4 NAG E . 14.58 -39.69 -74.15
O5 NAG E . 12.79 -38.20 -71.34
O6 NAG E . 11.07 -40.20 -71.47
O7 NAG E . 17.38 -35.53 -72.19
C1 NAG E . 14.60 -41.13 -74.15
C2 NAG E . 13.60 -41.73 -75.14
C3 NAG E . 13.32 -43.09 -74.52
C4 NAG E . 14.61 -43.92 -74.60
C5 NAG E . 15.84 -43.15 -74.06
C6 NAG E . 17.16 -43.77 -74.53
C7 NAG E . 12.18 -40.29 -76.53
C8 NAG E . 12.56 -38.84 -76.67
N2 NAG E . 12.41 -40.89 -75.36
O3 NAG E . 12.24 -43.74 -75.16
O4 NAG E . 14.46 -45.15 -73.92
O5 NAG E . 15.84 -41.76 -74.38
O6 NAG E . 17.98 -42.83 -75.20
O7 NAG E . 11.66 -40.86 -77.49
C1 MAN E . 14.30 -46.37 -74.73
C2 MAN E . 14.33 -46.22 -76.28
C3 MAN E . 13.96 -47.56 -76.94
C4 MAN E . 14.79 -48.72 -76.34
C5 MAN E . 14.69 -48.70 -74.81
C6 MAN E . 15.42 -49.86 -74.12
O2 MAN E . 15.59 -45.81 -76.77
O3 MAN E . 14.13 -47.47 -78.33
O4 MAN E . 14.32 -49.95 -76.86
O5 MAN E . 15.16 -47.44 -74.33
O6 MAN E . 16.81 -49.79 -74.32
C1 NAG F . 17.26 53.09 -25.34
C2 NAG F . 18.40 53.93 -25.91
C3 NAG F . 18.01 54.31 -27.34
C4 NAG F . 17.78 53.05 -28.17
C5 NAG F . 16.74 52.20 -27.45
C6 NAG F . 16.56 50.86 -28.11
C7 NAG F . 19.66 55.29 -24.33
C8 NAG F . 19.50 56.33 -23.27
N2 NAG F . 18.62 55.13 -25.14
O3 NAG F . 18.99 55.13 -27.93
O4 NAG F . 17.31 53.50 -29.42
O5 NAG F . 17.11 51.98 -26.11
O6 NAG F . 17.84 50.41 -28.45
O7 NAG F . 20.71 54.63 -24.43
C1 NAG F . 18.01 52.98 -30.57
C2 NAG F . 16.95 53.04 -31.65
C3 NAG F . 17.46 52.82 -33.05
C4 NAG F . 18.80 53.50 -33.37
C5 NAG F . 19.75 53.37 -32.17
C6 NAG F . 21.00 54.22 -32.36
C7 NAG F . 14.63 52.55 -31.20
C8 NAG F . 13.69 51.66 -30.43
N2 NAG F . 15.87 52.10 -31.38
O3 NAG F . 16.46 53.39 -33.84
O4 NAG F . 19.42 52.88 -34.49
O5 NAG F . 19.11 53.76 -30.97
O6 NAG F . 20.98 55.35 -31.51
O7 NAG F . 14.21 53.63 -31.64
C1 BMA F . 19.09 53.35 -35.85
C2 BMA F . 17.80 54.14 -36.04
C3 BMA F . 17.65 54.60 -37.48
C4 BMA F . 18.83 55.47 -37.81
C5 BMA F . 19.94 54.46 -37.74
C6 BMA F . 21.21 55.03 -38.28
O2 BMA F . 17.82 55.28 -35.22
O3 BMA F . 16.41 55.20 -37.74
O4 BMA F . 18.78 55.99 -39.11
O5 BMA F . 20.17 54.06 -36.41
O6 BMA F . 22.05 53.93 -38.21
C1 MAN F . 15.76 54.27 -38.62
C2 MAN F . 15.50 54.89 -39.99
C3 MAN F . 14.12 55.47 -40.18
C4 MAN F . 13.01 54.61 -39.56
C5 MAN F . 13.46 53.40 -38.70
C6 MAN F . 13.42 52.06 -39.46
O2 MAN F . 15.69 53.93 -41.00
O3 MAN F . 13.98 55.51 -41.59
O4 MAN F . 12.10 55.44 -38.85
O5 MAN F . 14.69 53.59 -38.01
O6 MAN F . 14.45 51.99 -40.43
C1 MAN F . 13.06 56.51 -42.10
C2 MAN F . 11.90 55.76 -42.79
C3 MAN F . 12.21 55.58 -44.28
C4 MAN F . 12.39 56.94 -44.97
C5 MAN F . 13.19 57.96 -44.13
C6 MAN F . 12.37 59.22 -43.82
O2 MAN F . 10.64 56.39 -42.59
O3 MAN F . 11.19 54.83 -44.89
O4 MAN F . 13.03 56.74 -46.21
O5 MAN F . 13.76 57.43 -42.94
O6 MAN F . 13.08 60.36 -44.28
C1 MAN F . 15.41 50.91 -40.19
C2 MAN F . 14.92 49.57 -40.78
C3 MAN F . 14.63 48.54 -39.69
C4 MAN F . 15.80 48.36 -38.71
C5 MAN F . 16.57 49.65 -38.39
C6 MAN F . 18.00 49.61 -38.94
O2 MAN F . 15.88 49.08 -41.70
O3 MAN F . 14.27 47.30 -40.27
O4 MAN F . 15.30 47.83 -37.50
O5 MAN F . 15.85 50.82 -38.83
O6 MAN F . 18.84 50.55 -38.27
C1 MAN F . 22.06 53.27 -39.48
C2 MAN F . 22.82 51.97 -39.28
C3 MAN F . 24.01 52.40 -38.45
C4 MAN F . 24.69 53.61 -39.09
C5 MAN F . 24.03 54.35 -40.29
C6 MAN F . 24.67 54.09 -41.65
O2 MAN F . 23.27 51.40 -40.50
O3 MAN F . 24.91 51.36 -38.20
O4 MAN F . 24.71 54.53 -38.02
O5 MAN F . 22.66 54.11 -40.44
O6 MAN F . 24.10 52.93 -42.23
C1 NAG G . 16.76 -34.74 -53.89
C2 NAG G . 15.82 -33.62 -54.36
C3 NAG G . 16.00 -33.14 -55.83
C4 NAG G . 16.61 -34.15 -56.81
C5 NAG G . 17.04 -35.46 -56.14
C6 NAG G . 17.96 -36.30 -57.03
C7 NAG G . 13.68 -33.57 -53.11
C8 NAG G . 13.43 -34.54 -51.99
N2 NAG G . 14.44 -34.02 -54.13
O3 NAG G . 16.77 -31.95 -55.86
O4 NAG G . 15.70 -34.40 -57.87
O5 NAG G . 17.66 -35.17 -54.90
O6 NAG G . 19.29 -35.82 -56.97
O7 NAG G . 13.19 -32.44 -53.07
C1 NAG H . 27.82 39.37 -21.59
C2 NAG H . 28.95 39.59 -22.59
C3 NAG H . 28.53 39.53 -24.08
C4 NAG H . 27.12 38.94 -24.39
C5 NAG H . 26.20 38.79 -23.18
C6 NAG H . 25.06 37.82 -23.45
C7 NAG H . 30.88 41.15 -22.58
C8 NAG H . 31.13 42.39 -23.41
N2 NAG H . 29.60 40.87 -22.29
O3 NAG H . 29.52 38.84 -24.82
O4 NAG H . 26.48 39.71 -25.39
O5 NAG H . 26.94 38.35 -22.07
O6 NAG H . 23.92 38.19 -22.71
O7 NAG H . 31.83 40.48 -22.19
#